data_2EJ4
#
_entry.id   2EJ4
#
loop_
_entity.id
_entity.type
_entity.pdbx_description
1 polymer 'Zinc finger protein ZIC 3'
2 non-polymer 'ZINC ION'
#
_entity_poly.entity_id   1
_entity_poly.type   'polypeptide(L)'
_entity_poly.pdbx_seq_one_letter_code
;GSSGSSGQPIKQELSCKWIDEAQLSRPKKSCDRTFSTMHELVTHVTMEHVGGPEQNNHVCYWEECPREGKSFKAKYKLVN
HIRVHTGEKSGPSSG
;
_entity_poly.pdbx_strand_id   A
#
loop_
_chem_comp.id
_chem_comp.type
_chem_comp.name
_chem_comp.formula
ZN non-polymer 'ZINC ION' 'Zn 2'
#
# COMPACT_ATOMS: atom_id res chain seq x y z
N GLY A 1 -20.85 36.51 -6.86
CA GLY A 1 -20.36 37.70 -7.51
C GLY A 1 -19.05 37.47 -8.23
N SER A 2 -18.46 36.29 -8.01
CA SER A 2 -17.18 35.95 -8.64
C SER A 2 -17.39 35.57 -10.10
N SER A 3 -16.41 35.90 -10.94
CA SER A 3 -16.48 35.61 -12.36
C SER A 3 -15.17 34.99 -12.85
N GLY A 4 -15.27 33.83 -13.48
CA GLY A 4 -14.09 33.15 -13.99
C GLY A 4 -14.19 31.64 -13.88
N SER A 5 -13.76 30.95 -14.92
CA SER A 5 -13.80 29.49 -14.94
C SER A 5 -12.70 28.90 -14.08
N SER A 6 -13.00 27.79 -13.42
CA SER A 6 -12.04 27.12 -12.55
C SER A 6 -11.30 26.01 -13.30
N GLY A 7 -10.21 25.53 -12.71
CA GLY A 7 -9.44 24.47 -13.33
C GLY A 7 -8.48 23.81 -12.36
N GLN A 8 -9.01 22.92 -11.51
CA GLN A 8 -8.19 22.23 -10.54
C GLN A 8 -6.93 21.65 -11.19
N PRO A 9 -5.82 21.62 -10.43
CA PRO A 9 -4.54 21.09 -10.92
C PRO A 9 -4.57 19.58 -11.10
N ILE A 10 -3.88 19.09 -12.12
CA ILE A 10 -3.82 17.67 -12.40
C ILE A 10 -3.65 16.86 -11.12
N LYS A 11 -3.99 15.58 -11.19
CA LYS A 11 -3.87 14.69 -10.03
C LYS A 11 -2.68 13.75 -10.19
N GLN A 12 -2.13 13.30 -9.06
CA GLN A 12 -1.00 12.39 -9.07
C GLN A 12 -1.45 10.94 -8.96
N GLU A 13 -0.56 10.02 -9.29
CA GLU A 13 -0.87 8.59 -9.23
C GLU A 13 0.00 7.89 -8.20
N LEU A 14 -0.52 7.72 -6.99
CA LEU A 14 0.21 7.06 -5.92
C LEU A 14 0.67 5.67 -6.34
N SER A 15 -0.22 4.94 -7.01
CA SER A 15 0.08 3.60 -7.47
C SER A 15 0.40 2.67 -6.29
N CYS A 16 0.26 1.37 -6.52
CA CYS A 16 0.53 0.38 -5.47
C CYS A 16 1.60 -0.61 -5.93
N LYS A 17 2.85 -0.33 -5.60
CA LYS A 17 3.96 -1.21 -5.98
C LYS A 17 4.04 -2.42 -5.05
N TRP A 18 2.94 -3.15 -4.95
CA TRP A 18 2.88 -4.34 -4.09
C TRP A 18 3.14 -5.61 -4.90
N ILE A 19 4.40 -6.00 -4.99
CA ILE A 19 4.77 -7.20 -5.73
C ILE A 19 4.51 -8.46 -4.91
N ASP A 20 3.32 -9.03 -5.09
CA ASP A 20 2.95 -10.24 -4.37
C ASP A 20 3.97 -11.34 -4.58
N GLU A 21 3.75 -12.50 -3.95
CA GLU A 21 4.66 -13.62 -4.07
C GLU A 21 3.91 -14.88 -4.51
N ALA A 22 4.45 -15.54 -5.54
CA ALA A 22 3.83 -16.76 -6.06
C ALA A 22 2.54 -16.44 -6.81
N GLN A 23 2.19 -15.15 -6.85
CA GLN A 23 0.97 -14.73 -7.53
C GLN A 23 0.72 -15.56 -8.78
N LEU A 24 -0.55 -15.86 -9.04
CA LEU A 24 -0.92 -16.66 -10.20
C LEU A 24 -0.06 -16.30 -11.41
N SER A 25 0.10 -15.00 -11.65
CA SER A 25 0.90 -14.53 -12.78
C SER A 25 2.37 -14.45 -12.40
N ARG A 26 3.24 -14.47 -13.41
CA ARG A 26 4.68 -14.41 -13.19
C ARG A 26 5.39 -13.83 -14.40
N PRO A 27 6.63 -13.36 -14.19
CA PRO A 27 7.29 -13.41 -12.88
C PRO A 27 6.65 -12.44 -11.89
N LYS A 28 6.97 -12.63 -10.61
CA LYS A 28 6.43 -11.77 -9.56
C LYS A 28 6.37 -10.31 -10.02
N LYS A 29 5.22 -9.92 -10.56
CA LYS A 29 5.03 -8.56 -11.03
C LYS A 29 4.37 -7.69 -9.96
N SER A 30 4.41 -6.38 -10.17
CA SER A 30 3.82 -5.44 -9.23
C SER A 30 2.30 -5.58 -9.20
N CYS A 31 1.71 -5.39 -8.02
CA CYS A 31 0.27 -5.49 -7.85
C CYS A 31 -0.47 -4.79 -9.00
N ASP A 32 -0.06 -3.56 -9.28
CA ASP A 32 -0.67 -2.78 -10.35
C ASP A 32 -1.95 -2.10 -9.87
N ARG A 33 -1.95 -0.77 -9.88
CA ARG A 33 -3.11 -0.01 -9.44
C ARG A 33 -2.88 1.49 -9.65
N THR A 34 -3.92 2.28 -9.42
CA THR A 34 -3.84 3.73 -9.57
C THR A 34 -4.81 4.44 -8.63
N PHE A 35 -4.25 5.20 -7.69
CA PHE A 35 -5.07 5.93 -6.74
C PHE A 35 -4.80 7.43 -6.82
N SER A 36 -5.69 8.23 -6.24
CA SER A 36 -5.54 9.68 -6.26
C SER A 36 -5.36 10.22 -4.85
N THR A 37 -5.98 9.55 -3.88
CA THR A 37 -5.89 9.97 -2.48
C THR A 37 -4.93 9.08 -1.70
N MET A 38 -4.14 9.69 -0.82
CA MET A 38 -3.18 8.96 -0.01
C MET A 38 -3.89 7.96 0.90
N HIS A 39 -5.15 8.25 1.22
CA HIS A 39 -5.93 7.37 2.08
C HIS A 39 -6.20 6.04 1.40
N GLU A 40 -6.55 6.09 0.12
CA GLU A 40 -6.83 4.89 -0.66
C GLU A 40 -5.66 3.91 -0.61
N LEU A 41 -4.52 4.34 -1.15
CA LEU A 41 -3.33 3.51 -1.17
C LEU A 41 -3.12 2.81 0.16
N VAL A 42 -3.00 3.59 1.23
CA VAL A 42 -2.80 3.04 2.57
C VAL A 42 -3.93 2.08 2.93
N THR A 43 -5.14 2.40 2.48
CA THR A 43 -6.30 1.56 2.76
C THR A 43 -6.37 0.38 1.80
N HIS A 44 -5.63 0.47 0.71
CA HIS A 44 -5.61 -0.59 -0.29
C HIS A 44 -4.75 -1.77 0.18
N VAL A 45 -3.45 -1.54 0.29
CA VAL A 45 -2.53 -2.58 0.74
C VAL A 45 -2.95 -3.14 2.08
N THR A 46 -3.86 -2.45 2.76
CA THR A 46 -4.35 -2.89 4.06
C THR A 46 -5.23 -4.12 3.92
N MET A 47 -6.36 -3.97 3.25
CA MET A 47 -7.29 -5.07 3.05
C MET A 47 -7.02 -5.79 1.73
N GLU A 48 -6.83 -5.02 0.67
CA GLU A 48 -6.55 -5.58 -0.65
C GLU A 48 -5.39 -6.58 -0.59
N HIS A 49 -4.38 -6.24 0.21
CA HIS A 49 -3.22 -7.12 0.36
C HIS A 49 -3.16 -7.71 1.76
N VAL A 50 -2.69 -6.93 2.72
CA VAL A 50 -2.59 -7.39 4.11
C VAL A 50 -3.86 -8.11 4.54
N GLY A 51 -5.00 -7.70 3.97
CA GLY A 51 -6.27 -8.31 4.31
C GLY A 51 -6.61 -8.15 5.78
N GLY A 52 -7.82 -8.53 6.14
CA GLY A 52 -8.26 -8.42 7.52
C GLY A 52 -7.69 -9.53 8.40
N PRO A 53 -8.30 -9.72 9.58
CA PRO A 53 -7.87 -10.74 10.53
C PRO A 53 -8.18 -12.16 10.03
N GLU A 54 -8.78 -12.25 8.86
CA GLU A 54 -9.13 -13.53 8.27
C GLU A 54 -8.18 -13.89 7.13
N GLN A 55 -6.95 -13.39 7.21
CA GLN A 55 -5.95 -13.65 6.18
C GLN A 55 -4.93 -14.67 6.67
N ASN A 56 -4.28 -15.34 5.72
CA ASN A 56 -3.27 -16.34 6.06
C ASN A 56 -1.87 -15.86 5.64
N ASN A 57 -1.04 -15.53 6.63
CA ASN A 57 0.31 -15.06 6.36
C ASN A 57 0.30 -13.60 5.91
N HIS A 58 0.86 -12.73 6.74
CA HIS A 58 0.92 -11.31 6.43
C HIS A 58 2.36 -10.86 6.24
N VAL A 59 2.72 -10.53 5.01
CA VAL A 59 4.07 -10.08 4.69
C VAL A 59 4.05 -8.77 3.91
N CYS A 60 5.08 -7.95 4.12
CA CYS A 60 5.17 -6.66 3.43
C CYS A 60 5.85 -6.82 2.07
N TYR A 61 5.04 -6.85 1.03
CA TYR A 61 5.55 -6.99 -0.34
C TYR A 61 5.68 -5.64 -1.02
N TRP A 62 6.87 -5.35 -1.54
CA TRP A 62 7.12 -4.09 -2.22
C TRP A 62 8.34 -4.18 -3.12
N GLU A 63 8.45 -3.25 -4.07
CA GLU A 63 9.58 -3.24 -5.00
C GLU A 63 10.86 -2.80 -4.30
N GLU A 64 10.73 -1.81 -3.42
CA GLU A 64 11.87 -1.31 -2.67
C GLU A 64 11.62 -1.35 -1.17
N CYS A 65 11.52 -2.55 -0.62
CA CYS A 65 11.26 -2.73 0.80
C CYS A 65 12.50 -3.27 1.51
N PRO A 66 12.73 -2.80 2.75
CA PRO A 66 13.88 -3.23 3.55
C PRO A 66 13.77 -4.68 4.00
N ARG A 67 12.56 -5.07 4.43
CA ARG A 67 12.32 -6.44 4.89
C ARG A 67 12.33 -7.42 3.73
N GLU A 68 12.23 -6.87 2.51
CA GLU A 68 12.23 -7.70 1.31
C GLU A 68 11.52 -9.03 1.56
N GLY A 69 10.51 -8.99 2.42
CA GLY A 69 9.76 -10.20 2.74
C GLY A 69 9.59 -10.41 4.24
N LYS A 70 10.69 -10.27 4.98
CA LYS A 70 10.65 -10.45 6.43
C LYS A 70 9.34 -9.93 7.01
N SER A 71 8.49 -10.86 7.43
CA SER A 71 7.20 -10.50 8.00
C SER A 71 7.37 -9.88 9.39
N PHE A 72 6.31 -9.94 10.19
CA PHE A 72 6.34 -9.40 11.54
C PHE A 72 5.79 -10.39 12.55
N LYS A 73 5.65 -9.95 13.79
CA LYS A 73 5.13 -10.81 14.85
C LYS A 73 3.66 -10.50 15.13
N ALA A 74 3.16 -9.41 14.56
CA ALA A 74 1.78 -9.02 14.72
C ALA A 74 1.18 -8.51 13.42
N LYS A 75 -0.13 -8.71 13.25
CA LYS A 75 -0.81 -8.27 12.03
C LYS A 75 -0.64 -6.78 11.82
N TYR A 76 -1.05 -5.98 12.82
CA TYR A 76 -0.94 -4.54 12.73
C TYR A 76 0.49 -4.12 12.40
N LYS A 77 1.45 -4.66 13.15
CA LYS A 77 2.86 -4.35 12.94
C LYS A 77 3.18 -4.29 11.45
N LEU A 78 2.42 -5.03 10.66
CA LEU A 78 2.63 -5.06 9.21
C LEU A 78 2.20 -3.74 8.57
N VAL A 79 0.89 -3.47 8.60
CA VAL A 79 0.35 -2.24 8.03
C VAL A 79 1.14 -1.03 8.49
N ASN A 80 1.74 -1.14 9.68
CA ASN A 80 2.52 -0.04 10.24
C ASN A 80 3.76 0.23 9.40
N HIS A 81 4.49 -0.84 9.07
CA HIS A 81 5.71 -0.72 8.27
C HIS A 81 5.37 -0.36 6.83
N ILE A 82 4.21 -0.82 6.36
CA ILE A 82 3.78 -0.55 5.00
C ILE A 82 3.71 0.95 4.73
N ARG A 83 3.22 1.70 5.71
CA ARG A 83 3.10 3.15 5.58
C ARG A 83 4.40 3.75 5.03
N VAL A 84 5.53 3.36 5.62
CA VAL A 84 6.83 3.85 5.18
C VAL A 84 6.97 3.77 3.67
N HIS A 85 6.28 2.80 3.07
CA HIS A 85 6.34 2.60 1.63
C HIS A 85 5.29 3.45 0.93
N THR A 86 4.04 3.32 1.36
CA THR A 86 2.94 4.07 0.77
C THR A 86 3.27 5.55 0.68
N GLY A 87 4.10 6.03 1.60
CA GLY A 87 4.48 7.43 1.60
C GLY A 87 3.60 8.28 2.48
N GLU A 88 2.68 7.64 3.19
CA GLU A 88 1.76 8.34 4.07
C GLU A 88 2.43 8.68 5.40
N LYS A 89 1.62 8.88 6.42
CA LYS A 89 2.14 9.21 7.75
C LYS A 89 2.58 7.95 8.49
N SER A 90 2.96 8.12 9.75
CA SER A 90 3.41 7.00 10.57
C SER A 90 2.23 6.27 11.19
N GLY A 91 2.52 5.24 11.99
CA GLY A 91 1.47 4.48 12.64
C GLY A 91 1.24 4.90 14.07
N PRO A 92 -0.01 4.81 14.53
CA PRO A 92 -0.39 5.19 15.90
C PRO A 92 0.17 4.23 16.93
N SER A 93 0.62 4.77 18.07
CA SER A 93 1.18 3.95 19.13
C SER A 93 2.02 2.81 18.57
N SER A 94 3.25 3.14 18.16
CA SER A 94 4.14 2.14 17.59
C SER A 94 4.82 1.33 18.69
N GLY A 95 4.74 0.00 18.58
CA GLY A 95 5.35 -0.86 19.56
C GLY A 95 6.67 -1.44 19.11
ZN ZN B . -2.09 -3.43 -4.28
ZN ZN C . 8.39 -3.28 3.78
N GLY A 1 -21.83 23.77 -15.04
CA GLY A 1 -21.81 24.71 -16.13
C GLY A 1 -20.40 25.10 -16.53
N SER A 2 -19.41 24.49 -15.89
CA SER A 2 -18.01 24.78 -16.18
C SER A 2 -17.30 23.55 -16.74
N SER A 3 -15.99 23.66 -16.91
CA SER A 3 -15.20 22.55 -17.44
C SER A 3 -14.72 21.63 -16.31
N GLY A 4 -14.23 20.46 -16.68
CA GLY A 4 -13.74 19.51 -15.70
C GLY A 4 -12.23 19.46 -15.64
N SER A 5 -11.57 19.94 -16.69
CA SER A 5 -10.12 19.93 -16.76
C SER A 5 -9.61 21.14 -17.55
N SER A 6 -9.15 22.15 -16.83
CA SER A 6 -8.64 23.37 -17.47
C SER A 6 -7.84 24.21 -16.47
N GLY A 7 -6.58 24.45 -16.78
CA GLY A 7 -5.74 25.24 -15.89
C GLY A 7 -4.60 24.43 -15.30
N GLN A 8 -4.56 24.36 -13.97
CA GLN A 8 -3.52 23.62 -13.28
C GLN A 8 -3.58 22.13 -13.63
N PRO A 9 -2.42 21.47 -13.64
CA PRO A 9 -2.31 20.05 -13.96
C PRO A 9 -2.90 19.17 -12.86
N ILE A 10 -3.76 18.24 -13.26
CA ILE A 10 -4.39 17.32 -12.31
C ILE A 10 -3.37 16.77 -11.31
N LYS A 11 -3.86 16.34 -10.15
CA LYS A 11 -2.99 15.79 -9.11
C LYS A 11 -2.26 14.54 -9.62
N GLN A 12 -1.27 14.10 -8.87
CA GLN A 12 -0.49 12.92 -9.24
C GLN A 12 -1.29 11.64 -8.98
N GLU A 13 -0.76 10.52 -9.46
CA GLU A 13 -1.43 9.23 -9.28
C GLU A 13 -0.56 8.27 -8.48
N LEU A 14 -1.05 7.87 -7.31
CA LEU A 14 -0.31 6.96 -6.45
C LEU A 14 -0.44 5.52 -6.93
N SER A 15 0.68 4.81 -6.97
CA SER A 15 0.69 3.42 -7.42
C SER A 15 1.08 2.48 -6.28
N CYS A 16 0.47 1.29 -6.26
CA CYS A 16 0.76 0.31 -5.23
C CYS A 16 1.76 -0.73 -5.72
N LYS A 17 3.04 -0.48 -5.47
CA LYS A 17 4.10 -1.38 -5.89
C LYS A 17 4.18 -2.58 -4.96
N TRP A 18 3.08 -3.32 -4.85
CA TRP A 18 3.04 -4.50 -3.99
C TRP A 18 3.23 -5.78 -4.80
N ILE A 19 4.45 -6.29 -4.79
CA ILE A 19 4.77 -7.52 -5.53
C ILE A 19 4.57 -8.75 -4.66
N ASP A 20 3.33 -9.26 -4.65
CA ASP A 20 3.01 -10.43 -3.86
C ASP A 20 3.84 -11.64 -4.31
N GLU A 21 3.34 -12.83 -4.03
CA GLU A 21 4.03 -14.06 -4.40
C GLU A 21 3.05 -15.14 -4.82
N ALA A 22 2.09 -15.44 -3.95
CA ALA A 22 1.08 -16.46 -4.22
C ALA A 22 0.02 -15.92 -5.18
N GLN A 23 0.22 -14.70 -5.65
CA GLN A 23 -0.73 -14.08 -6.57
C GLN A 23 -1.00 -14.98 -7.77
N LEU A 24 -2.18 -14.83 -8.36
CA LEU A 24 -2.56 -15.63 -9.51
C LEU A 24 -1.83 -15.16 -10.77
N SER A 25 -1.64 -13.86 -10.88
CA SER A 25 -0.95 -13.28 -12.02
C SER A 25 0.57 -13.44 -11.89
N ARG A 26 1.13 -14.32 -12.71
CA ARG A 26 2.57 -14.56 -12.68
C ARG A 26 3.21 -14.18 -14.01
N PRO A 27 4.54 -14.00 -14.00
CA PRO A 27 5.35 -14.15 -12.79
C PRO A 27 5.09 -13.05 -11.78
N LYS A 28 5.57 -13.24 -10.55
CA LYS A 28 5.40 -12.25 -9.49
C LYS A 28 5.59 -10.84 -10.03
N LYS A 29 4.49 -10.16 -10.31
CA LYS A 29 4.53 -8.80 -10.82
C LYS A 29 3.91 -7.82 -9.83
N SER A 30 4.30 -6.55 -9.93
CA SER A 30 3.78 -5.52 -9.04
C SER A 30 2.26 -5.38 -9.19
N CYS A 31 1.55 -5.55 -8.09
CA CYS A 31 0.10 -5.44 -8.09
C CYS A 31 -0.36 -4.28 -8.97
N ASP A 32 0.38 -3.17 -8.90
CA ASP A 32 0.04 -1.98 -9.68
C ASP A 32 -1.34 -1.46 -9.32
N ARG A 33 -1.53 -0.15 -9.49
CA ARG A 33 -2.80 0.48 -9.17
C ARG A 33 -2.71 2.00 -9.31
N THR A 34 -3.84 2.68 -9.17
CA THR A 34 -3.89 4.13 -9.28
C THR A 34 -4.89 4.73 -8.31
N PHE A 35 -4.39 5.50 -7.34
CA PHE A 35 -5.24 6.13 -6.35
C PHE A 35 -5.06 7.65 -6.36
N SER A 36 -6.16 8.37 -6.22
CA SER A 36 -6.13 9.82 -6.22
C SER A 36 -5.86 10.36 -4.82
N THR A 37 -6.32 9.63 -3.81
CA THR A 37 -6.13 10.03 -2.42
C THR A 37 -5.14 9.11 -1.71
N MET A 38 -4.32 9.69 -0.86
CA MET A 38 -3.32 8.92 -0.11
C MET A 38 -4.00 7.89 0.80
N HIS A 39 -5.22 8.20 1.22
CA HIS A 39 -5.97 7.30 2.09
C HIS A 39 -6.26 5.97 1.39
N GLU A 40 -6.55 6.04 0.10
CA GLU A 40 -6.84 4.85 -0.69
C GLU A 40 -5.69 3.85 -0.61
N LEU A 41 -4.55 4.22 -1.19
CA LEU A 41 -3.38 3.36 -1.17
C LEU A 41 -3.21 2.67 0.18
N VAL A 42 -3.12 3.47 1.23
CA VAL A 42 -2.97 2.93 2.58
C VAL A 42 -4.09 1.97 2.92
N THR A 43 -5.30 2.29 2.48
CA THR A 43 -6.46 1.45 2.73
C THR A 43 -6.52 0.27 1.77
N HIS A 44 -5.70 0.33 0.72
CA HIS A 44 -5.64 -0.73 -0.27
C HIS A 44 -4.76 -1.88 0.20
N VAL A 45 -3.47 -1.62 0.33
CA VAL A 45 -2.52 -2.64 0.78
C VAL A 45 -2.93 -3.22 2.12
N THR A 46 -3.86 -2.55 2.78
CA THR A 46 -4.35 -3.00 4.08
C THR A 46 -5.20 -4.26 3.95
N MET A 47 -6.32 -4.14 3.25
CA MET A 47 -7.22 -5.27 3.05
C MET A 47 -6.90 -5.98 1.75
N GLU A 48 -6.74 -5.21 0.68
CA GLU A 48 -6.43 -5.76 -0.64
C GLU A 48 -5.25 -6.72 -0.57
N HIS A 49 -4.26 -6.38 0.25
CA HIS A 49 -3.07 -7.21 0.41
C HIS A 49 -3.02 -7.80 1.82
N VAL A 50 -2.55 -7.00 2.78
CA VAL A 50 -2.44 -7.44 4.15
C VAL A 50 -3.69 -8.22 4.59
N GLY A 51 -4.82 -7.91 3.95
CA GLY A 51 -6.06 -8.59 4.28
C GLY A 51 -6.78 -7.93 5.44
N GLY A 52 -6.08 -7.72 6.55
CA GLY A 52 -6.67 -7.11 7.71
C GLY A 52 -6.39 -7.88 8.98
N PRO A 53 -7.20 -7.65 10.02
CA PRO A 53 -7.05 -8.32 11.32
C PRO A 53 -7.40 -9.79 11.25
N GLU A 54 -7.88 -10.24 10.09
CA GLU A 54 -8.24 -11.63 9.90
C GLU A 54 -7.44 -12.26 8.75
N GLN A 55 -6.12 -12.26 8.89
CA GLN A 55 -5.24 -12.82 7.87
C GLN A 55 -4.27 -13.82 8.48
N ASN A 56 -3.74 -14.71 7.64
CA ASN A 56 -2.80 -15.72 8.09
C ASN A 56 -1.42 -15.47 7.49
N ASN A 57 -0.47 -15.05 8.33
CA ASN A 57 0.89 -14.79 7.87
C ASN A 57 0.99 -13.41 7.22
N HIS A 58 1.41 -12.42 7.99
CA HIS A 58 1.54 -11.05 7.48
C HIS A 58 2.95 -10.81 6.94
N VAL A 59 3.04 -10.55 5.64
CA VAL A 59 4.32 -10.30 5.00
C VAL A 59 4.29 -9.03 4.15
N CYS A 60 5.39 -8.31 4.12
CA CYS A 60 5.48 -7.07 3.35
C CYS A 60 6.08 -7.34 1.97
N TYR A 61 5.28 -7.08 0.93
CA TYR A 61 5.72 -7.29 -0.44
C TYR A 61 5.84 -5.96 -1.19
N TRP A 62 7.06 -5.58 -1.52
CA TRP A 62 7.30 -4.34 -2.24
C TRP A 62 8.44 -4.50 -3.24
N GLU A 63 8.58 -3.51 -4.12
CA GLU A 63 9.63 -3.55 -5.14
C GLU A 63 10.97 -3.10 -4.55
N GLU A 64 10.90 -2.19 -3.59
CA GLU A 64 12.12 -1.68 -2.94
C GLU A 64 11.92 -1.59 -1.43
N CYS A 65 11.67 -2.73 -0.81
CA CYS A 65 11.47 -2.78 0.63
C CYS A 65 12.67 -3.42 1.33
N PRO A 66 13.00 -2.90 2.52
CA PRO A 66 14.13 -3.41 3.32
C PRO A 66 13.88 -4.80 3.87
N ARG A 67 12.66 -5.02 4.38
CA ARG A 67 12.29 -6.31 4.95
C ARG A 67 12.13 -7.35 3.85
N GLU A 68 12.04 -6.89 2.60
CA GLU A 68 11.88 -7.79 1.47
C GLU A 68 10.93 -8.94 1.81
N GLY A 69 10.03 -8.69 2.76
CA GLY A 69 9.08 -9.71 3.16
C GLY A 69 9.60 -10.56 4.31
N LYS A 70 10.31 -9.94 5.23
CA LYS A 70 10.87 -10.64 6.38
C LYS A 70 9.75 -11.14 7.29
N SER A 71 8.52 -10.78 6.97
CA SER A 71 7.36 -11.21 7.76
C SER A 71 7.19 -10.30 8.97
N PHE A 72 5.97 -10.25 9.49
CA PHE A 72 5.67 -9.42 10.66
C PHE A 72 4.92 -10.23 11.71
N LYS A 73 4.08 -11.15 11.26
CA LYS A 73 3.31 -11.99 12.17
C LYS A 73 2.06 -11.27 12.66
N ALA A 74 2.20 -9.98 12.93
CA ALA A 74 1.09 -9.16 13.40
C ALA A 74 0.62 -8.20 12.33
N LYS A 75 -0.67 -8.27 11.99
CA LYS A 75 -1.24 -7.39 10.98
C LYS A 75 -0.84 -5.95 11.21
N TYR A 76 -1.30 -5.37 12.31
CA TYR A 76 -0.98 -3.99 12.65
C TYR A 76 0.51 -3.72 12.49
N LYS A 77 1.32 -4.74 12.74
CA LYS A 77 2.77 -4.62 12.62
C LYS A 77 3.19 -4.51 11.16
N LEU A 78 2.46 -5.20 10.29
CA LEU A 78 2.76 -5.19 8.86
C LEU A 78 2.23 -3.92 8.21
N VAL A 79 1.02 -3.52 8.60
CA VAL A 79 0.41 -2.31 8.06
C VAL A 79 1.13 -1.06 8.52
N ASN A 80 1.70 -1.12 9.72
CA ASN A 80 2.43 0.01 10.28
C ASN A 80 3.68 0.32 9.46
N HIS A 81 4.39 -0.73 9.05
CA HIS A 81 5.60 -0.58 8.26
C HIS A 81 5.26 -0.19 6.83
N ILE A 82 4.13 -0.71 6.34
CA ILE A 82 3.69 -0.42 4.97
C ILE A 82 3.64 1.07 4.72
N ARG A 83 3.21 1.83 5.72
CA ARG A 83 3.10 3.28 5.60
C ARG A 83 4.40 3.87 5.06
N VAL A 84 5.52 3.47 5.66
CA VAL A 84 6.83 3.96 5.25
C VAL A 84 6.97 3.93 3.73
N HIS A 85 6.39 2.91 3.11
CA HIS A 85 6.45 2.75 1.65
C HIS A 85 5.51 3.74 0.97
N THR A 86 4.24 3.68 1.32
CA THR A 86 3.23 4.56 0.74
C THR A 86 3.71 6.02 0.74
N GLY A 87 4.51 6.37 1.76
CA GLY A 87 5.02 7.72 1.85
C GLY A 87 4.23 8.56 2.83
N GLU A 88 3.22 7.95 3.46
CA GLU A 88 2.38 8.66 4.42
C GLU A 88 3.06 8.75 5.79
N LYS A 89 2.26 8.87 6.83
CA LYS A 89 2.78 8.95 8.19
C LYS A 89 3.76 7.82 8.47
N SER A 90 4.93 8.16 8.99
CA SER A 90 5.95 7.17 9.31
C SER A 90 5.68 6.51 10.66
N GLY A 91 4.42 6.13 10.88
CA GLY A 91 4.06 5.50 12.13
C GLY A 91 5.13 4.58 12.66
N PRO A 92 5.22 4.45 13.98
CA PRO A 92 6.20 3.59 14.64
C PRO A 92 5.92 2.11 14.41
N SER A 93 6.99 1.31 14.40
CA SER A 93 6.85 -0.13 14.19
C SER A 93 6.26 -0.80 15.42
N SER A 94 6.83 -0.51 16.59
CA SER A 94 6.36 -1.09 17.84
C SER A 94 5.44 -0.12 18.58
N GLY A 95 4.17 -0.47 18.66
CA GLY A 95 3.21 0.39 19.35
C GLY A 95 2.55 1.37 18.41
ZN ZN B . -1.98 -3.46 -4.36
ZN ZN C . 8.33 -3.24 3.67
N GLY A 1 -28.53 28.05 -20.30
CA GLY A 1 -28.46 26.62 -20.06
C GLY A 1 -27.04 26.09 -20.12
N SER A 2 -26.16 26.64 -19.30
CA SER A 2 -24.76 26.21 -19.28
C SER A 2 -24.52 25.17 -18.19
N SER A 3 -25.25 25.31 -17.09
CA SER A 3 -25.12 24.39 -15.97
C SER A 3 -25.59 22.99 -16.36
N GLY A 4 -24.64 22.09 -16.55
CA GLY A 4 -24.97 20.72 -16.92
C GLY A 4 -24.23 19.69 -16.11
N SER A 5 -22.95 19.51 -16.42
CA SER A 5 -22.12 18.55 -15.70
C SER A 5 -20.77 19.15 -15.33
N SER A 6 -20.10 18.54 -14.36
CA SER A 6 -18.80 19.03 -13.90
C SER A 6 -17.71 17.98 -14.14
N GLY A 7 -16.52 18.27 -13.66
CA GLY A 7 -15.40 17.35 -13.82
C GLY A 7 -14.06 18.01 -13.61
N GLN A 8 -13.29 17.50 -12.66
CA GLN A 8 -11.97 18.05 -12.36
C GLN A 8 -10.88 17.23 -13.05
N PRO A 9 -9.76 17.91 -13.37
CA PRO A 9 -8.61 17.26 -14.03
C PRO A 9 -7.88 16.29 -13.11
N ILE A 10 -7.69 15.06 -13.58
CA ILE A 10 -7.00 14.05 -12.79
C ILE A 10 -5.72 14.59 -12.18
N LYS A 11 -5.29 13.98 -11.08
CA LYS A 11 -4.08 14.41 -10.40
C LYS A 11 -2.99 13.34 -10.50
N GLN A 12 -1.93 13.49 -9.70
CA GLN A 12 -0.84 12.55 -9.71
C GLN A 12 -1.33 11.13 -9.40
N GLU A 13 -0.44 10.16 -9.55
CA GLU A 13 -0.79 8.76 -9.30
C GLU A 13 0.21 8.13 -8.32
N LEU A 14 -0.32 7.53 -7.25
CA LEU A 14 0.53 6.89 -6.25
C LEU A 14 0.94 5.50 -6.70
N SER A 15 -0.04 4.71 -7.15
CA SER A 15 0.23 3.34 -7.60
C SER A 15 0.73 2.47 -6.46
N CYS A 16 0.09 1.31 -6.29
CA CYS A 16 0.47 0.38 -5.23
C CYS A 16 1.52 -0.60 -5.72
N LYS A 17 2.79 -0.30 -5.46
CA LYS A 17 3.89 -1.17 -5.87
C LYS A 17 3.99 -2.39 -4.96
N TRP A 18 2.90 -3.15 -4.88
CA TRP A 18 2.86 -4.35 -4.06
C TRP A 18 3.14 -5.59 -4.89
N ILE A 19 4.40 -6.02 -4.93
CA ILE A 19 4.78 -7.20 -5.69
C ILE A 19 4.66 -8.46 -4.84
N ASP A 20 3.51 -9.11 -4.92
CA ASP A 20 3.28 -10.34 -4.17
C ASP A 20 4.33 -11.40 -4.50
N GLU A 21 4.24 -12.54 -3.83
CA GLU A 21 5.18 -13.63 -4.05
C GLU A 21 4.46 -14.94 -4.34
N ALA A 22 4.83 -15.59 -5.44
CA ALA A 22 4.21 -16.85 -5.83
C ALA A 22 2.80 -16.63 -6.34
N GLN A 23 2.38 -15.37 -6.40
CA GLN A 23 1.05 -15.03 -6.87
C GLN A 23 0.62 -15.94 -8.01
N LEU A 24 -0.66 -16.31 -8.02
CA LEU A 24 -1.20 -17.19 -9.06
C LEU A 24 -0.54 -16.90 -10.40
N SER A 25 -0.43 -15.63 -10.76
CA SER A 25 0.19 -15.23 -12.02
C SER A 25 1.69 -15.04 -11.86
N ARG A 26 2.41 -15.09 -12.97
CA ARG A 26 3.86 -14.93 -12.95
C ARG A 26 4.36 -14.40 -14.29
N PRO A 27 5.58 -13.85 -14.29
CA PRO A 27 6.40 -13.76 -13.09
C PRO A 27 5.85 -12.75 -12.08
N LYS A 28 6.34 -12.83 -10.85
CA LYS A 28 5.89 -11.92 -9.80
C LYS A 28 5.64 -10.52 -10.34
N LYS A 29 4.39 -10.24 -10.67
CA LYS A 29 4.01 -8.93 -11.21
C LYS A 29 3.66 -7.97 -10.09
N SER A 30 3.80 -6.67 -10.36
CA SER A 30 3.49 -5.64 -9.37
C SER A 30 2.01 -5.29 -9.39
N CYS A 31 1.43 -5.16 -8.20
CA CYS A 31 0.02 -4.83 -8.09
C CYS A 31 -0.32 -3.60 -8.93
N ASP A 32 0.67 -2.73 -9.13
CA ASP A 32 0.48 -1.51 -9.91
C ASP A 32 -0.67 -0.69 -9.36
N ARG A 33 -1.88 -0.94 -9.86
CA ARG A 33 -3.06 -0.21 -9.41
C ARG A 33 -2.85 1.29 -9.54
N THR A 34 -3.91 2.06 -9.24
CA THR A 34 -3.84 3.51 -9.33
C THR A 34 -4.82 4.17 -8.36
N PHE A 35 -4.33 5.11 -7.57
CA PHE A 35 -5.17 5.81 -6.61
C PHE A 35 -5.03 7.32 -6.76
N SER A 36 -6.07 8.05 -6.36
CA SER A 36 -6.06 9.50 -6.45
C SER A 36 -5.74 10.14 -5.10
N THR A 37 -6.04 9.41 -4.03
CA THR A 37 -5.79 9.89 -2.68
C THR A 37 -4.93 8.92 -1.89
N MET A 38 -3.94 9.45 -1.18
CA MET A 38 -3.04 8.62 -0.39
C MET A 38 -3.83 7.67 0.52
N HIS A 39 -4.97 8.16 1.01
CA HIS A 39 -5.82 7.36 1.88
C HIS A 39 -6.13 6.00 1.26
N GLU A 40 -6.63 6.03 0.02
CA GLU A 40 -6.97 4.81 -0.69
C GLU A 40 -5.81 3.82 -0.67
N LEU A 41 -4.63 4.29 -1.06
CA LEU A 41 -3.44 3.45 -1.09
C LEU A 41 -3.24 2.74 0.25
N VAL A 42 -3.19 3.52 1.33
CA VAL A 42 -3.00 2.97 2.67
C VAL A 42 -4.12 1.98 3.00
N THR A 43 -5.33 2.30 2.59
CA THR A 43 -6.49 1.45 2.85
C THR A 43 -6.53 0.28 1.88
N HIS A 44 -5.79 0.39 0.79
CA HIS A 44 -5.73 -0.66 -0.22
C HIS A 44 -4.87 -1.83 0.25
N VAL A 45 -3.58 -1.58 0.39
CA VAL A 45 -2.64 -2.61 0.84
C VAL A 45 -3.08 -3.20 2.18
N THR A 46 -4.00 -2.52 2.84
CA THR A 46 -4.50 -2.97 4.13
C THR A 46 -5.35 -4.23 3.99
N MET A 47 -6.47 -4.10 3.29
CA MET A 47 -7.36 -5.22 3.08
C MET A 47 -7.04 -5.94 1.78
N GLU A 48 -6.83 -5.17 0.71
CA GLU A 48 -6.52 -5.74 -0.60
C GLU A 48 -5.35 -6.72 -0.50
N HIS A 49 -4.36 -6.36 0.32
CA HIS A 49 -3.19 -7.21 0.51
C HIS A 49 -3.14 -7.77 1.93
N VAL A 50 -2.71 -6.94 2.87
CA VAL A 50 -2.61 -7.36 4.26
C VAL A 50 -3.86 -8.10 4.70
N GLY A 51 -4.99 -7.77 4.08
CA GLY A 51 -6.25 -8.41 4.42
C GLY A 51 -6.60 -8.26 5.89
N GLY A 52 -7.85 -8.54 6.23
CA GLY A 52 -8.29 -8.42 7.60
C GLY A 52 -7.51 -9.33 8.54
N PRO A 53 -7.96 -9.40 9.80
CA PRO A 53 -7.32 -10.23 10.81
C PRO A 53 -7.50 -11.73 10.56
N GLU A 54 -8.27 -12.04 9.52
CA GLU A 54 -8.53 -13.43 9.16
C GLU A 54 -7.58 -13.90 8.07
N GLN A 55 -6.52 -13.14 7.85
CA GLN A 55 -5.53 -13.48 6.83
C GLN A 55 -4.50 -14.47 7.37
N ASN A 56 -3.90 -15.25 6.47
CA ASN A 56 -2.90 -16.23 6.87
C ASN A 56 -1.54 -15.88 6.28
N ASN A 57 -0.63 -15.44 7.13
CA ASN A 57 0.71 -15.06 6.70
C ASN A 57 0.74 -13.65 6.13
N HIS A 58 1.01 -12.68 6.99
CA HIS A 58 1.07 -11.28 6.58
C HIS A 58 2.52 -10.84 6.34
N VAL A 59 2.82 -10.48 5.09
CA VAL A 59 4.16 -10.05 4.73
C VAL A 59 4.12 -8.73 3.96
N CYS A 60 5.17 -7.94 4.09
CA CYS A 60 5.25 -6.65 3.42
C CYS A 60 5.91 -6.80 2.05
N TYR A 61 5.09 -6.92 1.01
CA TYR A 61 5.59 -7.08 -0.35
C TYR A 61 5.67 -5.72 -1.05
N TRP A 62 6.87 -5.38 -1.51
CA TRP A 62 7.09 -4.12 -2.21
C TRP A 62 8.26 -4.22 -3.18
N GLU A 63 8.43 -3.19 -4.00
CA GLU A 63 9.52 -3.17 -4.98
C GLU A 63 10.83 -2.78 -4.32
N GLU A 64 10.78 -1.80 -3.43
CA GLU A 64 11.97 -1.32 -2.73
C GLU A 64 11.76 -1.35 -1.23
N CYS A 65 11.59 -2.54 -0.67
CA CYS A 65 11.38 -2.70 0.77
C CYS A 65 12.62 -3.29 1.44
N PRO A 66 12.90 -2.84 2.67
CA PRO A 66 14.04 -3.31 3.44
C PRO A 66 13.88 -4.75 3.90
N ARG A 67 12.69 -5.08 4.37
CA ARG A 67 12.39 -6.43 4.86
C ARG A 67 12.32 -7.41 3.69
N GLU A 68 12.21 -6.88 2.47
CA GLU A 68 12.12 -7.71 1.28
C GLU A 68 10.99 -8.72 1.40
N GLY A 69 10.02 -8.42 2.25
CA GLY A 69 8.89 -9.31 2.45
C GLY A 69 9.10 -10.25 3.62
N LYS A 70 9.33 -9.67 4.80
CA LYS A 70 9.55 -10.47 6.01
C LYS A 70 8.35 -10.37 6.94
N SER A 71 7.68 -11.51 7.15
CA SER A 71 6.51 -11.54 8.02
C SER A 71 6.82 -10.95 9.39
N PHE A 72 5.84 -10.26 9.97
CA PHE A 72 6.01 -9.63 11.27
C PHE A 72 5.50 -10.55 12.39
N LYS A 73 5.52 -10.05 13.62
CA LYS A 73 5.07 -10.82 14.76
C LYS A 73 3.61 -10.50 15.09
N ALA A 74 3.02 -9.60 14.31
CA ALA A 74 1.63 -9.21 14.52
C ALA A 74 0.97 -8.83 13.19
N LYS A 75 -0.35 -8.65 13.22
CA LYS A 75 -1.10 -8.28 12.03
C LYS A 75 -0.93 -6.80 11.71
N TYR A 76 -1.13 -5.96 12.71
CA TYR A 76 -0.99 -4.52 12.54
C TYR A 76 0.46 -4.14 12.27
N LYS A 77 1.38 -4.84 12.93
CA LYS A 77 2.80 -4.59 12.75
C LYS A 77 3.18 -4.50 11.28
N LEU A 78 2.31 -5.04 10.43
CA LEU A 78 2.55 -5.02 8.98
C LEU A 78 2.15 -3.67 8.38
N VAL A 79 0.88 -3.32 8.53
CA VAL A 79 0.37 -2.05 8.00
C VAL A 79 1.16 -0.87 8.55
N ASN A 80 1.78 -1.07 9.71
CA ASN A 80 2.57 -0.02 10.34
C ASN A 80 3.83 0.26 9.53
N HIS A 81 4.51 -0.80 9.10
CA HIS A 81 5.73 -0.67 8.31
C HIS A 81 5.41 -0.34 6.85
N ILE A 82 4.20 -0.69 6.43
CA ILE A 82 3.77 -0.44 5.06
C ILE A 82 3.72 1.05 4.77
N ARG A 83 3.31 1.83 5.77
CA ARG A 83 3.23 3.28 5.62
C ARG A 83 4.55 3.86 5.12
N VAL A 84 5.65 3.46 5.75
CA VAL A 84 6.97 3.94 5.37
C VAL A 84 7.17 3.87 3.86
N HIS A 85 6.47 2.92 3.23
CA HIS A 85 6.57 2.75 1.78
C HIS A 85 5.58 3.66 1.05
N THR A 86 4.35 3.71 1.56
CA THR A 86 3.30 4.54 0.97
C THR A 86 3.76 5.98 0.84
N GLY A 87 4.39 6.50 1.90
CA GLY A 87 4.86 7.86 1.89
C GLY A 87 4.00 8.79 2.73
N GLU A 88 3.15 8.19 3.56
CA GLU A 88 2.26 8.96 4.43
C GLU A 88 2.90 9.20 5.79
N LYS A 89 2.06 9.42 6.80
CA LYS A 89 2.55 9.65 8.16
C LYS A 89 3.19 8.39 8.72
N SER A 90 3.98 8.57 9.78
CA SER A 90 4.65 7.45 10.42
C SER A 90 5.35 7.89 11.71
N GLY A 91 5.36 7.01 12.70
CA GLY A 91 6.00 7.32 13.97
C GLY A 91 6.84 6.18 14.49
N PRO A 92 7.26 6.29 15.76
CA PRO A 92 8.10 5.27 16.41
C PRO A 92 7.32 3.99 16.67
N SER A 93 8.02 2.85 16.63
CA SER A 93 7.40 1.56 16.87
C SER A 93 6.97 1.42 18.33
N SER A 94 6.58 0.22 18.71
CA SER A 94 6.13 -0.06 20.08
C SER A 94 7.26 0.20 21.08
N GLY A 95 7.13 -0.38 22.26
CA GLY A 95 8.14 -0.21 23.28
C GLY A 95 9.04 -1.42 23.41
ZN ZN B . -2.04 -3.29 -4.09
ZN ZN C . 8.50 -3.22 3.79
N GLY A 1 -16.22 34.75 -29.40
CA GLY A 1 -17.33 34.05 -28.76
C GLY A 1 -17.17 32.54 -28.83
N SER A 2 -16.20 32.02 -28.10
CA SER A 2 -15.94 30.58 -28.10
C SER A 2 -16.23 29.99 -26.72
N SER A 3 -16.26 28.66 -26.64
CA SER A 3 -16.53 27.97 -25.39
C SER A 3 -15.52 26.84 -25.17
N GLY A 4 -14.87 26.86 -24.00
CA GLY A 4 -13.89 25.85 -23.68
C GLY A 4 -14.36 24.91 -22.60
N SER A 5 -13.90 23.66 -22.64
CA SER A 5 -14.29 22.66 -21.65
C SER A 5 -13.18 21.64 -21.45
N SER A 6 -11.96 22.01 -21.83
CA SER A 6 -10.82 21.12 -21.71
C SER A 6 -10.89 20.33 -20.40
N GLY A 7 -11.31 21.00 -19.33
CA GLY A 7 -11.42 20.34 -18.05
C GLY A 7 -10.08 20.23 -17.34
N GLN A 8 -9.75 19.03 -16.88
CA GLN A 8 -8.50 18.79 -16.19
C GLN A 8 -8.25 17.30 -15.98
N PRO A 9 -6.97 16.90 -16.06
CA PRO A 9 -6.57 15.50 -15.90
C PRO A 9 -6.74 15.01 -14.46
N ILE A 10 -7.15 13.75 -14.32
CA ILE A 10 -7.35 13.17 -13.00
C ILE A 10 -6.20 13.52 -12.06
N LYS A 11 -6.42 13.32 -10.76
CA LYS A 11 -5.40 13.61 -9.76
C LYS A 11 -4.17 12.71 -9.97
N GLN A 12 -3.12 13.00 -9.21
CA GLN A 12 -1.88 12.22 -9.31
C GLN A 12 -2.16 10.74 -9.17
N GLU A 13 -1.11 9.93 -9.34
CA GLU A 13 -1.25 8.47 -9.23
C GLU A 13 -0.22 7.90 -8.26
N LEU A 14 -0.62 7.75 -7.00
CA LEU A 14 0.27 7.20 -5.98
C LEU A 14 0.84 5.86 -6.41
N SER A 15 -0.04 4.97 -6.87
CA SER A 15 0.38 3.64 -7.31
C SER A 15 0.64 2.73 -6.11
N CYS A 16 0.54 1.43 -6.33
CA CYS A 16 0.78 0.46 -5.27
C CYS A 16 1.76 -0.61 -5.72
N LYS A 17 3.05 -0.36 -5.47
CA LYS A 17 4.10 -1.31 -5.85
C LYS A 17 4.13 -2.50 -4.90
N TRP A 18 3.02 -3.22 -4.83
CA TRP A 18 2.93 -4.39 -3.96
C TRP A 18 3.12 -5.68 -4.75
N ILE A 19 4.36 -6.16 -4.80
CA ILE A 19 4.67 -7.39 -5.52
C ILE A 19 4.42 -8.62 -4.66
N ASP A 20 3.22 -9.18 -4.76
CA ASP A 20 2.86 -10.36 -3.99
C ASP A 20 3.75 -11.55 -4.36
N GLU A 21 3.47 -12.69 -3.75
CA GLU A 21 4.25 -13.90 -4.01
C GLU A 21 3.33 -15.07 -4.37
N ALA A 22 3.71 -15.82 -5.39
CA ALA A 22 2.93 -16.96 -5.84
C ALA A 22 1.59 -16.53 -6.40
N GLN A 23 1.42 -15.22 -6.59
CA GLN A 23 0.18 -14.67 -7.12
C GLN A 23 -0.22 -15.39 -8.41
N LEU A 24 -1.53 -15.46 -8.66
CA LEU A 24 -2.04 -16.12 -9.85
C LEU A 24 -1.44 -15.50 -11.12
N SER A 25 -1.34 -14.17 -11.13
CA SER A 25 -0.79 -13.45 -12.28
C SER A 25 0.73 -13.43 -12.21
N ARG A 26 1.36 -14.32 -12.97
CA ARG A 26 2.81 -14.41 -13.01
C ARG A 26 3.35 -13.94 -14.36
N PRO A 27 4.65 -13.61 -14.40
CA PRO A 27 5.52 -13.69 -13.23
C PRO A 27 5.18 -12.63 -12.19
N LYS A 28 5.71 -12.79 -10.98
CA LYS A 28 5.46 -11.85 -9.90
C LYS A 28 5.56 -10.42 -10.40
N LYS A 29 4.42 -9.85 -10.79
CA LYS A 29 4.37 -8.48 -11.29
C LYS A 29 3.90 -7.52 -10.20
N SER A 30 4.27 -6.25 -10.34
CA SER A 30 3.89 -5.23 -9.37
C SER A 30 2.39 -4.96 -9.42
N CYS A 31 1.73 -5.07 -8.28
CA CYS A 31 0.29 -4.84 -8.19
C CYS A 31 -0.11 -3.66 -9.07
N ASP A 32 0.81 -2.73 -9.28
CA ASP A 32 0.55 -1.55 -10.10
C ASP A 32 -0.59 -0.72 -9.51
N ARG A 33 -1.81 -0.96 -9.98
CA ARG A 33 -2.97 -0.23 -9.50
C ARG A 33 -2.79 1.27 -9.69
N THR A 34 -3.76 2.04 -9.22
CA THR A 34 -3.71 3.50 -9.35
C THR A 34 -4.69 4.17 -8.40
N PHE A 35 -4.19 5.13 -7.62
CA PHE A 35 -5.03 5.85 -6.66
C PHE A 35 -4.79 7.35 -6.76
N SER A 36 -5.78 8.12 -6.33
CA SER A 36 -5.69 9.58 -6.38
C SER A 36 -5.49 10.15 -4.98
N THR A 37 -6.02 9.45 -3.98
CA THR A 37 -5.90 9.89 -2.59
C THR A 37 -5.00 8.97 -1.79
N MET A 38 -4.25 9.54 -0.85
CA MET A 38 -3.34 8.76 -0.03
C MET A 38 -4.11 7.81 0.89
N HIS A 39 -5.35 8.17 1.20
CA HIS A 39 -6.19 7.35 2.06
C HIS A 39 -6.50 6.01 1.40
N GLU A 40 -6.76 6.04 0.10
CA GLU A 40 -7.07 4.83 -0.65
C GLU A 40 -5.89 3.85 -0.61
N LEU A 41 -4.73 4.32 -1.04
CA LEU A 41 -3.53 3.50 -1.06
C LEU A 41 -3.36 2.75 0.26
N VAL A 42 -3.29 3.50 1.35
CA VAL A 42 -3.13 2.92 2.67
C VAL A 42 -4.23 1.90 2.96
N THR A 43 -5.46 2.26 2.59
CA THR A 43 -6.60 1.38 2.81
C THR A 43 -6.61 0.23 1.82
N HIS A 44 -5.85 0.38 0.73
CA HIS A 44 -5.77 -0.65 -0.29
C HIS A 44 -4.88 -1.81 0.16
N VAL A 45 -3.59 -1.52 0.35
CA VAL A 45 -2.65 -2.53 0.78
C VAL A 45 -3.07 -3.15 2.10
N THR A 46 -4.04 -2.53 2.77
CA THR A 46 -4.53 -3.02 4.05
C THR A 46 -5.34 -4.30 3.86
N MET A 47 -6.46 -4.18 3.15
CA MET A 47 -7.32 -5.33 2.91
C MET A 47 -6.96 -6.01 1.58
N GLU A 48 -6.83 -5.21 0.53
CA GLU A 48 -6.50 -5.73 -0.79
C GLU A 48 -5.30 -6.68 -0.70
N HIS A 49 -4.33 -6.32 0.13
CA HIS A 49 -3.13 -7.14 0.29
C HIS A 49 -3.06 -7.72 1.70
N VAL A 50 -2.62 -6.91 2.65
CA VAL A 50 -2.51 -7.34 4.04
C VAL A 50 -3.73 -8.14 4.47
N GLY A 51 -4.84 -7.93 3.76
CA GLY A 51 -6.07 -8.64 4.08
C GLY A 51 -6.82 -8.01 5.24
N GLY A 52 -6.11 -7.78 6.34
CA GLY A 52 -6.73 -7.19 7.51
C GLY A 52 -6.59 -8.05 8.75
N PRO A 53 -7.45 -7.81 9.75
CA PRO A 53 -7.44 -8.56 11.01
C PRO A 53 -7.89 -10.01 10.83
N GLU A 54 -8.34 -10.34 9.61
CA GLU A 54 -8.80 -11.69 9.31
C GLU A 54 -7.91 -12.35 8.27
N GLN A 55 -6.59 -12.20 8.44
CA GLN A 55 -5.63 -12.78 7.52
C GLN A 55 -4.66 -13.70 8.26
N ASN A 56 -4.04 -14.61 7.51
CA ASN A 56 -3.09 -15.55 8.08
C ASN A 56 -1.68 -15.32 7.54
N ASN A 57 -0.79 -14.84 8.40
CA ASN A 57 0.59 -14.57 8.01
C ASN A 57 0.70 -13.21 7.32
N HIS A 58 1.25 -12.24 8.02
CA HIS A 58 1.42 -10.90 7.49
C HIS A 58 2.82 -10.71 6.90
N VAL A 59 2.89 -10.38 5.62
CA VAL A 59 4.17 -10.17 4.95
C VAL A 59 4.14 -8.90 4.10
N CYS A 60 5.20 -8.09 4.24
CA CYS A 60 5.30 -6.85 3.49
C CYS A 60 5.91 -7.09 2.12
N TYR A 61 5.08 -6.95 1.08
CA TYR A 61 5.53 -7.15 -0.30
C TYR A 61 5.66 -5.82 -1.02
N TRP A 62 6.87 -5.50 -1.47
CA TRP A 62 7.13 -4.27 -2.18
C TRP A 62 8.29 -4.43 -3.16
N GLU A 63 8.51 -3.42 -4.00
CA GLU A 63 9.58 -3.46 -4.97
C GLU A 63 10.90 -2.99 -4.35
N GLU A 64 10.82 -1.98 -3.51
CA GLU A 64 12.00 -1.44 -2.85
C GLU A 64 11.83 -1.44 -1.33
N CYS A 65 11.58 -2.63 -0.77
CA CYS A 65 11.39 -2.77 0.66
C CYS A 65 12.58 -3.46 1.31
N PRO A 66 12.94 -3.04 2.53
CA PRO A 66 14.06 -3.62 3.27
C PRO A 66 13.77 -5.04 3.74
N ARG A 67 12.57 -5.26 4.24
CA ARG A 67 12.17 -6.58 4.73
C ARG A 67 11.98 -7.56 3.56
N GLU A 68 11.87 -7.00 2.35
CA GLU A 68 11.68 -7.83 1.15
C GLU A 68 10.75 -8.99 1.44
N GLY A 69 9.83 -8.80 2.39
CA GLY A 69 8.89 -9.84 2.75
C GLY A 69 9.44 -10.78 3.81
N LYS A 70 9.91 -10.19 4.91
CA LYS A 70 10.46 -10.97 6.01
C LYS A 70 9.35 -11.42 6.97
N SER A 71 8.16 -10.87 6.78
CA SER A 71 7.02 -11.21 7.63
C SER A 71 7.19 -10.62 9.03
N PHE A 72 6.06 -10.26 9.65
CA PHE A 72 6.08 -9.69 11.00
C PHE A 72 5.52 -10.68 12.02
N LYS A 73 5.40 -10.23 13.26
CA LYS A 73 4.89 -11.07 14.33
C LYS A 73 3.45 -10.68 14.68
N ALA A 74 3.05 -9.48 14.25
CA ALA A 74 1.69 -9.00 14.52
C ALA A 74 1.05 -8.46 13.24
N LYS A 75 -0.28 -8.45 13.22
CA LYS A 75 -1.02 -7.97 12.07
C LYS A 75 -0.71 -6.49 11.80
N TYR A 76 -1.09 -5.64 12.74
CA TYR A 76 -0.85 -4.20 12.61
C TYR A 76 0.60 -3.93 12.24
N LYS A 77 1.51 -4.59 12.94
CA LYS A 77 2.94 -4.41 12.69
C LYS A 77 3.23 -4.28 11.20
N LEU A 78 2.52 -5.07 10.40
CA LEU A 78 2.70 -5.04 8.94
C LEU A 78 2.23 -3.70 8.38
N VAL A 79 0.92 -3.47 8.40
CA VAL A 79 0.35 -2.24 7.88
C VAL A 79 1.10 -1.02 8.42
N ASN A 80 1.69 -1.17 9.61
CA ASN A 80 2.44 -0.09 10.24
C ASN A 80 3.71 0.22 9.45
N HIS A 81 4.42 -0.82 9.04
CA HIS A 81 5.65 -0.66 8.27
C HIS A 81 5.35 -0.27 6.84
N ILE A 82 4.28 -0.83 6.28
CA ILE A 82 3.88 -0.53 4.92
C ILE A 82 3.81 0.97 4.67
N ARG A 83 3.29 1.69 5.65
CA ARG A 83 3.17 3.15 5.54
C ARG A 83 4.46 3.77 5.01
N VAL A 84 5.58 3.34 5.59
CA VAL A 84 6.89 3.85 5.18
C VAL A 84 7.04 3.82 3.67
N HIS A 85 6.41 2.82 3.04
CA HIS A 85 6.49 2.67 1.59
C HIS A 85 5.50 3.61 0.90
N THR A 86 4.26 3.62 1.37
CA THR A 86 3.23 4.47 0.80
C THR A 86 3.67 5.93 0.77
N GLY A 87 4.41 6.35 1.80
CA GLY A 87 4.88 7.70 1.88
C GLY A 87 4.08 8.55 2.85
N GLU A 88 2.99 7.99 3.36
CA GLU A 88 2.14 8.69 4.31
C GLU A 88 2.86 8.93 5.62
N LYS A 89 2.09 9.05 6.70
CA LYS A 89 2.66 9.28 8.03
C LYS A 89 3.52 10.53 8.04
N SER A 90 3.34 11.38 7.03
CA SER A 90 4.11 12.61 6.92
C SER A 90 5.60 12.32 6.81
N GLY A 91 6.32 13.21 6.14
CA GLY A 91 7.76 13.03 5.97
C GLY A 91 8.45 12.71 7.28
N PRO A 92 9.72 12.26 7.18
CA PRO A 92 10.52 11.92 8.36
C PRO A 92 10.91 13.13 9.18
N SER A 93 10.99 12.95 10.49
CA SER A 93 11.34 14.04 11.40
C SER A 93 12.79 13.91 11.86
N SER A 94 13.34 15.01 12.36
CA SER A 94 14.72 15.02 12.83
C SER A 94 14.78 15.16 14.35
N GLY A 95 15.98 15.16 14.90
CA GLY A 95 16.15 15.29 16.33
C GLY A 95 17.34 14.51 16.85
ZN ZN B . -2.08 -3.22 -4.26
ZN ZN C . 8.37 -3.21 3.70
N GLY A 1 -33.24 30.24 -6.22
CA GLY A 1 -31.96 30.71 -5.73
C GLY A 1 -30.81 30.26 -6.61
N SER A 2 -29.59 30.45 -6.12
CA SER A 2 -28.40 30.06 -6.86
C SER A 2 -27.38 29.38 -5.96
N SER A 3 -26.17 29.17 -6.47
CA SER A 3 -25.11 28.52 -5.71
C SER A 3 -23.74 29.02 -6.14
N GLY A 4 -22.71 28.24 -5.85
CA GLY A 4 -21.36 28.62 -6.22
C GLY A 4 -20.49 27.42 -6.56
N SER A 5 -19.27 27.69 -7.00
CA SER A 5 -18.34 26.64 -7.37
C SER A 5 -17.01 26.79 -6.64
N SER A 6 -16.05 25.94 -6.97
CA SER A 6 -14.74 25.98 -6.34
C SER A 6 -13.77 25.03 -7.04
N GLY A 7 -12.64 25.58 -7.50
CA GLY A 7 -11.65 24.78 -8.19
C GLY A 7 -10.60 24.23 -7.24
N GLN A 8 -9.89 23.20 -7.68
CA GLN A 8 -8.85 22.59 -6.86
C GLN A 8 -7.67 22.14 -7.73
N PRO A 9 -6.46 22.22 -7.17
CA PRO A 9 -5.23 21.84 -7.88
C PRO A 9 -5.13 20.33 -8.08
N ILE A 10 -4.95 19.92 -9.34
CA ILE A 10 -4.84 18.51 -9.67
C ILE A 10 -3.82 17.80 -8.77
N LYS A 11 -3.96 16.49 -8.65
CA LYS A 11 -3.06 15.70 -7.82
C LYS A 11 -2.33 14.65 -8.67
N GLN A 12 -1.45 13.89 -8.01
CA GLN A 12 -0.68 12.86 -8.70
C GLN A 12 -1.35 11.50 -8.54
N GLU A 13 -0.99 10.56 -9.41
CA GLU A 13 -1.55 9.22 -9.37
C GLU A 13 -0.66 8.28 -8.56
N LEU A 14 -1.18 7.84 -7.41
CA LEU A 14 -0.43 6.94 -6.54
C LEU A 14 -0.51 5.50 -7.05
N SER A 15 0.63 4.83 -7.07
CA SER A 15 0.70 3.45 -7.53
C SER A 15 1.01 2.50 -6.38
N CYS A 16 0.50 1.27 -6.46
CA CYS A 16 0.73 0.28 -5.44
C CYS A 16 1.77 -0.75 -5.88
N LYS A 17 3.02 -0.49 -5.54
CA LYS A 17 4.11 -1.39 -5.90
C LYS A 17 4.14 -2.61 -5.00
N TRP A 18 2.98 -3.26 -4.84
CA TRP A 18 2.88 -4.45 -4.00
C TRP A 18 3.12 -5.71 -4.82
N ILE A 19 4.36 -6.19 -4.79
CA ILE A 19 4.73 -7.40 -5.52
C ILE A 19 4.48 -8.65 -4.68
N ASP A 20 3.27 -9.18 -4.76
CA ASP A 20 2.91 -10.37 -4.01
C ASP A 20 3.86 -11.52 -4.33
N GLU A 21 3.46 -12.74 -3.96
CA GLU A 21 4.27 -13.92 -4.21
C GLU A 21 3.42 -15.07 -4.75
N ALA A 22 3.91 -15.71 -5.80
CA ALA A 22 3.19 -16.82 -6.41
C ALA A 22 1.93 -16.34 -7.13
N GLN A 23 1.72 -15.03 -7.13
CA GLN A 23 0.56 -14.44 -7.78
C GLN A 23 0.37 -15.02 -9.18
N LEU A 24 -0.88 -15.27 -9.54
CA LEU A 24 -1.20 -15.83 -10.86
C LEU A 24 -0.45 -15.09 -11.96
N SER A 25 -0.33 -13.78 -11.80
CA SER A 25 0.37 -12.96 -12.78
C SER A 25 1.87 -12.94 -12.51
N ARG A 26 2.61 -13.73 -13.28
CA ARG A 26 4.05 -13.82 -13.13
C ARG A 26 4.77 -13.24 -14.34
N PRO A 27 6.06 -12.91 -14.18
CA PRO A 27 6.76 -13.08 -12.91
C PRO A 27 6.27 -12.12 -11.84
N LYS A 28 6.65 -12.38 -10.59
CA LYS A 28 6.26 -11.53 -9.48
C LYS A 28 6.40 -10.05 -9.84
N LYS A 29 5.32 -9.46 -10.34
CA LYS A 29 5.33 -8.06 -10.72
C LYS A 29 4.57 -7.21 -9.70
N SER A 30 4.48 -5.91 -9.97
CA SER A 30 3.80 -4.99 -9.08
C SER A 30 2.28 -5.14 -9.21
N CYS A 31 1.60 -5.26 -8.07
CA CYS A 31 0.15 -5.39 -8.06
C CYS A 31 -0.50 -4.43 -9.04
N ASP A 32 0.12 -3.27 -9.22
CA ASP A 32 -0.40 -2.26 -10.14
C ASP A 32 -1.70 -1.67 -9.62
N ARG A 33 -1.88 -0.37 -9.81
CA ARG A 33 -3.08 0.32 -9.36
C ARG A 33 -2.93 1.83 -9.48
N THR A 34 -4.05 2.55 -9.38
CA THR A 34 -4.04 4.01 -9.48
C THR A 34 -5.01 4.63 -8.49
N PHE A 35 -4.48 5.44 -7.58
CA PHE A 35 -5.30 6.11 -6.58
C PHE A 35 -5.12 7.62 -6.65
N SER A 36 -6.12 8.35 -6.17
CA SER A 36 -6.08 9.81 -6.17
C SER A 36 -5.83 10.34 -4.77
N THR A 37 -6.20 9.55 -3.77
CA THR A 37 -6.01 9.96 -2.37
C THR A 37 -5.03 9.04 -1.66
N MET A 38 -4.12 9.63 -0.90
CA MET A 38 -3.12 8.86 -0.15
C MET A 38 -3.80 7.86 0.78
N HIS A 39 -5.04 8.14 1.14
CA HIS A 39 -5.79 7.27 2.04
C HIS A 39 -6.07 5.93 1.38
N GLU A 40 -6.51 5.96 0.11
CA GLU A 40 -6.81 4.75 -0.62
C GLU A 40 -5.64 3.77 -0.57
N LEU A 41 -4.51 4.20 -1.13
CA LEU A 41 -3.31 3.36 -1.15
C LEU A 41 -3.13 2.64 0.18
N VAL A 42 -3.02 3.40 1.26
CA VAL A 42 -2.85 2.84 2.59
C VAL A 42 -3.97 1.86 2.93
N THR A 43 -5.19 2.21 2.53
CA THR A 43 -6.34 1.37 2.79
C THR A 43 -6.40 0.19 1.81
N HIS A 44 -5.65 0.31 0.72
CA HIS A 44 -5.61 -0.75 -0.29
C HIS A 44 -4.74 -1.91 0.16
N VAL A 45 -3.43 -1.65 0.30
CA VAL A 45 -2.49 -2.68 0.73
C VAL A 45 -2.90 -3.26 2.08
N THR A 46 -3.84 -2.60 2.75
CA THR A 46 -4.31 -3.05 4.05
C THR A 46 -5.15 -4.31 3.91
N MET A 47 -6.29 -4.19 3.23
CA MET A 47 -7.19 -5.33 3.02
C MET A 47 -6.88 -6.03 1.71
N GLU A 48 -6.76 -5.25 0.64
CA GLU A 48 -6.47 -5.81 -0.68
C GLU A 48 -5.32 -6.79 -0.61
N HIS A 49 -4.30 -6.46 0.18
CA HIS A 49 -3.13 -7.32 0.34
C HIS A 49 -3.05 -7.86 1.75
N VAL A 50 -2.53 -7.05 2.67
CA VAL A 50 -2.40 -7.44 4.06
C VAL A 50 -3.64 -8.18 4.55
N GLY A 51 -4.78 -7.87 3.94
CA GLY A 51 -6.02 -8.51 4.33
C GLY A 51 -6.67 -7.84 5.52
N GLY A 52 -5.89 -7.64 6.58
CA GLY A 52 -6.41 -7.02 7.78
C GLY A 52 -6.37 -7.93 8.98
N PRO A 53 -7.19 -7.62 10.00
CA PRO A 53 -7.26 -8.42 11.23
C PRO A 53 -7.89 -9.79 11.00
N GLU A 54 -8.51 -9.96 9.83
CA GLU A 54 -9.15 -11.22 9.49
C GLU A 54 -8.38 -11.95 8.39
N GLN A 55 -7.06 -11.99 8.53
CA GLN A 55 -6.21 -12.65 7.56
C GLN A 55 -5.23 -13.60 8.24
N ASN A 56 -4.67 -14.53 7.47
CA ASN A 56 -3.71 -15.49 7.99
C ASN A 56 -2.38 -15.40 7.25
N ASN A 57 -1.36 -14.90 7.94
CA ASN A 57 -0.03 -14.77 7.35
C ASN A 57 0.04 -13.52 6.48
N HIS A 58 0.61 -12.45 7.03
CA HIS A 58 0.74 -11.19 6.30
C HIS A 58 2.22 -10.82 6.11
N VAL A 59 2.64 -10.72 4.87
CA VAL A 59 4.02 -10.38 4.55
C VAL A 59 4.10 -9.06 3.79
N CYS A 60 5.13 -8.28 4.09
CA CYS A 60 5.33 -6.98 3.44
C CYS A 60 5.92 -7.17 2.05
N TYR A 61 5.08 -7.09 1.03
CA TYR A 61 5.52 -7.25 -0.35
C TYR A 61 5.64 -5.89 -1.04
N TRP A 62 6.86 -5.54 -1.41
CA TRP A 62 7.12 -4.27 -2.08
C TRP A 62 8.32 -4.37 -3.02
N GLU A 63 8.49 -3.38 -3.88
CA GLU A 63 9.59 -3.36 -4.82
C GLU A 63 10.88 -2.89 -4.14
N GLU A 64 10.76 -1.87 -3.29
CA GLU A 64 11.91 -1.33 -2.58
C GLU A 64 11.69 -1.40 -1.07
N CYS A 65 11.52 -2.61 -0.55
CA CYS A 65 11.31 -2.81 0.87
C CYS A 65 12.54 -3.42 1.53
N PRO A 66 12.82 -3.00 2.77
CA PRO A 66 13.96 -3.49 3.54
C PRO A 66 13.80 -4.95 3.96
N ARG A 67 12.60 -5.30 4.42
CA ARG A 67 12.32 -6.66 4.86
C ARG A 67 12.25 -7.61 3.66
N GLU A 68 12.13 -7.04 2.47
CA GLU A 68 12.06 -7.84 1.25
C GLU A 68 11.15 -9.04 1.44
N GLY A 69 10.23 -8.92 2.40
CA GLY A 69 9.30 -10.01 2.66
C GLY A 69 9.15 -10.30 4.14
N LYS A 70 10.27 -10.26 4.86
CA LYS A 70 10.27 -10.52 6.30
C LYS A 70 8.99 -10.01 6.94
N SER A 71 8.11 -10.92 7.34
CA SER A 71 6.85 -10.55 7.96
C SER A 71 7.07 -10.05 9.38
N PHE A 72 5.98 -9.81 10.10
CA PHE A 72 6.06 -9.33 11.47
C PHE A 72 5.45 -10.33 12.44
N LYS A 73 5.46 -10.00 13.73
CA LYS A 73 4.91 -10.88 14.75
C LYS A 73 3.45 -10.52 15.05
N ALA A 74 3.00 -9.39 14.50
CA ALA A 74 1.63 -8.95 14.70
C ALA A 74 0.98 -8.59 13.38
N LYS A 75 -0.31 -8.27 13.42
CA LYS A 75 -1.06 -7.89 12.22
C LYS A 75 -0.87 -6.41 11.90
N TYR A 76 -1.28 -5.55 12.83
CA TYR A 76 -1.17 -4.12 12.64
C TYR A 76 0.29 -3.71 12.44
N LYS A 77 1.20 -4.56 12.90
CA LYS A 77 2.63 -4.29 12.76
C LYS A 77 3.03 -4.16 11.30
N LEU A 78 2.37 -4.93 10.44
CA LEU A 78 2.66 -4.90 9.01
C LEU A 78 2.26 -3.55 8.42
N VAL A 79 0.97 -3.24 8.46
CA VAL A 79 0.47 -1.98 7.93
C VAL A 79 1.31 -0.81 8.40
N ASN A 80 1.78 -0.89 9.64
CA ASN A 80 2.60 0.17 10.22
C ASN A 80 3.88 0.38 9.40
N HIS A 81 4.53 -0.72 9.04
CA HIS A 81 5.75 -0.67 8.25
C HIS A 81 5.46 -0.33 6.80
N ILE A 82 4.31 -0.81 6.30
CA ILE A 82 3.91 -0.56 4.93
C ILE A 82 3.86 0.93 4.64
N ARG A 83 3.36 1.70 5.59
CA ARG A 83 3.25 3.15 5.44
C ARG A 83 4.56 3.74 4.92
N VAL A 84 5.67 3.33 5.54
CA VAL A 84 6.99 3.82 5.13
C VAL A 84 7.18 3.71 3.63
N HIS A 85 6.51 2.72 3.03
CA HIS A 85 6.62 2.50 1.59
C HIS A 85 5.64 3.40 0.83
N THR A 86 4.42 3.50 1.34
CA THR A 86 3.39 4.33 0.71
C THR A 86 3.86 5.78 0.58
N GLY A 87 4.67 6.22 1.54
CA GLY A 87 5.17 7.58 1.52
C GLY A 87 4.38 8.51 2.42
N GLU A 88 3.41 7.95 3.14
CA GLU A 88 2.58 8.74 4.05
C GLU A 88 3.28 8.94 5.39
N LYS A 89 2.51 9.24 6.43
CA LYS A 89 3.05 9.46 7.75
C LYS A 89 4.10 8.41 8.10
N SER A 90 5.15 8.82 8.81
CA SER A 90 6.22 7.91 9.20
C SER A 90 7.11 8.55 10.26
N GLY A 91 6.49 8.98 11.36
CA GLY A 91 7.25 9.61 12.43
C GLY A 91 7.88 8.59 13.36
N PRO A 92 8.93 9.01 14.09
CA PRO A 92 9.65 8.15 15.02
C PRO A 92 8.80 7.80 16.26
N SER A 93 9.03 6.62 16.81
CA SER A 93 8.29 6.17 17.98
C SER A 93 8.89 6.77 19.26
N SER A 94 10.22 6.88 19.29
CA SER A 94 10.91 7.42 20.44
C SER A 94 10.25 6.96 21.74
N GLY A 95 10.56 5.73 22.15
CA GLY A 95 9.99 5.20 23.37
C GLY A 95 10.10 3.68 23.44
ZN ZN B . -2.11 -3.49 -4.44
ZN ZN C . 8.47 -3.46 3.94
N GLY A 1 -16.92 20.89 -21.40
CA GLY A 1 -15.74 21.65 -21.73
C GLY A 1 -14.83 21.86 -20.52
N SER A 2 -15.44 21.99 -19.35
CA SER A 2 -14.68 22.20 -18.13
C SER A 2 -15.15 21.26 -17.02
N SER A 3 -14.42 21.24 -15.91
CA SER A 3 -14.78 20.39 -14.78
C SER A 3 -14.19 20.93 -13.48
N GLY A 4 -14.61 20.34 -12.37
CA GLY A 4 -14.12 20.79 -11.07
C GLY A 4 -14.78 20.06 -9.92
N SER A 5 -14.20 20.19 -8.73
CA SER A 5 -14.75 19.54 -7.55
C SER A 5 -14.23 20.21 -6.28
N SER A 6 -12.92 20.31 -6.16
CA SER A 6 -12.30 20.93 -4.98
C SER A 6 -11.85 22.35 -5.30
N GLY A 7 -10.93 22.47 -6.24
CA GLY A 7 -10.42 23.79 -6.62
C GLY A 7 -8.91 23.84 -6.66
N GLN A 8 -8.30 22.80 -7.24
CA GLN A 8 -6.85 22.74 -7.34
C GLN A 8 -6.42 21.89 -8.54
N PRO A 9 -5.16 22.05 -8.95
CA PRO A 9 -4.60 21.31 -10.09
C PRO A 9 -4.42 19.82 -9.77
N ILE A 10 -4.65 18.98 -10.78
CA ILE A 10 -4.50 17.54 -10.62
C ILE A 10 -3.31 17.21 -9.73
N LYS A 11 -3.34 16.02 -9.13
CA LYS A 11 -2.25 15.57 -8.27
C LYS A 11 -1.63 14.28 -8.79
N GLN A 12 -0.43 13.98 -8.32
CA GLN A 12 0.27 12.76 -8.74
C GLN A 12 -0.63 11.54 -8.63
N GLU A 13 -0.12 10.39 -9.06
CA GLU A 13 -0.88 9.15 -9.01
C GLU A 13 -0.14 8.08 -8.22
N LEU A 14 -0.45 7.97 -6.94
CA LEU A 14 0.19 7.00 -6.07
C LEU A 14 0.04 5.59 -6.65
N SER A 15 1.17 4.90 -6.82
CA SER A 15 1.18 3.55 -7.36
C SER A 15 1.39 2.53 -6.25
N CYS A 16 0.66 1.41 -6.34
CA CYS A 16 0.77 0.36 -5.34
C CYS A 16 1.73 -0.73 -5.81
N LYS A 17 3.03 -0.47 -5.68
CA LYS A 17 4.05 -1.43 -6.08
C LYS A 17 4.12 -2.59 -5.10
N TRP A 18 3.05 -3.36 -5.01
CA TRP A 18 2.99 -4.51 -4.11
C TRP A 18 3.14 -5.82 -4.88
N ILE A 19 4.34 -6.37 -4.88
CA ILE A 19 4.61 -7.62 -5.58
C ILE A 19 4.29 -8.82 -4.70
N ASP A 20 3.07 -9.33 -4.82
CA ASP A 20 2.64 -10.48 -4.04
C ASP A 20 3.53 -11.69 -4.31
N GLU A 21 3.25 -12.79 -3.62
CA GLU A 21 4.02 -14.01 -3.79
C GLU A 21 3.11 -15.21 -4.02
N ALA A 22 3.55 -16.15 -4.86
CA ALA A 22 2.78 -17.34 -5.16
C ALA A 22 1.45 -16.98 -5.83
N GLN A 23 1.38 -15.77 -6.37
CA GLN A 23 0.16 -15.30 -7.04
C GLN A 23 -0.16 -16.17 -8.25
N LEU A 24 -1.44 -16.37 -8.51
CA LEU A 24 -1.88 -17.18 -9.64
C LEU A 24 -1.09 -16.84 -10.90
N SER A 25 -0.86 -15.54 -11.11
CA SER A 25 -0.12 -15.08 -12.28
C SER A 25 1.38 -15.05 -11.99
N ARG A 26 2.18 -15.18 -13.05
CA ARG A 26 3.63 -15.16 -12.91
C ARG A 26 4.30 -14.69 -14.19
N PRO A 27 5.57 -14.28 -14.10
CA PRO A 27 6.30 -14.28 -12.81
C PRO A 27 5.77 -13.22 -11.86
N LYS A 28 6.14 -13.35 -10.58
CA LYS A 28 5.71 -12.40 -9.57
C LYS A 28 5.64 -10.99 -10.13
N LYS A 29 4.45 -10.59 -10.59
CA LYS A 29 4.25 -9.27 -11.16
C LYS A 29 3.72 -8.31 -10.10
N SER A 30 4.10 -7.04 -10.22
CA SER A 30 3.66 -6.02 -9.27
C SER A 30 2.16 -5.79 -9.38
N CYS A 31 1.52 -5.51 -8.24
CA CYS A 31 0.08 -5.27 -8.20
C CYS A 31 -0.30 -4.13 -9.13
N ASP A 32 0.32 -2.97 -8.92
CA ASP A 32 0.05 -1.80 -9.75
C ASP A 32 -1.35 -1.26 -9.46
N ARG A 33 -1.52 0.06 -9.59
CA ARG A 33 -2.80 0.70 -9.35
C ARG A 33 -2.69 2.21 -9.50
N THR A 34 -3.79 2.91 -9.23
CA THR A 34 -3.82 4.36 -9.34
C THR A 34 -4.85 4.97 -8.40
N PHE A 35 -4.39 5.64 -7.36
CA PHE A 35 -5.27 6.27 -6.38
C PHE A 35 -5.04 7.77 -6.32
N SER A 36 -6.09 8.53 -6.04
CA SER A 36 -6.00 9.98 -5.96
C SER A 36 -5.86 10.42 -4.50
N THR A 37 -6.19 9.53 -3.58
CA THR A 37 -6.10 9.83 -2.15
C THR A 37 -5.18 8.85 -1.45
N MET A 38 -4.28 9.39 -0.62
CA MET A 38 -3.33 8.57 0.13
C MET A 38 -4.06 7.53 0.98
N HIS A 39 -5.24 7.90 1.47
CA HIS A 39 -6.04 7.01 2.30
C HIS A 39 -6.35 5.71 1.56
N GLU A 40 -6.73 5.84 0.29
CA GLU A 40 -7.06 4.68 -0.53
C GLU A 40 -5.90 3.67 -0.54
N LEU A 41 -4.73 4.13 -0.95
CA LEU A 41 -3.55 3.28 -0.99
C LEU A 41 -3.35 2.55 0.33
N VAL A 42 -3.35 3.31 1.42
CA VAL A 42 -3.16 2.74 2.75
C VAL A 42 -4.23 1.69 3.05
N THR A 43 -5.47 2.00 2.70
CA THR A 43 -6.57 1.08 2.93
C THR A 43 -6.56 -0.06 1.92
N HIS A 44 -5.82 0.12 0.84
CA HIS A 44 -5.72 -0.90 -0.21
C HIS A 44 -4.82 -2.05 0.24
N VAL A 45 -3.53 -1.74 0.44
CA VAL A 45 -2.57 -2.74 0.88
C VAL A 45 -2.99 -3.37 2.20
N THR A 46 -3.98 -2.78 2.84
CA THR A 46 -4.47 -3.29 4.11
C THR A 46 -5.24 -4.59 3.93
N MET A 47 -6.37 -4.51 3.23
CA MET A 47 -7.19 -5.69 2.98
C MET A 47 -6.83 -6.33 1.65
N GLU A 48 -6.75 -5.52 0.60
CA GLU A 48 -6.42 -6.02 -0.73
C GLU A 48 -5.18 -6.92 -0.67
N HIS A 49 -4.21 -6.53 0.14
CA HIS A 49 -2.98 -7.30 0.29
C HIS A 49 -2.87 -7.92 1.68
N VAL A 50 -2.45 -7.11 2.65
CA VAL A 50 -2.31 -7.57 4.02
C VAL A 50 -3.51 -8.42 4.44
N GLY A 51 -4.69 -8.08 3.91
CA GLY A 51 -5.89 -8.81 4.25
C GLY A 51 -6.61 -8.24 5.45
N GLY A 52 -5.87 -8.03 6.54
CA GLY A 52 -6.46 -7.50 7.75
C GLY A 52 -6.21 -8.37 8.95
N PRO A 53 -7.06 -8.21 9.98
CA PRO A 53 -6.94 -8.99 11.22
C PRO A 53 -7.31 -10.46 11.03
N GLU A 54 -7.69 -10.80 9.80
CA GLU A 54 -8.08 -12.17 9.47
C GLU A 54 -7.20 -12.73 8.36
N GLN A 55 -5.89 -12.67 8.56
CA GLN A 55 -4.94 -13.18 7.57
C GLN A 55 -3.91 -14.09 8.22
N ASN A 56 -3.37 -15.02 7.44
CA ASN A 56 -2.37 -15.96 7.94
C ASN A 56 -0.99 -15.65 7.34
N ASN A 57 -0.08 -15.16 8.18
CA ASN A 57 1.26 -14.83 7.74
C ASN A 57 1.29 -13.46 7.06
N HIS A 58 1.56 -12.42 7.85
CA HIS A 58 1.61 -11.06 7.33
C HIS A 58 3.04 -10.70 6.92
N VAL A 59 3.23 -10.39 5.64
CA VAL A 59 4.54 -10.02 5.14
C VAL A 59 4.46 -8.78 4.24
N CYS A 60 5.50 -7.96 4.29
CA CYS A 60 5.55 -6.74 3.48
C CYS A 60 6.13 -7.02 2.11
N TYR A 61 5.28 -6.98 1.09
CA TYR A 61 5.72 -7.23 -0.28
C TYR A 61 5.83 -5.93 -1.07
N TRP A 62 7.02 -5.65 -1.57
CA TRP A 62 7.26 -4.44 -2.35
C TRP A 62 8.38 -4.64 -3.35
N GLU A 63 8.54 -3.69 -4.27
CA GLU A 63 9.57 -3.76 -5.29
C GLU A 63 10.92 -3.33 -4.72
N GLU A 64 10.88 -2.34 -3.82
CA GLU A 64 12.11 -1.83 -3.21
C GLU A 64 11.94 -1.66 -1.71
N CYS A 65 11.70 -2.77 -1.02
CA CYS A 65 11.51 -2.75 0.43
C CYS A 65 12.72 -3.33 1.15
N PRO A 66 13.06 -2.76 2.31
CA PRO A 66 14.19 -3.21 3.12
C PRO A 66 13.95 -4.57 3.76
N ARG A 67 12.74 -4.77 4.27
CA ARG A 67 12.38 -6.03 4.91
C ARG A 67 12.23 -7.14 3.88
N GLU A 68 12.12 -6.75 2.61
CA GLU A 68 11.97 -7.72 1.52
C GLU A 68 10.98 -8.81 1.91
N GLY A 69 10.05 -8.48 2.80
CA GLY A 69 9.07 -9.44 3.24
C GLY A 69 9.55 -10.29 4.40
N LYS A 70 10.38 -9.69 5.25
CA LYS A 70 10.91 -10.39 6.42
C LYS A 70 9.78 -10.87 7.32
N SER A 71 8.58 -10.36 7.10
CA SER A 71 7.42 -10.74 7.90
C SER A 71 7.47 -10.08 9.27
N PHE A 72 6.31 -9.90 9.87
CA PHE A 72 6.21 -9.28 11.19
C PHE A 72 5.62 -10.25 12.22
N LYS A 73 4.30 -10.24 12.34
CA LYS A 73 3.61 -11.11 13.28
C LYS A 73 2.13 -10.77 13.37
N ALA A 74 1.84 -9.49 13.56
CA ALA A 74 0.46 -9.02 13.66
C ALA A 74 0.01 -8.37 12.36
N LYS A 75 -1.25 -7.97 12.31
CA LYS A 75 -1.82 -7.34 11.13
C LYS A 75 -1.50 -5.84 11.10
N TYR A 76 -1.52 -5.22 12.28
CA TYR A 76 -1.24 -3.80 12.40
C TYR A 76 0.26 -3.52 12.19
N LYS A 77 1.09 -4.35 12.79
CA LYS A 77 2.54 -4.19 12.68
C LYS A 77 2.95 -4.10 11.20
N LEU A 78 2.45 -5.03 10.39
CA LEU A 78 2.78 -5.05 8.97
C LEU A 78 2.32 -3.76 8.30
N VAL A 79 1.07 -3.39 8.53
CA VAL A 79 0.51 -2.17 7.94
C VAL A 79 1.23 -0.93 8.46
N ASN A 80 1.86 -1.06 9.63
CA ASN A 80 2.58 0.04 10.24
C ASN A 80 3.80 0.42 9.40
N HIS A 81 4.59 -0.58 9.02
CA HIS A 81 5.78 -0.36 8.21
C HIS A 81 5.42 0.05 6.79
N ILE A 82 4.36 -0.57 6.26
CA ILE A 82 3.90 -0.28 4.90
C ILE A 82 3.80 1.23 4.67
N ARG A 83 3.38 1.95 5.70
CA ARG A 83 3.23 3.40 5.61
C ARG A 83 4.51 4.03 5.05
N VAL A 84 5.65 3.63 5.59
CA VAL A 84 6.94 4.15 5.14
C VAL A 84 7.05 4.12 3.62
N HIS A 85 6.48 3.09 3.01
CA HIS A 85 6.52 2.94 1.57
C HIS A 85 5.54 3.90 0.90
N THR A 86 4.30 3.90 1.37
CA THR A 86 3.26 4.77 0.83
C THR A 86 3.70 6.24 0.88
N GLY A 87 4.35 6.61 1.97
CA GLY A 87 4.81 7.99 2.12
C GLY A 87 4.05 8.74 3.20
N GLU A 88 2.93 8.16 3.63
CA GLU A 88 2.10 8.79 4.66
C GLU A 88 2.88 8.92 5.97
N LYS A 89 2.16 8.89 7.08
CA LYS A 89 2.77 9.01 8.40
C LYS A 89 3.37 7.67 8.84
N SER A 90 4.40 7.74 9.67
CA SER A 90 5.06 6.53 10.17
C SER A 90 4.78 6.32 11.65
N GLY A 91 5.11 5.13 12.14
CA GLY A 91 4.87 4.83 13.54
C GLY A 91 6.13 4.39 14.26
N PRO A 92 6.07 4.34 15.60
CA PRO A 92 7.20 3.93 16.43
C PRO A 92 7.54 2.46 16.28
N SER A 93 8.72 2.07 16.78
CA SER A 93 9.17 0.69 16.70
C SER A 93 8.06 -0.27 17.15
N SER A 94 7.10 0.26 17.91
CA SER A 94 6.00 -0.54 18.42
C SER A 94 4.66 0.03 17.96
N GLY A 95 4.43 0.01 16.65
CA GLY A 95 3.19 0.53 16.10
C GLY A 95 1.97 -0.01 16.82
ZN ZN B . -2.07 -3.32 -4.35
ZN ZN C . 8.44 -3.05 3.55
N GLY A 1 -30.14 23.89 8.16
CA GLY A 1 -29.10 24.65 8.85
C GLY A 1 -28.45 25.69 7.96
N SER A 2 -27.16 25.92 8.18
CA SER A 2 -26.41 26.89 7.39
C SER A 2 -24.97 26.44 7.20
N SER A 3 -24.60 26.16 5.95
CA SER A 3 -23.25 25.72 5.62
C SER A 3 -22.99 25.82 4.12
N GLY A 4 -21.71 25.78 3.76
CA GLY A 4 -21.35 25.87 2.35
C GLY A 4 -20.15 25.01 2.01
N SER A 5 -20.17 24.43 0.82
CA SER A 5 -19.07 23.58 0.37
C SER A 5 -19.11 23.40 -1.15
N SER A 6 -18.10 22.71 -1.68
CA SER A 6 -18.02 22.47 -3.12
C SER A 6 -17.23 21.20 -3.41
N GLY A 7 -16.77 21.07 -4.66
CA GLY A 7 -16.01 19.89 -5.04
C GLY A 7 -14.54 20.01 -4.67
N GLN A 8 -13.67 19.54 -5.55
CA GLN A 8 -12.23 19.58 -5.30
C GLN A 8 -11.45 19.25 -6.57
N PRO A 9 -10.26 19.86 -6.71
CA PRO A 9 -9.39 19.65 -7.87
C PRO A 9 -8.80 18.25 -7.89
N ILE A 10 -8.51 17.76 -9.10
CA ILE A 10 -7.92 16.43 -9.26
C ILE A 10 -6.67 16.28 -8.41
N LYS A 11 -6.21 15.04 -8.26
CA LYS A 11 -5.02 14.75 -7.47
C LYS A 11 -4.00 13.97 -8.29
N GLN A 12 -2.93 13.52 -7.63
CA GLN A 12 -1.88 12.75 -8.30
C GLN A 12 -2.29 11.29 -8.46
N GLU A 13 -1.50 10.54 -9.21
CA GLU A 13 -1.78 9.12 -9.44
C GLU A 13 -0.83 8.25 -8.62
N LEU A 14 -1.29 7.83 -7.45
CA LEU A 14 -0.48 6.98 -6.57
C LEU A 14 -0.50 5.53 -7.05
N SER A 15 0.67 4.91 -7.09
CA SER A 15 0.79 3.53 -7.53
C SER A 15 1.18 2.62 -6.35
N CYS A 16 0.61 1.43 -6.33
CA CYS A 16 0.88 0.47 -5.26
C CYS A 16 1.89 -0.57 -5.73
N LYS A 17 3.17 -0.34 -5.42
CA LYS A 17 4.23 -1.26 -5.81
C LYS A 17 4.24 -2.49 -4.91
N TRP A 18 3.12 -3.22 -4.91
CA TRP A 18 3.00 -4.42 -4.09
C TRP A 18 3.20 -5.68 -4.93
N ILE A 19 4.43 -6.16 -4.99
CA ILE A 19 4.74 -7.35 -5.76
C ILE A 19 4.33 -8.61 -5.02
N ASP A 20 3.31 -9.29 -5.53
CA ASP A 20 2.81 -10.52 -4.92
C ASP A 20 3.79 -11.66 -5.14
N GLU A 21 3.39 -12.86 -4.72
CA GLU A 21 4.23 -14.04 -4.86
C GLU A 21 3.42 -15.24 -5.33
N ALA A 22 3.99 -16.02 -6.24
CA ALA A 22 3.32 -17.20 -6.77
C ALA A 22 2.06 -16.81 -7.54
N GLN A 23 1.97 -15.54 -7.93
CA GLN A 23 0.82 -15.05 -8.67
C GLN A 23 0.64 -15.82 -9.97
N LEU A 24 -0.58 -15.81 -10.49
CA LEU A 24 -0.88 -16.51 -11.74
C LEU A 24 -0.02 -15.98 -12.89
N SER A 25 0.18 -14.66 -12.90
CA SER A 25 0.98 -14.02 -13.94
C SER A 25 2.42 -13.85 -13.48
N ARG A 26 3.36 -14.23 -14.36
CA ARG A 26 4.78 -14.12 -14.04
C ARG A 26 5.53 -13.41 -15.17
N PRO A 27 6.74 -12.92 -14.86
CA PRO A 27 7.32 -13.04 -13.51
C PRO A 27 6.60 -12.18 -12.49
N LYS A 28 6.83 -12.45 -11.22
CA LYS A 28 6.21 -11.70 -10.14
C LYS A 28 6.11 -10.22 -10.49
N LYS A 29 4.98 -9.82 -11.06
CA LYS A 29 4.76 -8.44 -11.44
C LYS A 29 4.25 -7.61 -10.26
N SER A 30 4.21 -6.30 -10.43
CA SER A 30 3.75 -5.40 -9.37
C SER A 30 2.23 -5.27 -9.40
N CYS A 31 1.62 -5.33 -8.22
CA CYS A 31 0.17 -5.22 -8.10
C CYS A 31 -0.39 -4.27 -9.15
N ASP A 32 0.17 -3.06 -9.21
CA ASP A 32 -0.27 -2.06 -10.18
C ASP A 32 -1.64 -1.51 -9.79
N ARG A 33 -1.72 -0.19 -9.65
CA ARG A 33 -2.97 0.46 -9.28
C ARG A 33 -2.86 1.98 -9.43
N THR A 34 -3.99 2.66 -9.35
CA THR A 34 -4.02 4.11 -9.49
C THR A 34 -4.99 4.73 -8.48
N PHE A 35 -4.44 5.47 -7.51
CA PHE A 35 -5.25 6.12 -6.49
C PHE A 35 -5.10 7.63 -6.56
N SER A 36 -6.08 8.34 -6.02
CA SER A 36 -6.05 9.80 -6.02
C SER A 36 -5.63 10.34 -4.64
N THR A 37 -6.06 9.64 -3.59
CA THR A 37 -5.73 10.05 -2.23
C THR A 37 -4.78 9.05 -1.58
N MET A 38 -3.90 9.55 -0.72
CA MET A 38 -2.94 8.70 -0.03
C MET A 38 -3.65 7.70 0.87
N HIS A 39 -4.82 8.08 1.36
CA HIS A 39 -5.60 7.21 2.23
C HIS A 39 -5.92 5.89 1.54
N GLU A 40 -6.42 5.98 0.30
CA GLU A 40 -6.77 4.79 -0.46
C GLU A 40 -5.62 3.78 -0.46
N LEU A 41 -4.48 4.20 -0.98
CA LEU A 41 -3.30 3.34 -1.04
C LEU A 41 -3.09 2.61 0.28
N VAL A 42 -3.15 3.36 1.38
CA VAL A 42 -2.97 2.78 2.70
C VAL A 42 -4.08 1.78 3.02
N THR A 43 -5.30 2.12 2.64
CA THR A 43 -6.45 1.26 2.89
C THR A 43 -6.51 0.12 1.87
N HIS A 44 -5.74 0.26 0.79
CA HIS A 44 -5.70 -0.75 -0.27
C HIS A 44 -4.81 -1.93 0.14
N VAL A 45 -3.52 -1.66 0.30
CA VAL A 45 -2.57 -2.70 0.67
C VAL A 45 -2.97 -3.35 1.99
N THR A 46 -3.92 -2.73 2.69
CA THR A 46 -4.40 -3.26 3.96
C THR A 46 -5.23 -4.51 3.77
N MET A 47 -6.37 -4.36 3.09
CA MET A 47 -7.26 -5.48 2.83
C MET A 47 -6.94 -6.13 1.49
N GLU A 48 -6.77 -5.30 0.45
CA GLU A 48 -6.46 -5.79 -0.88
C GLU A 48 -5.29 -6.76 -0.84
N HIS A 49 -4.28 -6.42 -0.03
CA HIS A 49 -3.09 -7.25 0.10
C HIS A 49 -3.03 -7.90 1.48
N VAL A 50 -2.55 -7.13 2.46
CA VAL A 50 -2.43 -7.62 3.82
C VAL A 50 -3.67 -8.43 4.23
N GLY A 51 -4.79 -8.16 3.57
CA GLY A 51 -6.01 -8.86 3.86
C GLY A 51 -6.77 -8.25 5.03
N GLY A 52 -6.07 -8.06 6.15
CA GLY A 52 -6.70 -7.48 7.31
C GLY A 52 -6.35 -8.23 8.59
N PRO A 53 -7.19 -8.06 9.63
CA PRO A 53 -6.99 -8.72 10.92
C PRO A 53 -7.23 -10.22 10.85
N GLU A 54 -7.57 -10.70 9.65
CA GLU A 54 -7.83 -12.12 9.45
C GLU A 54 -7.09 -12.64 8.22
N GLN A 55 -5.77 -12.72 8.33
CA GLN A 55 -4.95 -13.19 7.21
C GLN A 55 -3.97 -14.27 7.69
N ASN A 56 -3.42 -15.02 6.74
CA ASN A 56 -2.47 -16.08 7.06
C ASN A 56 -1.06 -15.69 6.63
N ASN A 57 -0.21 -15.37 7.60
CA ASN A 57 1.16 -14.99 7.32
C ASN A 57 1.25 -13.52 6.91
N HIS A 58 1.57 -12.66 7.86
CA HIS A 58 1.69 -11.22 7.61
C HIS A 58 3.05 -10.89 7.02
N VAL A 59 3.07 -10.50 5.75
CA VAL A 59 4.32 -10.15 5.08
C VAL A 59 4.18 -8.82 4.33
N CYS A 60 5.28 -8.08 4.24
CA CYS A 60 5.28 -6.80 3.56
C CYS A 60 5.93 -6.92 2.19
N TYR A 61 5.11 -7.06 1.15
CA TYR A 61 5.61 -7.19 -0.21
C TYR A 61 5.74 -5.82 -0.87
N TRP A 62 6.92 -5.56 -1.42
CA TRP A 62 7.19 -4.29 -2.08
C TRP A 62 8.38 -4.40 -3.03
N GLU A 63 8.56 -3.40 -3.88
CA GLU A 63 9.66 -3.39 -4.83
C GLU A 63 10.95 -2.92 -4.16
N GLU A 64 10.83 -1.92 -3.30
CA GLU A 64 11.99 -1.38 -2.59
C GLU A 64 11.78 -1.42 -1.08
N CYS A 65 11.61 -2.62 -0.55
CA CYS A 65 11.39 -2.81 0.88
C CYS A 65 12.60 -3.46 1.53
N PRO A 66 12.90 -3.04 2.77
CA PRO A 66 14.04 -3.57 3.54
C PRO A 66 13.83 -5.01 3.96
N ARG A 67 12.62 -5.32 4.43
CA ARG A 67 12.29 -6.67 4.88
C ARG A 67 12.18 -7.62 3.69
N GLU A 68 12.08 -7.05 2.49
CA GLU A 68 11.97 -7.85 1.27
C GLU A 68 10.79 -8.82 1.38
N GLY A 69 9.92 -8.59 2.35
CA GLY A 69 8.77 -9.45 2.53
C GLY A 69 9.00 -10.51 3.59
N LYS A 70 9.96 -10.27 4.47
CA LYS A 70 10.28 -11.21 5.53
C LYS A 70 9.02 -11.70 6.22
N SER A 71 8.52 -10.92 7.18
CA SER A 71 7.31 -11.29 7.92
C SER A 71 7.22 -10.50 9.22
N PHE A 72 6.04 -10.50 9.82
CA PHE A 72 5.80 -9.80 11.07
C PHE A 72 5.17 -10.71 12.11
N LYS A 73 4.80 -10.13 13.25
CA LYS A 73 4.17 -10.88 14.33
C LYS A 73 2.77 -10.35 14.64
N ALA A 74 2.62 -9.04 14.53
CA ALA A 74 1.33 -8.41 14.79
C ALA A 74 0.69 -7.91 13.50
N LYS A 75 -0.63 -7.99 13.42
CA LYS A 75 -1.37 -7.55 12.24
C LYS A 75 -1.09 -6.09 11.95
N TYR A 76 -1.37 -5.22 12.92
CA TYR A 76 -1.14 -3.80 12.75
C TYR A 76 0.31 -3.50 12.41
N LYS A 77 1.22 -4.22 13.06
CA LYS A 77 2.65 -4.04 12.82
C LYS A 77 2.95 -3.99 11.34
N LEU A 78 2.44 -4.98 10.60
CA LEU A 78 2.65 -5.05 9.15
C LEU A 78 2.23 -3.74 8.48
N VAL A 79 0.93 -3.47 8.47
CA VAL A 79 0.40 -2.27 7.86
C VAL A 79 1.22 -1.04 8.27
N ASN A 80 1.60 -1.00 9.55
CA ASN A 80 2.37 0.12 10.07
C ASN A 80 3.65 0.32 9.26
N HIS A 81 4.35 -0.78 8.98
CA HIS A 81 5.59 -0.72 8.21
C HIS A 81 5.30 -0.36 6.76
N ILE A 82 4.25 -0.95 6.19
CA ILE A 82 3.88 -0.69 4.81
C ILE A 82 3.81 0.80 4.53
N ARG A 83 3.27 1.56 5.49
CA ARG A 83 3.15 3.01 5.34
C ARG A 83 4.47 3.62 4.84
N VAL A 84 5.56 3.23 5.49
CA VAL A 84 6.88 3.74 5.11
C VAL A 84 7.10 3.65 3.60
N HIS A 85 6.46 2.66 2.98
CA HIS A 85 6.58 2.47 1.54
C HIS A 85 5.56 3.31 0.79
N THR A 86 4.35 3.39 1.34
CA THR A 86 3.28 4.16 0.71
C THR A 86 3.66 5.64 0.61
N GLY A 87 4.28 6.16 1.66
CA GLY A 87 4.70 7.56 1.66
C GLY A 87 3.76 8.44 2.47
N GLU A 88 2.71 7.83 3.01
CA GLU A 88 1.75 8.57 3.82
C GLU A 88 2.35 9.01 5.14
N LYS A 89 1.52 9.16 6.16
CA LYS A 89 1.97 9.57 7.48
C LYS A 89 2.96 8.57 8.06
N SER A 90 4.14 9.06 8.42
CA SER A 90 5.19 8.21 8.99
C SER A 90 5.37 8.50 10.47
N GLY A 91 5.00 7.53 11.31
CA GLY A 91 5.14 7.70 12.74
C GLY A 91 6.11 6.71 13.34
N PRO A 92 6.82 7.14 14.41
CA PRO A 92 7.80 6.30 15.10
C PRO A 92 7.15 5.15 15.87
N SER A 93 7.97 4.32 16.49
CA SER A 93 7.47 3.18 17.26
C SER A 93 8.21 3.05 18.58
N SER A 94 9.54 3.02 18.51
CA SER A 94 10.37 2.90 19.71
C SER A 94 10.05 1.61 20.46
N GLY A 95 9.70 0.57 19.70
CA GLY A 95 9.38 -0.71 20.31
C GLY A 95 8.95 -1.75 19.30
ZN ZN B . -1.99 -3.23 -4.34
ZN ZN C . 8.50 -3.37 3.92
N GLY A 1 -21.38 26.13 -2.84
CA GLY A 1 -19.98 26.04 -2.44
C GLY A 1 -19.09 26.92 -3.29
N SER A 2 -17.97 27.34 -2.73
CA SER A 2 -17.02 28.19 -3.44
C SER A 2 -16.72 27.63 -4.84
N SER A 3 -16.27 28.49 -5.73
CA SER A 3 -15.95 28.08 -7.09
C SER A 3 -14.48 28.31 -7.40
N GLY A 4 -13.96 27.59 -8.39
CA GLY A 4 -12.56 27.73 -8.76
C GLY A 4 -12.27 27.18 -10.14
N SER A 5 -12.16 28.08 -11.13
CA SER A 5 -11.89 27.68 -12.50
C SER A 5 -10.40 27.46 -12.72
N SER A 6 -10.02 26.25 -13.10
CA SER A 6 -8.62 25.91 -13.34
C SER A 6 -8.51 24.70 -14.27
N GLY A 7 -7.44 24.68 -15.07
CA GLY A 7 -7.23 23.59 -15.98
C GLY A 7 -5.85 22.96 -15.85
N GLN A 8 -5.63 22.29 -14.73
CA GLN A 8 -4.34 21.64 -14.47
C GLN A 8 -4.51 20.13 -14.35
N PRO A 9 -3.42 19.40 -14.61
CA PRO A 9 -3.41 17.92 -14.53
C PRO A 9 -3.52 17.43 -13.10
N ILE A 10 -4.52 16.59 -12.84
CA ILE A 10 -4.73 16.04 -11.51
C ILE A 10 -3.41 15.64 -10.86
N LYS A 11 -3.41 15.58 -9.54
CA LYS A 11 -2.20 15.21 -8.80
C LYS A 11 -1.59 13.93 -9.36
N GLN A 12 -0.40 13.59 -8.87
CA GLN A 12 0.30 12.39 -9.33
C GLN A 12 -0.61 11.16 -9.19
N GLU A 13 -0.13 10.03 -9.71
CA GLU A 13 -0.89 8.78 -9.65
C GLU A 13 -0.20 7.78 -8.74
N LEU A 14 -0.64 7.71 -7.49
CA LEU A 14 -0.08 6.79 -6.52
C LEU A 14 -0.22 5.34 -6.99
N SER A 15 0.91 4.68 -7.20
CA SER A 15 0.91 3.29 -7.65
C SER A 15 1.29 2.35 -6.51
N CYS A 16 0.49 1.31 -6.33
CA CYS A 16 0.74 0.33 -5.27
C CYS A 16 1.76 -0.71 -5.73
N LYS A 17 3.04 -0.45 -5.47
CA LYS A 17 4.11 -1.36 -5.86
C LYS A 17 4.15 -2.56 -4.93
N TRP A 18 3.05 -3.30 -4.87
CA TRP A 18 2.96 -4.48 -4.02
C TRP A 18 3.15 -5.75 -4.83
N ILE A 19 4.36 -6.31 -4.79
CA ILE A 19 4.67 -7.53 -5.52
C ILE A 19 4.28 -8.77 -4.71
N ASP A 20 3.02 -9.17 -4.82
CA ASP A 20 2.53 -10.34 -4.11
C ASP A 20 3.37 -11.56 -4.42
N GLU A 21 2.94 -12.72 -3.92
CA GLU A 21 3.66 -13.96 -4.14
C GLU A 21 2.73 -15.04 -4.69
N ALA A 22 1.49 -15.03 -4.24
CA ALA A 22 0.50 -16.00 -4.68
C ALA A 22 -0.47 -15.37 -5.67
N GLN A 23 0.03 -14.44 -6.47
CA GLN A 23 -0.79 -13.77 -7.48
C GLN A 23 -1.10 -14.70 -8.64
N LEU A 24 -2.30 -14.57 -9.20
CA LEU A 24 -2.72 -15.40 -10.31
C LEU A 24 -1.82 -15.19 -11.52
N SER A 25 -1.24 -14.00 -11.62
CA SER A 25 -0.35 -13.67 -12.73
C SER A 25 1.10 -13.91 -12.34
N ARG A 26 1.95 -14.13 -13.34
CA ARG A 26 3.37 -14.37 -13.11
C ARG A 26 4.20 -13.93 -14.31
N PRO A 27 5.52 -13.75 -14.09
CA PRO A 27 6.12 -13.94 -12.77
C PRO A 27 5.70 -12.87 -11.77
N LYS A 28 5.95 -13.13 -10.49
CA LYS A 28 5.60 -12.18 -9.44
C LYS A 28 5.77 -10.75 -9.91
N LYS A 29 4.69 -10.15 -10.40
CA LYS A 29 4.72 -8.77 -10.88
C LYS A 29 4.23 -7.81 -9.81
N SER A 30 4.29 -6.51 -10.12
CA SER A 30 3.84 -5.49 -9.17
C SER A 30 2.34 -5.28 -9.27
N CYS A 31 1.64 -5.46 -8.15
CA CYS A 31 0.20 -5.29 -8.10
C CYS A 31 -0.24 -4.10 -8.95
N ASP A 32 0.49 -3.00 -8.83
CA ASP A 32 0.18 -1.80 -9.60
C ASP A 32 -1.22 -1.29 -9.26
N ARG A 33 -1.49 -0.03 -9.60
CA ARG A 33 -2.78 0.58 -9.32
C ARG A 33 -2.73 2.08 -9.51
N THR A 34 -3.88 2.73 -9.41
CA THR A 34 -3.97 4.18 -9.56
C THR A 34 -4.98 4.78 -8.58
N PHE A 35 -4.47 5.55 -7.62
CA PHE A 35 -5.32 6.18 -6.62
C PHE A 35 -5.17 7.70 -6.66
N SER A 36 -6.28 8.40 -6.47
CA SER A 36 -6.29 9.86 -6.49
C SER A 36 -6.05 10.43 -5.09
N THR A 37 -6.38 9.63 -4.07
CA THR A 37 -6.20 10.05 -2.69
C THR A 37 -5.24 9.12 -1.96
N MET A 38 -4.35 9.71 -1.17
CA MET A 38 -3.37 8.93 -0.41
C MET A 38 -4.07 7.95 0.52
N HIS A 39 -5.26 8.32 0.97
CA HIS A 39 -6.04 7.47 1.87
C HIS A 39 -6.32 6.12 1.23
N GLU A 40 -6.58 6.14 -0.08
CA GLU A 40 -6.88 4.90 -0.81
C GLU A 40 -5.71 3.93 -0.72
N LEU A 41 -4.58 4.30 -1.29
CA LEU A 41 -3.39 3.45 -1.28
C LEU A 41 -3.23 2.78 0.07
N VAL A 42 -3.21 3.58 1.14
CA VAL A 42 -3.06 3.05 2.49
C VAL A 42 -4.19 2.10 2.83
N THR A 43 -5.40 2.42 2.39
CA THR A 43 -6.56 1.57 2.65
C THR A 43 -6.60 0.37 1.70
N HIS A 44 -5.78 0.43 0.65
CA HIS A 44 -5.72 -0.65 -0.32
C HIS A 44 -4.86 -1.80 0.21
N VAL A 45 -3.57 -1.55 0.38
CA VAL A 45 -2.65 -2.56 0.87
C VAL A 45 -3.08 -3.08 2.23
N THR A 46 -4.05 -2.40 2.84
CA THR A 46 -4.55 -2.80 4.14
C THR A 46 -5.43 -4.05 4.04
N MET A 47 -6.54 -3.93 3.33
CA MET A 47 -7.46 -5.04 3.15
C MET A 47 -7.13 -5.82 1.87
N GLU A 48 -6.97 -5.09 0.77
CA GLU A 48 -6.66 -5.70 -0.51
C GLU A 48 -5.47 -6.65 -0.39
N HIS A 49 -4.47 -6.25 0.40
CA HIS A 49 -3.29 -7.06 0.62
C HIS A 49 -3.25 -7.62 2.03
N VAL A 50 -2.79 -6.81 2.98
CA VAL A 50 -2.70 -7.22 4.37
C VAL A 50 -3.97 -7.96 4.80
N GLY A 51 -5.10 -7.55 4.25
CA GLY A 51 -6.36 -8.17 4.59
C GLY A 51 -6.69 -8.05 6.06
N GLY A 52 -7.93 -8.38 6.42
CA GLY A 52 -8.36 -8.29 7.81
C GLY A 52 -7.55 -9.20 8.72
N PRO A 53 -7.95 -9.28 10.00
CA PRO A 53 -7.28 -10.11 10.99
C PRO A 53 -7.49 -11.60 10.74
N GLU A 54 -8.28 -11.91 9.72
CA GLU A 54 -8.56 -13.31 9.37
C GLU A 54 -7.69 -13.76 8.20
N GLN A 55 -6.55 -13.09 8.02
CA GLN A 55 -5.63 -13.41 6.94
C GLN A 55 -4.58 -14.41 7.40
N ASN A 56 -3.92 -15.07 6.45
CA ASN A 56 -2.89 -16.05 6.77
C ASN A 56 -1.52 -15.55 6.32
N ASN A 57 -0.65 -15.27 7.29
CA ASN A 57 0.69 -14.79 6.98
C ASN A 57 0.69 -13.29 6.72
N HIS A 58 1.66 -12.58 7.29
CA HIS A 58 1.77 -11.14 7.11
C HIS A 58 3.16 -10.75 6.64
N VAL A 59 3.29 -10.49 5.34
CA VAL A 59 4.57 -10.11 4.76
C VAL A 59 4.45 -8.81 3.97
N CYS A 60 5.50 -8.00 4.01
CA CYS A 60 5.51 -6.73 3.30
C CYS A 60 6.09 -6.89 1.90
N TYR A 61 5.20 -7.09 0.93
CA TYR A 61 5.62 -7.27 -0.46
C TYR A 61 5.73 -5.93 -1.17
N TRP A 62 6.96 -5.53 -1.50
CA TRP A 62 7.19 -4.26 -2.18
C TRP A 62 8.36 -4.38 -3.16
N GLU A 63 8.39 -3.48 -4.14
CA GLU A 63 9.46 -3.49 -5.13
C GLU A 63 10.76 -2.94 -4.55
N GLU A 64 10.64 -2.08 -3.54
CA GLU A 64 11.80 -1.49 -2.90
C GLU A 64 11.63 -1.47 -1.38
N CYS A 65 11.54 -2.66 -0.79
CA CYS A 65 11.38 -2.78 0.65
C CYS A 65 12.65 -3.31 1.30
N PRO A 66 12.96 -2.81 2.51
CA PRO A 66 14.16 -3.22 3.26
C PRO A 66 14.05 -4.66 3.77
N ARG A 67 12.87 -5.01 4.29
CA ARG A 67 12.64 -6.34 4.82
C ARG A 67 12.53 -7.37 3.69
N GLU A 68 12.37 -6.87 2.47
CA GLU A 68 12.25 -7.74 1.30
C GLU A 68 11.04 -8.67 1.44
N GLY A 69 10.20 -8.40 2.41
CA GLY A 69 9.02 -9.21 2.64
C GLY A 69 9.25 -10.31 3.66
N LYS A 70 10.37 -10.21 4.38
CA LYS A 70 10.70 -11.21 5.40
C LYS A 70 9.45 -11.73 6.08
N SER A 71 8.97 -11.00 7.07
CA SER A 71 7.78 -11.39 7.82
C SER A 71 7.71 -10.66 9.16
N PHE A 72 6.51 -10.63 9.74
CA PHE A 72 6.31 -9.97 11.02
C PHE A 72 5.76 -10.94 12.06
N LYS A 73 5.57 -10.45 13.28
CA LYS A 73 5.05 -11.28 14.36
C LYS A 73 3.66 -10.81 14.79
N ALA A 74 3.17 -9.77 14.14
CA ALA A 74 1.85 -9.22 14.45
C ALA A 74 1.11 -8.82 13.18
N LYS A 75 -0.22 -8.72 13.29
CA LYS A 75 -1.04 -8.34 12.14
C LYS A 75 -0.89 -6.86 11.83
N TYR A 76 -1.13 -6.01 12.82
CA TYR A 76 -1.01 -4.57 12.64
C TYR A 76 0.41 -4.18 12.25
N LYS A 77 1.38 -4.90 12.79
CA LYS A 77 2.79 -4.64 12.51
C LYS A 77 3.00 -4.40 11.01
N LEU A 78 2.45 -5.29 10.20
CA LEU A 78 2.58 -5.18 8.75
C LEU A 78 2.14 -3.80 8.26
N VAL A 79 0.85 -3.51 8.40
CA VAL A 79 0.30 -2.23 7.99
C VAL A 79 1.13 -1.08 8.52
N ASN A 80 1.67 -1.25 9.73
CA ASN A 80 2.49 -0.22 10.36
C ASN A 80 3.75 0.05 9.53
N HIS A 81 4.44 -1.01 9.15
CA HIS A 81 5.65 -0.89 8.36
C HIS A 81 5.33 -0.46 6.93
N ILE A 82 4.18 -0.89 6.43
CA ILE A 82 3.76 -0.55 5.08
C ILE A 82 3.69 0.97 4.89
N ARG A 83 3.21 1.65 5.92
CA ARG A 83 3.10 3.12 5.88
C ARG A 83 4.41 3.75 5.41
N VAL A 84 5.52 3.32 6.00
CA VAL A 84 6.82 3.85 5.64
C VAL A 84 7.04 3.81 4.12
N HIS A 85 6.38 2.86 3.46
CA HIS A 85 6.49 2.73 2.02
C HIS A 85 5.49 3.63 1.31
N THR A 86 4.22 3.49 1.64
CA THR A 86 3.17 4.29 1.03
C THR A 86 3.59 5.75 0.92
N GLY A 87 4.31 6.24 1.93
CA GLY A 87 4.77 7.62 1.92
C GLY A 87 3.92 8.52 2.80
N GLU A 88 2.88 7.94 3.41
CA GLU A 88 2.00 8.70 4.28
C GLU A 88 2.74 9.20 5.52
N LYS A 89 2.01 9.39 6.61
CA LYS A 89 2.60 9.86 7.85
C LYS A 89 3.01 8.69 8.74
N SER A 90 3.93 8.94 9.66
CA SER A 90 4.41 7.90 10.57
C SER A 90 4.91 8.52 11.87
N GLY A 91 4.52 9.77 12.13
CA GLY A 91 4.94 10.44 13.35
C GLY A 91 6.42 10.74 13.35
N PRO A 92 6.91 11.35 14.44
CA PRO A 92 8.32 11.70 14.60
C PRO A 92 9.21 10.48 14.76
N SER A 93 10.51 10.66 14.53
CA SER A 93 11.47 9.57 14.65
C SER A 93 12.56 9.92 15.65
N SER A 94 12.19 9.96 16.93
CA SER A 94 13.15 10.29 17.98
C SER A 94 13.46 9.06 18.83
N GLY A 95 12.43 8.32 19.21
CA GLY A 95 12.62 7.13 20.01
C GLY A 95 11.74 5.98 19.55
ZN ZN B . -1.91 -3.40 -4.28
ZN ZN C . 8.52 -3.29 3.72
N GLY A 1 -30.60 21.80 -16.30
CA GLY A 1 -29.71 21.39 -15.23
C GLY A 1 -28.79 22.51 -14.79
N SER A 2 -28.23 22.37 -13.59
CA SER A 2 -27.33 23.39 -13.04
C SER A 2 -26.24 22.74 -12.20
N SER A 3 -25.48 21.83 -12.81
CA SER A 3 -24.40 21.14 -12.11
C SER A 3 -23.11 21.96 -12.17
N GLY A 4 -22.17 21.63 -11.29
CA GLY A 4 -20.90 22.34 -11.26
C GLY A 4 -20.32 22.56 -12.64
N SER A 5 -19.71 23.71 -12.84
CA SER A 5 -19.10 24.04 -14.13
C SER A 5 -17.66 24.50 -13.96
N SER A 6 -16.91 23.79 -13.12
CA SER A 6 -15.52 24.12 -12.86
C SER A 6 -14.61 22.95 -13.19
N GLY A 7 -13.33 23.23 -13.40
CA GLY A 7 -12.38 22.19 -13.73
C GLY A 7 -11.24 22.11 -12.72
N GLN A 8 -10.90 20.89 -12.33
CA GLN A 8 -9.82 20.67 -11.36
C GLN A 8 -8.57 20.13 -12.05
N PRO A 9 -7.40 20.54 -11.54
CA PRO A 9 -6.11 20.12 -12.09
C PRO A 9 -5.83 18.64 -11.83
N ILE A 10 -5.51 17.90 -12.89
CA ILE A 10 -5.21 16.49 -12.78
C ILE A 10 -4.34 16.20 -11.55
N LYS A 11 -4.39 14.96 -11.09
CA LYS A 11 -3.61 14.55 -9.93
C LYS A 11 -2.61 13.46 -10.29
N GLN A 12 -1.61 13.25 -9.45
CA GLN A 12 -0.60 12.23 -9.69
C GLN A 12 -1.14 10.84 -9.38
N GLU A 13 -0.34 9.82 -9.67
CA GLU A 13 -0.74 8.44 -9.42
C GLU A 13 0.23 7.75 -8.47
N LEU A 14 -0.23 7.48 -7.26
CA LEU A 14 0.60 6.83 -6.25
C LEU A 14 0.92 5.40 -6.66
N SER A 15 -0.10 4.65 -7.06
CA SER A 15 0.07 3.27 -7.48
C SER A 15 0.57 2.42 -6.32
N CYS A 16 0.08 1.18 -6.24
CA CYS A 16 0.47 0.26 -5.18
C CYS A 16 1.54 -0.71 -5.69
N LYS A 17 2.80 -0.40 -5.40
CA LYS A 17 3.91 -1.23 -5.82
C LYS A 17 4.03 -2.46 -4.93
N TRP A 18 2.92 -3.19 -4.79
CA TRP A 18 2.90 -4.40 -3.96
C TRP A 18 3.15 -5.64 -4.81
N ILE A 19 4.40 -6.06 -4.89
CA ILE A 19 4.76 -7.25 -5.66
C ILE A 19 4.60 -8.52 -4.83
N ASP A 20 3.45 -9.17 -4.97
CA ASP A 20 3.18 -10.40 -4.24
C ASP A 20 4.18 -11.50 -4.61
N GLU A 21 3.76 -12.74 -4.43
CA GLU A 21 4.62 -13.89 -4.75
C GLU A 21 3.79 -15.05 -5.28
N ALA A 22 4.22 -15.60 -6.42
CA ALA A 22 3.52 -16.72 -7.03
C ALA A 22 2.17 -16.29 -7.58
N GLN A 23 1.86 -15.00 -7.46
CA GLN A 23 0.60 -14.46 -7.94
C GLN A 23 0.21 -15.08 -9.28
N LEU A 24 -1.04 -15.47 -9.41
CA LEU A 24 -1.54 -16.07 -10.65
C LEU A 24 -0.91 -15.41 -11.86
N SER A 25 -0.79 -14.09 -11.82
CA SER A 25 -0.19 -13.34 -12.92
C SER A 25 1.32 -13.25 -12.77
N ARG A 26 2.04 -14.08 -13.51
CA ARG A 26 3.49 -14.10 -13.47
C ARG A 26 4.09 -13.55 -14.76
N PRO A 27 5.37 -13.16 -14.70
CA PRO A 27 6.17 -13.25 -13.48
C PRO A 27 5.71 -12.25 -12.42
N LYS A 28 6.17 -12.46 -11.18
CA LYS A 28 5.82 -11.57 -10.08
C LYS A 28 5.83 -10.11 -10.52
N LYS A 29 4.67 -9.62 -10.96
CA LYS A 29 4.54 -8.24 -11.40
C LYS A 29 3.89 -7.38 -10.33
N SER A 30 4.17 -6.08 -10.37
CA SER A 30 3.60 -5.14 -9.40
C SER A 30 2.09 -5.28 -9.33
N CYS A 31 1.54 -5.16 -8.13
CA CYS A 31 0.11 -5.27 -7.93
C CYS A 31 -0.66 -4.58 -9.05
N ASP A 32 -0.05 -3.54 -9.62
CA ASP A 32 -0.68 -2.80 -10.71
C ASP A 32 -1.95 -2.11 -10.24
N ARG A 33 -1.84 -0.84 -9.89
CA ARG A 33 -2.99 -0.07 -9.42
C ARG A 33 -2.72 1.42 -9.54
N THR A 34 -3.76 2.22 -9.32
CA THR A 34 -3.64 3.67 -9.40
C THR A 34 -4.65 4.37 -8.49
N PHE A 35 -4.16 5.20 -7.59
CA PHE A 35 -5.02 5.92 -6.65
C PHE A 35 -4.79 7.43 -6.75
N SER A 36 -5.84 8.20 -6.51
CA SER A 36 -5.75 9.65 -6.57
C SER A 36 -5.47 10.24 -5.19
N THR A 37 -5.85 9.51 -4.16
CA THR A 37 -5.64 9.96 -2.79
C THR A 37 -4.78 8.97 -2.01
N MET A 38 -3.87 9.49 -1.19
CA MET A 38 -3.00 8.64 -0.39
C MET A 38 -3.81 7.74 0.53
N HIS A 39 -4.96 8.23 0.97
CA HIS A 39 -5.83 7.46 1.86
C HIS A 39 -6.14 6.09 1.26
N GLU A 40 -6.45 6.07 -0.03
CA GLU A 40 -6.78 4.82 -0.72
C GLU A 40 -5.63 3.83 -0.61
N LEU A 41 -4.46 4.24 -1.10
CA LEU A 41 -3.28 3.39 -1.06
C LEU A 41 -3.12 2.73 0.30
N VAL A 42 -3.03 3.55 1.35
CA VAL A 42 -2.89 3.04 2.71
C VAL A 42 -4.01 2.07 3.06
N THR A 43 -5.22 2.38 2.62
CA THR A 43 -6.38 1.54 2.88
C THR A 43 -6.43 0.35 1.92
N HIS A 44 -5.64 0.44 0.84
CA HIS A 44 -5.59 -0.63 -0.15
C HIS A 44 -4.73 -1.78 0.34
N VAL A 45 -3.44 -1.53 0.52
CA VAL A 45 -2.51 -2.55 0.98
C VAL A 45 -2.95 -3.11 2.33
N THR A 46 -3.90 -2.43 2.96
CA THR A 46 -4.40 -2.87 4.27
C THR A 46 -5.28 -4.10 4.14
N MET A 47 -6.39 -3.97 3.42
CA MET A 47 -7.31 -5.08 3.22
C MET A 47 -6.99 -5.82 1.93
N GLU A 48 -6.85 -5.08 0.84
CA GLU A 48 -6.54 -5.66 -0.46
C GLU A 48 -5.39 -6.64 -0.35
N HIS A 49 -4.38 -6.27 0.43
CA HIS A 49 -3.20 -7.12 0.62
C HIS A 49 -3.16 -7.67 2.04
N VAL A 50 -2.66 -6.86 2.97
CA VAL A 50 -2.56 -7.27 4.37
C VAL A 50 -3.81 -7.99 4.82
N GLY A 51 -4.94 -7.69 4.17
CA GLY A 51 -6.20 -8.33 4.53
C GLY A 51 -6.51 -8.21 6.01
N GLY A 52 -7.72 -8.61 6.38
CA GLY A 52 -8.12 -8.53 7.78
C GLY A 52 -7.30 -9.45 8.66
N PRO A 53 -7.74 -9.60 9.92
CA PRO A 53 -7.06 -10.44 10.91
C PRO A 53 -7.18 -11.93 10.57
N GLU A 54 -7.87 -12.23 9.49
CA GLU A 54 -8.06 -13.61 9.06
C GLU A 54 -7.13 -13.97 7.91
N GLN A 55 -6.11 -13.15 7.71
CA GLN A 55 -5.15 -13.37 6.63
C GLN A 55 -4.07 -14.36 7.06
N ASN A 56 -3.81 -15.35 6.22
CA ASN A 56 -2.82 -16.37 6.51
C ASN A 56 -1.46 -15.99 5.91
N ASN A 57 -0.52 -15.60 6.78
CA ASN A 57 0.81 -15.22 6.33
C ASN A 57 0.82 -13.77 5.84
N HIS A 58 1.10 -12.85 6.75
CA HIS A 58 1.15 -11.43 6.40
C HIS A 58 2.59 -10.96 6.21
N VAL A 59 2.99 -10.81 4.96
CA VAL A 59 4.34 -10.36 4.64
C VAL A 59 4.32 -9.06 3.84
N CYS A 60 5.33 -8.23 4.04
CA CYS A 60 5.44 -6.96 3.34
C CYS A 60 6.03 -7.15 1.95
N TYR A 61 5.22 -6.92 0.93
CA TYR A 61 5.67 -7.08 -0.46
C TYR A 61 5.71 -5.72 -1.16
N TRP A 62 6.91 -5.30 -1.55
CA TRP A 62 7.09 -4.03 -2.23
C TRP A 62 8.24 -4.10 -3.23
N GLU A 63 8.35 -3.09 -4.08
CA GLU A 63 9.41 -3.04 -5.09
C GLU A 63 10.72 -2.55 -4.48
N GLU A 64 10.61 -1.70 -3.47
CA GLU A 64 11.78 -1.14 -2.81
C GLU A 64 11.61 -1.16 -1.29
N CYS A 65 11.52 -2.36 -0.73
CA CYS A 65 11.36 -2.52 0.71
C CYS A 65 12.59 -3.15 1.34
N PRO A 66 12.94 -2.70 2.55
CA PRO A 66 14.10 -3.21 3.28
C PRO A 66 13.91 -4.64 3.77
N ARG A 67 12.71 -4.93 4.27
CA ARG A 67 12.39 -6.26 4.77
C ARG A 67 12.25 -7.25 3.62
N GLU A 68 12.13 -6.73 2.40
CA GLU A 68 12.00 -7.57 1.22
C GLU A 68 11.04 -8.73 1.49
N GLY A 69 10.15 -8.54 2.46
CA GLY A 69 9.18 -9.58 2.79
C GLY A 69 9.69 -10.50 3.87
N LYS A 70 10.43 -9.95 4.82
CA LYS A 70 10.97 -10.73 5.93
C LYS A 70 9.85 -11.29 6.81
N SER A 71 8.64 -10.81 6.58
CA SER A 71 7.48 -11.26 7.35
C SER A 71 7.45 -10.59 8.71
N PHE A 72 6.26 -10.53 9.31
CA PHE A 72 6.09 -9.92 10.63
C PHE A 72 5.55 -10.93 11.63
N LYS A 73 5.26 -10.45 12.84
CA LYS A 73 4.73 -11.31 13.89
C LYS A 73 3.24 -11.09 14.09
N ALA A 74 2.81 -9.83 13.96
CA ALA A 74 1.41 -9.48 14.13
C ALA A 74 0.84 -8.90 12.84
N LYS A 75 -0.46 -8.63 12.85
CA LYS A 75 -1.14 -8.06 11.69
C LYS A 75 -0.95 -6.55 11.63
N TYR A 76 -1.30 -5.88 12.71
CA TYR A 76 -1.17 -4.43 12.79
C TYR A 76 0.27 -3.99 12.56
N LYS A 77 1.21 -4.74 13.14
CA LYS A 77 2.62 -4.44 13.00
C LYS A 77 3.02 -4.36 11.53
N LEU A 78 2.32 -5.11 10.69
CA LEU A 78 2.59 -5.12 9.26
C LEU A 78 2.17 -3.81 8.61
N VAL A 79 0.93 -3.41 8.84
CA VAL A 79 0.41 -2.17 8.28
C VAL A 79 1.22 -0.97 8.75
N ASN A 80 1.76 -1.07 9.97
CA ASN A 80 2.56 0.02 10.54
C ASN A 80 3.78 0.31 9.66
N HIS A 81 4.50 -0.74 9.29
CA HIS A 81 5.69 -0.59 8.46
C HIS A 81 5.30 -0.17 7.05
N ILE A 82 4.25 -0.78 6.51
CA ILE A 82 3.78 -0.46 5.17
C ILE A 82 3.72 1.05 4.95
N ARG A 83 3.26 1.77 5.97
CA ARG A 83 3.16 3.22 5.89
C ARG A 83 4.44 3.84 5.33
N VAL A 84 5.58 3.41 5.87
CA VAL A 84 6.87 3.91 5.43
C VAL A 84 6.98 3.89 3.91
N HIS A 85 6.29 2.93 3.29
CA HIS A 85 6.32 2.80 1.84
C HIS A 85 5.28 3.72 1.19
N THR A 86 4.02 3.54 1.56
CA THR A 86 2.94 4.35 1.02
C THR A 86 3.36 5.80 0.87
N GLY A 87 4.05 6.33 1.88
CA GLY A 87 4.51 7.70 1.85
C GLY A 87 3.68 8.61 2.75
N GLU A 88 2.90 8.00 3.63
CA GLU A 88 2.06 8.77 4.55
C GLU A 88 2.74 8.92 5.91
N LYS A 89 1.93 9.07 6.96
CA LYS A 89 2.45 9.22 8.31
C LYS A 89 3.41 8.07 8.66
N SER A 90 4.47 8.40 9.38
CA SER A 90 5.45 7.41 9.78
C SER A 90 5.12 6.83 11.16
N GLY A 91 5.46 5.55 11.35
CA GLY A 91 5.18 4.91 12.62
C GLY A 91 3.81 5.23 13.15
N PRO A 92 3.61 5.05 14.47
CA PRO A 92 2.33 5.32 15.13
C PRO A 92 2.02 6.80 15.20
N SER A 93 1.34 7.31 14.17
CA SER A 93 0.98 8.72 14.10
C SER A 93 2.11 9.59 14.64
N SER A 94 3.34 9.20 14.36
CA SER A 94 4.52 9.94 14.81
C SER A 94 4.43 10.22 16.30
N GLY A 95 4.44 9.17 17.11
CA GLY A 95 4.37 9.32 18.55
C GLY A 95 5.53 10.11 19.11
ZN ZN B . -2.17 -3.57 -4.13
ZN ZN C . 8.27 -3.18 3.76
N GLY A 1 -24.14 26.18 -0.91
CA GLY A 1 -23.10 25.25 -1.29
C GLY A 1 -21.99 25.91 -2.08
N SER A 2 -21.08 26.57 -1.39
CA SER A 2 -19.96 27.25 -2.03
C SER A 2 -19.15 26.28 -2.90
N SER A 3 -19.53 26.19 -4.17
CA SER A 3 -18.85 25.30 -5.10
C SER A 3 -19.30 25.58 -6.54
N GLY A 4 -18.79 26.67 -7.11
CA GLY A 4 -19.15 27.03 -8.47
C GLY A 4 -18.06 26.67 -9.47
N SER A 5 -18.42 26.66 -10.74
CA SER A 5 -17.48 26.31 -11.81
C SER A 5 -16.08 26.82 -11.46
N SER A 6 -15.22 25.93 -10.98
CA SER A 6 -13.86 26.29 -10.61
C SER A 6 -12.85 25.35 -11.26
N GLY A 7 -11.61 25.81 -11.41
CA GLY A 7 -10.59 25.00 -12.02
C GLY A 7 -9.42 24.74 -11.08
N GLN A 8 -8.74 23.62 -11.29
CA GLN A 8 -7.61 23.25 -10.45
C GLN A 8 -6.53 22.52 -11.26
N PRO A 9 -5.28 22.58 -10.79
CA PRO A 9 -4.15 21.94 -11.47
C PRO A 9 -4.22 20.42 -11.36
N ILE A 10 -3.70 19.74 -12.38
CA ILE A 10 -3.69 18.28 -12.41
C ILE A 10 -3.21 17.71 -11.08
N LYS A 11 -3.57 16.47 -10.81
CA LYS A 11 -3.18 15.80 -9.58
C LYS A 11 -2.21 14.65 -9.87
N GLN A 12 -1.59 14.13 -8.82
CA GLN A 12 -0.64 13.02 -8.97
C GLN A 12 -1.36 11.68 -8.89
N GLU A 13 -0.69 10.63 -9.34
CA GLU A 13 -1.27 9.28 -9.33
C GLU A 13 -0.44 8.36 -8.43
N LEU A 14 -1.10 7.77 -7.44
CA LEU A 14 -0.42 6.86 -6.52
C LEU A 14 -0.51 5.42 -7.02
N SER A 15 0.65 4.82 -7.26
CA SER A 15 0.71 3.44 -7.75
C SER A 15 1.08 2.48 -6.62
N CYS A 16 0.32 1.39 -6.52
CA CYS A 16 0.55 0.39 -5.48
C CYS A 16 1.63 -0.60 -5.92
N LYS A 17 2.88 -0.30 -5.58
CA LYS A 17 4.00 -1.17 -5.93
C LYS A 17 4.05 -2.38 -5.01
N TRP A 18 2.95 -3.11 -4.93
CA TRP A 18 2.88 -4.31 -4.09
C TRP A 18 3.13 -5.57 -4.90
N ILE A 19 4.35 -6.08 -4.82
CA ILE A 19 4.72 -7.28 -5.56
C ILE A 19 4.52 -8.53 -4.70
N ASP A 20 3.38 -9.17 -4.86
CA ASP A 20 3.07 -10.38 -4.10
C ASP A 20 4.11 -11.46 -4.34
N GLU A 21 3.85 -12.67 -3.85
CA GLU A 21 4.78 -13.78 -4.01
C GLU A 21 4.06 -15.00 -4.58
N ALA A 22 4.59 -15.53 -5.68
CA ALA A 22 4.00 -16.69 -6.33
C ALA A 22 2.64 -16.36 -6.93
N GLN A 23 2.25 -15.10 -6.83
CA GLN A 23 0.97 -14.66 -7.37
C GLN A 23 0.66 -15.35 -8.69
N LEU A 24 -0.62 -15.59 -8.95
CA LEU A 24 -1.05 -16.24 -10.18
C LEU A 24 -0.43 -15.56 -11.41
N SER A 25 -0.25 -14.25 -11.32
CA SER A 25 0.33 -13.48 -12.41
C SER A 25 1.84 -13.36 -12.25
N ARG A 26 2.58 -14.22 -12.96
CA ARG A 26 4.03 -14.21 -12.90
C ARG A 26 4.63 -13.68 -14.20
N PRO A 27 5.91 -13.28 -14.14
CA PRO A 27 6.70 -13.33 -12.91
C PRO A 27 6.22 -12.31 -11.87
N LYS A 28 6.68 -12.47 -10.64
CA LYS A 28 6.30 -11.58 -9.55
C LYS A 28 6.34 -10.12 -10.01
N LYS A 29 5.20 -9.62 -10.48
CA LYS A 29 5.10 -8.25 -10.95
C LYS A 29 4.34 -7.39 -9.95
N SER A 30 4.46 -6.07 -10.10
CA SER A 30 3.78 -5.13 -9.21
C SER A 30 2.27 -5.29 -9.31
N CYS A 31 1.60 -5.23 -8.16
CA CYS A 31 0.15 -5.36 -8.11
C CYS A 31 -0.52 -4.40 -9.10
N ASP A 32 0.16 -3.30 -9.39
CA ASP A 32 -0.36 -2.30 -10.32
C ASP A 32 -1.65 -1.69 -9.78
N ARG A 33 -1.81 -0.38 -10.00
CA ARG A 33 -3.00 0.32 -9.54
C ARG A 33 -2.78 1.83 -9.57
N THR A 34 -3.86 2.58 -9.37
CA THR A 34 -3.79 4.04 -9.38
C THR A 34 -4.82 4.65 -8.44
N PHE A 35 -4.36 5.51 -7.55
CA PHE A 35 -5.24 6.17 -6.59
C PHE A 35 -5.01 7.67 -6.57
N SER A 36 -6.07 8.42 -6.28
CA SER A 36 -5.99 9.88 -6.25
C SER A 36 -5.65 10.36 -4.84
N THR A 37 -6.11 9.63 -3.84
CA THR A 37 -5.85 9.99 -2.45
C THR A 37 -4.97 8.95 -1.78
N MET A 38 -4.05 9.43 -0.93
CA MET A 38 -3.15 8.53 -0.21
C MET A 38 -3.92 7.57 0.69
N HIS A 39 -5.03 8.03 1.22
CA HIS A 39 -5.87 7.22 2.10
C HIS A 39 -6.23 5.90 1.43
N GLU A 40 -6.60 5.98 0.14
CA GLU A 40 -6.97 4.79 -0.61
C GLU A 40 -5.83 3.77 -0.63
N LEU A 41 -4.66 4.21 -1.09
CA LEU A 41 -3.50 3.34 -1.16
C LEU A 41 -3.28 2.61 0.15
N VAL A 42 -3.20 3.37 1.24
CA VAL A 42 -3.00 2.80 2.56
C VAL A 42 -4.10 1.81 2.91
N THR A 43 -5.33 2.13 2.52
CA THR A 43 -6.47 1.27 2.79
C THR A 43 -6.51 0.09 1.81
N HIS A 44 -5.78 0.21 0.71
CA HIS A 44 -5.73 -0.84 -0.29
C HIS A 44 -4.83 -1.99 0.17
N VAL A 45 -3.54 -1.70 0.30
CA VAL A 45 -2.57 -2.71 0.73
C VAL A 45 -2.97 -3.31 2.07
N THR A 46 -3.91 -2.65 2.75
CA THR A 46 -4.38 -3.13 4.04
C THR A 46 -5.18 -4.42 3.91
N MET A 47 -6.34 -4.32 3.26
CA MET A 47 -7.20 -5.48 3.06
C MET A 47 -6.90 -6.15 1.72
N GLU A 48 -6.80 -5.35 0.67
CA GLU A 48 -6.52 -5.88 -0.67
C GLU A 48 -5.30 -6.80 -0.63
N HIS A 49 -4.30 -6.41 0.14
CA HIS A 49 -3.07 -7.20 0.25
C HIS A 49 -2.96 -7.83 1.63
N VAL A 50 -2.49 -7.05 2.60
CA VAL A 50 -2.32 -7.52 3.97
C VAL A 50 -3.53 -8.35 4.40
N GLY A 51 -4.68 -8.09 3.78
CA GLY A 51 -5.88 -8.83 4.11
C GLY A 51 -6.67 -8.17 5.23
N GLY A 52 -6.01 -7.93 6.36
CA GLY A 52 -6.68 -7.29 7.48
C GLY A 52 -6.58 -8.12 8.74
N PRO A 53 -7.30 -7.69 9.80
CA PRO A 53 -7.31 -8.38 11.09
C PRO A 53 -8.02 -9.72 11.03
N GLU A 54 -8.64 -10.00 9.88
CA GLU A 54 -9.36 -11.26 9.69
C GLU A 54 -8.60 -12.18 8.75
N GLN A 55 -7.45 -11.72 8.27
CA GLN A 55 -6.64 -12.50 7.34
C GLN A 55 -5.67 -13.40 8.11
N ASN A 56 -5.16 -14.43 7.44
CA ASN A 56 -4.23 -15.36 8.05
C ASN A 56 -2.88 -15.34 7.32
N ASN A 57 -1.86 -14.81 7.99
CA ASN A 57 -0.53 -14.73 7.40
C ASN A 57 -0.41 -13.51 6.48
N HIS A 58 0.21 -12.46 7.00
CA HIS A 58 0.40 -11.23 6.22
C HIS A 58 1.87 -10.81 6.20
N VAL A 59 2.37 -10.50 5.02
CA VAL A 59 3.76 -10.09 4.87
C VAL A 59 3.86 -8.75 4.12
N CYS A 60 5.01 -8.10 4.25
CA CYS A 60 5.23 -6.82 3.59
C CYS A 60 5.87 -7.01 2.22
N TYR A 61 5.09 -6.79 1.16
CA TYR A 61 5.59 -6.94 -0.20
C TYR A 61 5.68 -5.60 -0.90
N TRP A 62 6.88 -5.26 -1.38
CA TRP A 62 7.10 -4.00 -2.07
C TRP A 62 8.31 -4.09 -2.98
N GLU A 63 8.38 -3.20 -3.97
CA GLU A 63 9.49 -3.18 -4.91
C GLU A 63 10.77 -2.71 -4.22
N GLU A 64 10.63 -1.80 -3.27
CA GLU A 64 11.77 -1.26 -2.54
C GLU A 64 11.55 -1.38 -1.03
N CYS A 65 11.45 -2.61 -0.54
CA CYS A 65 11.23 -2.86 0.88
C CYS A 65 12.50 -3.42 1.53
N PRO A 66 12.76 -3.01 2.77
CA PRO A 66 13.94 -3.46 3.52
C PRO A 66 13.83 -4.93 3.94
N ARG A 67 12.64 -5.33 4.38
CA ARG A 67 12.41 -6.71 4.79
C ARG A 67 12.40 -7.65 3.60
N GLU A 68 12.26 -7.07 2.40
CA GLU A 68 12.23 -7.86 1.18
C GLU A 68 11.53 -9.21 1.41
N GLY A 69 10.54 -9.20 2.28
CA GLY A 69 9.80 -10.41 2.58
C GLY A 69 9.61 -10.63 4.07
N LYS A 70 10.68 -10.48 4.83
CA LYS A 70 10.64 -10.66 6.29
C LYS A 70 9.30 -10.18 6.84
N SER A 71 8.40 -11.13 7.11
CA SER A 71 7.08 -10.80 7.64
C SER A 71 7.20 -10.28 9.07
N PHE A 72 6.05 -10.09 9.71
CA PHE A 72 6.01 -9.60 11.08
C PHE A 72 5.36 -10.62 12.01
N LYS A 73 5.17 -10.23 13.27
CA LYS A 73 4.56 -11.11 14.26
C LYS A 73 3.14 -10.65 14.59
N ALA A 74 2.91 -9.35 14.49
CA ALA A 74 1.59 -8.79 14.78
C ALA A 74 0.94 -8.24 13.52
N LYS A 75 -0.37 -8.02 13.58
CA LYS A 75 -1.12 -7.49 12.44
C LYS A 75 -0.71 -6.05 12.15
N TYR A 76 -1.10 -5.14 13.04
CA TYR A 76 -0.78 -3.72 12.86
C TYR A 76 0.70 -3.53 12.54
N LYS A 77 1.54 -4.42 13.06
CA LYS A 77 2.97 -4.35 12.83
C LYS A 77 3.27 -4.30 11.33
N LEU A 78 2.52 -5.08 10.55
CA LEU A 78 2.70 -5.11 9.11
C LEU A 78 2.27 -3.80 8.47
N VAL A 79 0.97 -3.53 8.51
CA VAL A 79 0.42 -2.30 7.94
C VAL A 79 1.20 -1.08 8.43
N ASN A 80 1.85 -1.22 9.57
CA ASN A 80 2.63 -0.13 10.14
C ASN A 80 3.89 0.15 9.32
N HIS A 81 4.67 -0.91 9.08
CA HIS A 81 5.89 -0.79 8.31
C HIS A 81 5.59 -0.53 6.84
N ILE A 82 4.39 -0.92 6.42
CA ILE A 82 3.97 -0.74 5.03
C ILE A 82 3.87 0.74 4.68
N ARG A 83 3.44 1.54 5.65
CA ARG A 83 3.28 2.98 5.44
C ARG A 83 4.59 3.60 4.94
N VAL A 84 5.69 3.25 5.59
CA VAL A 84 7.00 3.77 5.21
C VAL A 84 7.21 3.65 3.70
N HIS A 85 6.52 2.70 3.08
CA HIS A 85 6.65 2.49 1.64
C HIS A 85 5.64 3.36 0.88
N THR A 86 4.42 3.44 1.40
CA THR A 86 3.38 4.25 0.77
C THR A 86 3.80 5.71 0.65
N GLY A 87 4.44 6.21 1.70
CA GLY A 87 4.89 7.60 1.69
C GLY A 87 4.13 8.46 2.68
N GLU A 88 3.12 7.89 3.31
CA GLU A 88 2.30 8.60 4.29
C GLU A 88 2.95 8.56 5.67
N LYS A 89 2.13 8.78 6.70
CA LYS A 89 2.62 8.77 8.07
C LYS A 89 1.58 8.19 9.01
N SER A 90 1.70 8.49 10.30
CA SER A 90 0.76 8.00 11.30
C SER A 90 0.41 9.10 12.30
N GLY A 91 -0.84 9.56 12.25
CA GLY A 91 -1.28 10.60 13.16
C GLY A 91 -0.52 11.89 12.98
N PRO A 92 -1.06 12.99 13.52
CA PRO A 92 -0.44 14.31 13.42
C PRO A 92 0.84 14.42 14.26
N SER A 93 1.65 15.42 13.97
CA SER A 93 2.90 15.63 14.70
C SER A 93 3.49 17.00 14.38
N SER A 94 2.77 18.05 14.77
CA SER A 94 3.22 19.41 14.53
C SER A 94 4.48 19.72 15.33
N GLY A 95 4.79 18.85 16.29
CA GLY A 95 5.97 19.04 17.12
C GLY A 95 7.19 18.35 16.56
ZN ZN B . -2.10 -3.32 -4.54
ZN ZN C . 8.51 -3.46 3.96
N GLY A 1 -21.61 22.69 -9.64
CA GLY A 1 -22.18 23.98 -9.99
C GLY A 1 -21.13 25.03 -10.26
N SER A 2 -21.55 26.28 -10.39
CA SER A 2 -20.64 27.38 -10.65
C SER A 2 -20.86 28.52 -9.66
N SER A 3 -20.65 28.24 -8.38
CA SER A 3 -20.83 29.24 -7.34
C SER A 3 -19.51 29.89 -6.97
N GLY A 4 -19.54 30.79 -5.98
CA GLY A 4 -18.33 31.46 -5.55
C GLY A 4 -17.27 30.50 -5.05
N SER A 5 -16.55 29.87 -5.97
CA SER A 5 -15.51 28.92 -5.61
C SER A 5 -14.53 28.73 -6.76
N SER A 6 -13.37 28.16 -6.45
CA SER A 6 -12.34 27.92 -7.46
C SER A 6 -12.04 26.43 -7.58
N GLY A 7 -11.42 25.88 -6.53
CA GLY A 7 -11.07 24.47 -6.53
C GLY A 7 -9.63 24.22 -6.13
N GLN A 8 -9.01 23.22 -6.75
CA GLN A 8 -7.62 22.88 -6.44
C GLN A 8 -6.93 22.29 -7.67
N PRO A 9 -5.60 22.40 -7.71
CA PRO A 9 -4.78 21.88 -8.81
C PRO A 9 -4.76 20.37 -8.85
N ILE A 10 -4.74 19.80 -10.05
CA ILE A 10 -4.70 18.35 -10.21
C ILE A 10 -3.72 17.71 -9.24
N LYS A 11 -3.88 16.41 -9.03
CA LYS A 11 -3.00 15.67 -8.13
C LYS A 11 -2.24 14.58 -8.87
N GLN A 12 -1.38 13.86 -8.15
CA GLN A 12 -0.59 12.79 -8.73
C GLN A 12 -1.32 11.46 -8.62
N GLU A 13 -0.80 10.43 -9.30
CA GLU A 13 -1.40 9.11 -9.27
C GLU A 13 -0.52 8.12 -8.51
N LEU A 14 -0.99 7.72 -7.33
CA LEU A 14 -0.24 6.78 -6.51
C LEU A 14 -0.39 5.35 -7.03
N SER A 15 0.74 4.66 -7.18
CA SER A 15 0.73 3.30 -7.68
C SER A 15 1.17 2.33 -6.58
N CYS A 16 0.33 1.35 -6.27
CA CYS A 16 0.64 0.36 -5.25
C CYS A 16 1.64 -0.66 -5.78
N LYS A 17 2.92 -0.42 -5.49
CA LYS A 17 3.98 -1.32 -5.92
C LYS A 17 4.06 -2.54 -5.02
N TRP A 18 2.92 -3.17 -4.79
CA TRP A 18 2.86 -4.37 -3.94
C TRP A 18 3.07 -5.63 -4.76
N ILE A 19 4.31 -6.10 -4.83
CA ILE A 19 4.65 -7.30 -5.59
C ILE A 19 4.36 -8.55 -4.77
N ASP A 20 3.18 -9.14 -4.98
CA ASP A 20 2.78 -10.34 -4.27
C ASP A 20 3.84 -11.43 -4.42
N GLU A 21 3.51 -12.64 -3.96
CA GLU A 21 4.43 -13.77 -4.04
C GLU A 21 3.71 -15.02 -4.53
N ALA A 22 4.22 -15.63 -5.59
CA ALA A 22 3.62 -16.83 -6.15
C ALA A 22 2.28 -16.53 -6.80
N GLN A 23 1.92 -15.25 -6.84
CA GLN A 23 0.66 -14.84 -7.44
C GLN A 23 0.35 -15.64 -8.70
N LEU A 24 -0.92 -15.96 -8.89
CA LEU A 24 -1.34 -16.74 -10.06
C LEU A 24 -0.58 -16.30 -11.30
N SER A 25 -0.40 -15.00 -11.45
CA SER A 25 0.30 -14.44 -12.60
C SER A 25 1.80 -14.38 -12.33
N ARG A 26 2.59 -14.55 -13.39
CA ARG A 26 4.05 -14.51 -13.26
C ARG A 26 4.68 -13.96 -14.54
N PRO A 27 5.94 -13.52 -14.44
CA PRO A 27 6.69 -13.56 -13.17
C PRO A 27 6.15 -12.55 -12.15
N LYS A 28 6.55 -12.71 -10.90
CA LYS A 28 6.10 -11.83 -9.83
C LYS A 28 6.03 -10.38 -10.33
N LYS A 29 4.82 -9.94 -10.66
CA LYS A 29 4.60 -8.58 -11.14
C LYS A 29 4.16 -7.66 -10.01
N SER A 30 4.14 -6.36 -10.28
CA SER A 30 3.73 -5.38 -9.28
C SER A 30 2.23 -5.12 -9.35
N CYS A 31 1.58 -5.08 -8.19
CA CYS A 31 0.15 -4.84 -8.12
C CYS A 31 -0.23 -3.62 -8.96
N ASP A 32 0.70 -2.67 -9.10
CA ASP A 32 0.46 -1.47 -9.87
C ASP A 32 -0.67 -0.65 -9.26
N ARG A 33 -1.89 -0.86 -9.76
CA ARG A 33 -3.05 -0.14 -9.26
C ARG A 33 -2.82 1.37 -9.33
N THR A 34 -3.88 2.13 -9.06
CA THR A 34 -3.79 3.59 -9.08
C THR A 34 -4.83 4.22 -8.15
N PHE A 35 -4.38 5.15 -7.32
CA PHE A 35 -5.27 5.83 -6.39
C PHE A 35 -5.16 7.35 -6.53
N SER A 36 -6.17 8.06 -6.03
CA SER A 36 -6.19 9.51 -6.11
C SER A 36 -5.77 10.13 -4.78
N THR A 37 -6.09 9.44 -3.68
CA THR A 37 -5.75 9.92 -2.35
C THR A 37 -4.86 8.92 -1.62
N MET A 38 -3.91 9.43 -0.85
CA MET A 38 -3.00 8.58 -0.09
C MET A 38 -3.78 7.61 0.81
N HIS A 39 -4.94 8.06 1.27
CA HIS A 39 -5.78 7.24 2.14
C HIS A 39 -6.11 5.91 1.48
N GLU A 40 -6.64 5.97 0.26
CA GLU A 40 -7.00 4.77 -0.48
C GLU A 40 -5.87 3.75 -0.46
N LEU A 41 -4.68 4.20 -0.85
CA LEU A 41 -3.51 3.34 -0.88
C LEU A 41 -3.33 2.61 0.46
N VAL A 42 -3.25 3.38 1.53
CA VAL A 42 -3.10 2.80 2.87
C VAL A 42 -4.22 1.83 3.19
N THR A 43 -5.42 2.15 2.73
CA THR A 43 -6.59 1.31 2.96
C THR A 43 -6.64 0.15 1.97
N HIS A 44 -5.84 0.25 0.91
CA HIS A 44 -5.79 -0.78 -0.11
C HIS A 44 -4.90 -1.95 0.34
N VAL A 45 -3.61 -1.67 0.48
CA VAL A 45 -2.66 -2.70 0.90
C VAL A 45 -3.08 -3.33 2.22
N THR A 46 -4.03 -2.70 2.91
CA THR A 46 -4.52 -3.19 4.18
C THR A 46 -5.36 -4.46 4.00
N MET A 47 -6.49 -4.30 3.30
CA MET A 47 -7.38 -5.43 3.04
C MET A 47 -7.05 -6.10 1.71
N GLU A 48 -6.91 -5.28 0.67
CA GLU A 48 -6.60 -5.78 -0.67
C GLU A 48 -5.42 -6.75 -0.62
N HIS A 49 -4.43 -6.42 0.20
CA HIS A 49 -3.24 -7.26 0.33
C HIS A 49 -3.17 -7.87 1.73
N VAL A 50 -2.71 -7.08 2.69
CA VAL A 50 -2.59 -7.55 4.07
C VAL A 50 -3.82 -8.33 4.50
N GLY A 51 -4.94 -8.07 3.83
CA GLY A 51 -6.18 -8.75 4.15
C GLY A 51 -6.92 -8.10 5.29
N GLY A 52 -6.24 -7.90 6.41
CA GLY A 52 -6.86 -7.29 7.57
C GLY A 52 -6.31 -7.81 8.88
N PRO A 53 -7.06 -7.61 9.98
CA PRO A 53 -6.65 -8.06 11.31
C PRO A 53 -6.67 -9.58 11.44
N GLU A 54 -7.12 -10.26 10.38
CA GLU A 54 -7.19 -11.72 10.39
C GLU A 54 -6.64 -12.29 9.08
N GLN A 55 -5.32 -12.32 8.97
CA GLN A 55 -4.67 -12.84 7.77
C GLN A 55 -3.64 -13.92 8.12
N ASN A 56 -3.23 -14.69 7.13
CA ASN A 56 -2.25 -15.76 7.34
C ASN A 56 -0.87 -15.33 6.87
N ASN A 57 0.02 -15.08 7.81
CA ASN A 57 1.39 -14.67 7.50
C ASN A 57 1.41 -13.25 6.95
N HIS A 58 1.64 -12.28 7.83
CA HIS A 58 1.69 -10.87 7.44
C HIS A 58 3.09 -10.50 6.93
N VAL A 59 3.25 -10.49 5.62
CA VAL A 59 4.53 -10.14 5.02
C VAL A 59 4.44 -8.84 4.23
N CYS A 60 5.49 -8.04 4.27
CA CYS A 60 5.53 -6.77 3.55
C CYS A 60 6.10 -6.96 2.15
N TYR A 61 5.22 -6.98 1.15
CA TYR A 61 5.64 -7.15 -0.23
C TYR A 61 5.74 -5.80 -0.93
N TRP A 62 6.93 -5.52 -1.49
CA TRP A 62 7.16 -4.27 -2.19
C TRP A 62 8.35 -4.39 -3.14
N GLU A 63 8.44 -3.48 -4.09
CA GLU A 63 9.52 -3.48 -5.07
C GLU A 63 10.83 -3.03 -4.43
N GLU A 64 10.73 -2.05 -3.54
CA GLU A 64 11.91 -1.51 -2.86
C GLU A 64 11.71 -1.53 -1.35
N CYS A 65 11.69 -2.72 -0.76
CA CYS A 65 11.51 -2.86 0.68
C CYS A 65 12.77 -3.41 1.34
N PRO A 66 13.08 -2.90 2.54
CA PRO A 66 14.26 -3.34 3.29
C PRO A 66 14.12 -4.77 3.82
N ARG A 67 12.93 -5.10 4.30
CA ARG A 67 12.67 -6.43 4.83
C ARG A 67 12.61 -7.47 3.71
N GLU A 68 12.38 -6.99 2.48
CA GLU A 68 12.31 -7.88 1.33
C GLU A 68 11.00 -8.66 1.32
N GLY A 69 10.79 -9.46 2.37
CA GLY A 69 9.57 -10.25 2.47
C GLY A 69 9.48 -11.01 3.78
N LYS A 70 10.09 -10.46 4.82
CA LYS A 70 10.07 -11.10 6.14
C LYS A 70 8.74 -10.87 6.83
N SER A 71 8.12 -11.95 7.30
CA SER A 71 6.84 -11.85 8.00
C SER A 71 6.98 -11.09 9.31
N PHE A 72 5.92 -10.41 9.71
CA PHE A 72 5.93 -9.63 10.94
C PHE A 72 5.42 -10.47 12.11
N LYS A 73 4.11 -10.48 12.31
CA LYS A 73 3.50 -11.24 13.39
C LYS A 73 2.01 -10.89 13.52
N ALA A 74 1.68 -9.64 13.28
CA ALA A 74 0.30 -9.17 13.37
C ALA A 74 -0.08 -8.31 12.18
N LYS A 75 -1.34 -7.92 12.11
CA LYS A 75 -1.83 -7.08 11.02
C LYS A 75 -1.28 -5.66 11.14
N TYR A 76 -1.59 -5.00 12.23
CA TYR A 76 -1.13 -3.63 12.46
C TYR A 76 0.36 -3.51 12.21
N LYS A 77 1.13 -4.47 12.75
CA LYS A 77 2.57 -4.48 12.59
C LYS A 77 2.96 -4.29 11.12
N LEU A 78 2.30 -5.03 10.24
CA LEU A 78 2.57 -4.95 8.81
C LEU A 78 2.19 -3.57 8.27
N VAL A 79 0.91 -3.25 8.35
CA VAL A 79 0.41 -1.96 7.87
C VAL A 79 1.25 -0.82 8.41
N ASN A 80 1.86 -1.02 9.57
CA ASN A 80 2.69 -0.01 10.20
C ASN A 80 3.94 0.26 9.37
N HIS A 81 4.67 -0.81 9.07
CA HIS A 81 5.90 -0.72 8.28
C HIS A 81 5.59 -0.35 6.83
N ILE A 82 4.40 -0.75 6.37
CA ILE A 82 3.99 -0.47 5.00
C ILE A 82 3.96 1.03 4.73
N ARG A 83 3.52 1.79 5.72
CA ARG A 83 3.45 3.25 5.59
C ARG A 83 4.78 3.81 5.08
N VAL A 84 5.87 3.37 5.68
CA VAL A 84 7.21 3.83 5.28
C VAL A 84 7.39 3.75 3.78
N HIS A 85 6.65 2.84 3.15
CA HIS A 85 6.73 2.66 1.70
C HIS A 85 5.71 3.54 0.99
N THR A 86 4.44 3.39 1.37
CA THR A 86 3.36 4.16 0.77
C THR A 86 3.77 5.61 0.57
N GLY A 87 4.63 6.11 1.46
CA GLY A 87 5.09 7.48 1.36
C GLY A 87 4.45 8.38 2.41
N GLU A 88 3.36 7.90 3.02
CA GLU A 88 2.66 8.67 4.04
C GLU A 88 3.51 8.80 5.30
N LYS A 89 2.84 8.92 6.44
CA LYS A 89 3.53 9.06 7.71
C LYS A 89 4.39 10.32 7.75
N SER A 90 4.69 10.81 8.94
CA SER A 90 5.50 12.01 9.10
C SER A 90 6.91 11.64 9.56
N GLY A 91 7.75 12.67 9.73
CA GLY A 91 9.11 12.45 10.14
C GLY A 91 9.20 11.78 11.51
N PRO A 92 10.38 11.23 11.83
CA PRO A 92 10.61 10.55 13.11
C PRO A 92 10.63 11.51 14.28
N SER A 93 10.19 11.03 15.45
CA SER A 93 10.16 11.86 16.64
C SER A 93 11.33 11.54 17.55
N SER A 94 11.38 12.21 18.70
CA SER A 94 12.46 12.00 19.66
C SER A 94 12.02 11.06 20.78
N GLY A 95 12.99 10.40 21.40
CA GLY A 95 12.68 9.47 22.48
C GLY A 95 12.12 8.15 21.96
ZN ZN B . -2.11 -3.28 -4.33
ZN ZN C . 8.57 -3.28 3.72
N GLY A 1 -18.62 31.76 -20.99
CA GLY A 1 -17.72 30.79 -20.40
C GLY A 1 -16.47 30.57 -21.24
N SER A 2 -15.31 30.89 -20.66
CA SER A 2 -14.05 30.73 -21.37
C SER A 2 -13.60 29.27 -21.36
N SER A 3 -12.57 28.96 -22.14
CA SER A 3 -12.04 27.61 -22.22
C SER A 3 -10.80 27.45 -21.37
N GLY A 4 -10.96 27.59 -20.05
CA GLY A 4 -9.84 27.46 -19.14
C GLY A 4 -10.15 28.01 -17.76
N SER A 5 -11.09 27.38 -17.07
CA SER A 5 -11.48 27.82 -15.74
C SER A 5 -11.45 26.66 -14.75
N SER A 6 -10.32 26.50 -14.05
CA SER A 6 -10.17 25.43 -13.08
C SER A 6 -9.73 25.99 -11.72
N GLY A 7 -9.66 25.10 -10.73
CA GLY A 7 -9.25 25.53 -9.40
C GLY A 7 -7.89 24.98 -9.01
N GLN A 8 -7.89 23.93 -8.20
CA GLN A 8 -6.65 23.31 -7.75
C GLN A 8 -5.91 22.66 -8.92
N PRO A 9 -4.57 22.61 -8.81
CA PRO A 9 -3.72 22.01 -9.86
C PRO A 9 -3.88 20.50 -9.93
N ILE A 10 -3.66 19.95 -11.12
CA ILE A 10 -3.78 18.51 -11.33
C ILE A 10 -3.09 17.74 -10.21
N LYS A 11 -3.51 16.49 -10.01
CA LYS A 11 -2.94 15.64 -8.97
C LYS A 11 -2.15 14.50 -9.58
N GLN A 12 -1.53 13.69 -8.73
CA GLN A 12 -0.74 12.55 -9.18
C GLN A 12 -1.50 11.24 -9.02
N GLU A 13 -0.93 10.16 -9.53
CA GLU A 13 -1.57 8.85 -9.44
C GLU A 13 -0.67 7.87 -8.69
N LEU A 14 -0.91 7.75 -7.39
CA LEU A 14 -0.13 6.85 -6.54
C LEU A 14 -0.28 5.40 -7.01
N SER A 15 0.84 4.74 -7.24
CA SER A 15 0.83 3.34 -7.68
C SER A 15 1.31 2.42 -6.58
N CYS A 16 0.47 1.46 -6.21
CA CYS A 16 0.82 0.51 -5.16
C CYS A 16 1.81 -0.54 -5.68
N LYS A 17 3.09 -0.32 -5.41
CA LYS A 17 4.14 -1.23 -5.85
C LYS A 17 4.19 -2.47 -4.95
N TRP A 18 3.06 -3.13 -4.80
CA TRP A 18 2.97 -4.33 -3.97
C TRP A 18 3.17 -5.59 -4.80
N ILE A 19 4.41 -6.07 -4.86
CA ILE A 19 4.74 -7.27 -5.63
C ILE A 19 4.51 -8.53 -4.79
N ASP A 20 3.32 -9.10 -4.91
CA ASP A 20 2.98 -10.31 -4.16
C ASP A 20 3.97 -11.43 -4.47
N GLU A 21 3.59 -12.65 -4.16
CA GLU A 21 4.44 -13.81 -4.39
C GLU A 21 3.64 -14.97 -4.98
N ALA A 22 4.31 -15.79 -5.78
CA ALA A 22 3.66 -16.93 -6.42
C ALA A 22 2.31 -16.56 -7.00
N GLN A 23 2.19 -15.30 -7.42
CA GLN A 23 0.95 -14.81 -8.01
C GLN A 23 0.60 -15.56 -9.28
N LEU A 24 -0.69 -15.79 -9.49
CA LEU A 24 -1.16 -16.51 -10.68
C LEU A 24 -0.30 -16.17 -11.89
N SER A 25 0.01 -14.89 -12.05
CA SER A 25 0.82 -14.44 -13.18
C SER A 25 2.28 -14.27 -12.76
N ARG A 26 3.19 -14.62 -13.66
CA ARG A 26 4.61 -14.52 -13.38
C ARG A 26 5.36 -13.92 -14.58
N PRO A 27 6.58 -13.42 -14.33
CA PRO A 27 7.19 -13.44 -12.99
C PRO A 27 6.50 -12.49 -12.02
N LYS A 28 6.78 -12.66 -10.73
CA LYS A 28 6.18 -11.81 -9.70
C LYS A 28 6.09 -10.36 -10.18
N LYS A 29 4.94 -10.02 -10.76
CA LYS A 29 4.72 -8.67 -11.25
C LYS A 29 4.37 -7.72 -10.11
N SER A 30 4.02 -6.48 -10.46
CA SER A 30 3.68 -5.48 -9.45
C SER A 30 2.17 -5.26 -9.39
N CYS A 31 1.64 -5.20 -8.17
CA CYS A 31 0.21 -5.00 -7.96
C CYS A 31 -0.37 -4.08 -9.04
N ASP A 32 0.44 -3.14 -9.51
CA ASP A 32 0.01 -2.20 -10.54
C ASP A 32 -1.36 -1.64 -10.21
N ARG A 33 -1.39 -0.47 -9.58
CA ARG A 33 -2.64 0.17 -9.20
C ARG A 33 -2.53 1.69 -9.33
N THR A 34 -3.66 2.38 -9.18
CA THR A 34 -3.69 3.83 -9.29
C THR A 34 -4.72 4.42 -8.34
N PHE A 35 -4.27 5.33 -7.47
CA PHE A 35 -5.15 5.97 -6.51
C PHE A 35 -5.03 7.49 -6.59
N SER A 36 -6.14 8.18 -6.34
CA SER A 36 -6.16 9.64 -6.40
C SER A 36 -5.91 10.23 -5.01
N THR A 37 -6.30 9.49 -3.98
CA THR A 37 -6.11 9.94 -2.61
C THR A 37 -5.19 9.00 -1.84
N MET A 38 -4.28 9.58 -1.07
CA MET A 38 -3.33 8.79 -0.28
C MET A 38 -4.06 7.80 0.61
N HIS A 39 -5.21 8.22 1.14
CA HIS A 39 -6.01 7.37 2.02
C HIS A 39 -6.30 6.03 1.35
N GLU A 40 -6.71 6.08 0.09
CA GLU A 40 -7.02 4.86 -0.66
C GLU A 40 -5.85 3.89 -0.63
N LEU A 41 -4.68 4.37 -1.02
CA LEU A 41 -3.48 3.54 -1.04
C LEU A 41 -3.29 2.82 0.29
N VAL A 42 -3.24 3.60 1.37
CA VAL A 42 -3.06 3.03 2.71
C VAL A 42 -4.18 2.04 3.03
N THR A 43 -5.40 2.38 2.63
CA THR A 43 -6.55 1.52 2.88
C THR A 43 -6.60 0.37 1.89
N HIS A 44 -5.79 0.45 0.84
CA HIS A 44 -5.74 -0.59 -0.17
C HIS A 44 -4.87 -1.76 0.29
N VAL A 45 -3.58 -1.50 0.46
CA VAL A 45 -2.64 -2.53 0.89
C VAL A 45 -3.08 -3.14 2.23
N THR A 46 -4.03 -2.48 2.88
CA THR A 46 -4.54 -2.95 4.17
C THR A 46 -5.40 -4.19 3.99
N MET A 47 -6.50 -4.05 3.28
CA MET A 47 -7.42 -5.15 3.04
C MET A 47 -7.10 -5.85 1.72
N GLU A 48 -6.93 -5.06 0.66
CA GLU A 48 -6.62 -5.61 -0.66
C GLU A 48 -5.45 -6.59 -0.57
N HIS A 49 -4.42 -6.21 0.18
CA HIS A 49 -3.24 -7.06 0.33
C HIS A 49 -3.21 -7.67 1.73
N VAL A 50 -2.75 -6.90 2.71
CA VAL A 50 -2.67 -7.37 4.09
C VAL A 50 -3.92 -8.13 4.48
N GLY A 51 -5.07 -7.68 3.99
CA GLY A 51 -6.32 -8.33 4.31
C GLY A 51 -6.66 -8.26 5.78
N GLY A 52 -7.94 -8.41 6.11
CA GLY A 52 -8.37 -8.36 7.50
C GLY A 52 -7.82 -9.51 8.32
N PRO A 53 -8.49 -9.82 9.43
CA PRO A 53 -8.09 -10.90 10.33
C PRO A 53 -8.32 -12.28 9.71
N GLU A 54 -9.05 -12.30 8.60
CA GLU A 54 -9.36 -13.56 7.91
C GLU A 54 -8.26 -13.89 6.90
N GLN A 55 -7.14 -13.20 7.01
CA GLN A 55 -6.01 -13.42 6.09
C GLN A 55 -5.02 -14.42 6.69
N ASN A 56 -4.47 -15.27 5.84
CA ASN A 56 -3.51 -16.27 6.28
C ASN A 56 -2.09 -15.84 5.94
N ASN A 57 -1.32 -15.46 6.96
CA ASN A 57 0.06 -15.02 6.76
C ASN A 57 0.11 -13.58 6.29
N HIS A 58 0.84 -12.74 7.03
CA HIS A 58 0.97 -11.34 6.69
C HIS A 58 2.42 -10.97 6.44
N VAL A 59 2.74 -10.60 5.20
CA VAL A 59 4.10 -10.22 4.83
C VAL A 59 4.11 -8.94 4.01
N CYS A 60 5.20 -8.18 4.12
CA CYS A 60 5.34 -6.93 3.39
C CYS A 60 5.94 -7.17 2.01
N TYR A 61 5.15 -6.96 0.97
CA TYR A 61 5.61 -7.16 -0.40
C TYR A 61 5.72 -5.82 -1.13
N TRP A 62 6.94 -5.47 -1.53
CA TRP A 62 7.18 -4.22 -2.23
C TRP A 62 8.34 -4.38 -3.23
N GLU A 63 8.52 -3.38 -4.08
CA GLU A 63 9.59 -3.40 -5.07
C GLU A 63 10.92 -3.03 -4.44
N GLU A 64 10.90 -2.06 -3.54
CA GLU A 64 12.11 -1.61 -2.87
C GLU A 64 11.91 -1.57 -1.35
N CYS A 65 11.81 -2.75 -0.74
CA CYS A 65 11.62 -2.86 0.70
C CYS A 65 12.83 -3.49 1.36
N PRO A 66 13.17 -2.99 2.56
CA PRO A 66 14.32 -3.50 3.34
C PRO A 66 14.07 -4.90 3.88
N ARG A 67 12.85 -5.13 4.36
CA ARG A 67 12.49 -6.43 4.91
C ARG A 67 12.36 -7.48 3.82
N GLU A 68 12.17 -7.02 2.58
CA GLU A 68 12.03 -7.92 1.44
C GLU A 68 10.65 -8.60 1.45
N GLY A 69 10.38 -9.34 2.50
CA GLY A 69 9.10 -10.04 2.61
C GLY A 69 8.88 -10.62 3.99
N LYS A 70 9.35 -9.92 5.01
CA LYS A 70 9.20 -10.37 6.39
C LYS A 70 7.72 -10.60 6.72
N SER A 71 7.46 -11.56 7.61
CA SER A 71 6.09 -11.88 8.01
C SER A 71 5.74 -11.20 9.33
N PHE A 72 6.67 -10.39 9.83
CA PHE A 72 6.46 -9.67 11.09
C PHE A 72 6.03 -10.62 12.19
N LYS A 73 5.79 -10.08 13.38
CA LYS A 73 5.37 -10.88 14.52
C LYS A 73 3.90 -10.63 14.84
N ALA A 74 3.39 -9.48 14.43
CA ALA A 74 1.99 -9.13 14.67
C ALA A 74 1.31 -8.67 13.39
N LYS A 75 -0.01 -8.55 13.44
CA LYS A 75 -0.78 -8.12 12.28
C LYS A 75 -0.61 -6.63 12.03
N TYR A 76 -1.25 -5.82 12.88
CA TYR A 76 -1.16 -4.36 12.76
C TYR A 76 0.26 -3.92 12.46
N LYS A 77 1.23 -4.73 12.88
CA LYS A 77 2.64 -4.42 12.66
C LYS A 77 2.92 -4.23 11.18
N LEU A 78 2.37 -5.12 10.35
CA LEU A 78 2.56 -5.05 8.90
C LEU A 78 2.14 -3.68 8.37
N VAL A 79 0.84 -3.40 8.44
CA VAL A 79 0.31 -2.12 7.97
C VAL A 79 1.14 -0.95 8.50
N ASN A 80 1.67 -1.11 9.70
CA ASN A 80 2.48 -0.06 10.32
C ASN A 80 3.73 0.22 9.50
N HIS A 81 4.43 -0.85 9.11
CA HIS A 81 5.64 -0.72 8.32
C HIS A 81 5.33 -0.28 6.89
N ILE A 82 4.22 -0.79 6.36
CA ILE A 82 3.80 -0.45 5.01
C ILE A 82 3.78 1.07 4.80
N ARG A 83 3.28 1.79 5.80
CA ARG A 83 3.21 3.24 5.72
C ARG A 83 4.53 3.82 5.21
N VAL A 84 5.63 3.40 5.82
CA VAL A 84 6.95 3.87 5.43
C VAL A 84 7.12 3.85 3.92
N HIS A 85 6.51 2.86 3.28
CA HIS A 85 6.60 2.72 1.83
C HIS A 85 5.62 3.67 1.14
N THR A 86 4.35 3.58 1.51
CA THR A 86 3.32 4.44 0.92
C THR A 86 3.82 5.88 0.78
N GLY A 87 4.56 6.34 1.77
CA GLY A 87 5.08 7.69 1.74
C GLY A 87 4.31 8.63 2.66
N GLU A 88 3.28 8.11 3.31
CA GLU A 88 2.47 8.92 4.21
C GLU A 88 3.20 9.16 5.53
N LYS A 89 2.43 9.31 6.61
CA LYS A 89 3.01 9.56 7.92
C LYS A 89 4.11 8.55 8.23
N SER A 90 4.94 8.88 9.21
CA SER A 90 6.05 8.01 9.60
C SER A 90 6.93 8.68 10.66
N GLY A 91 8.09 8.08 10.91
CA GLY A 91 9.00 8.64 11.90
C GLY A 91 9.79 7.57 12.62
N PRO A 92 10.67 8.00 13.53
CA PRO A 92 11.52 7.08 14.31
C PRO A 92 10.71 6.28 15.33
N SER A 93 11.15 5.06 15.59
CA SER A 93 10.47 4.18 16.55
C SER A 93 10.93 4.47 17.98
N SER A 94 10.55 5.62 18.49
CA SER A 94 10.93 6.01 19.84
C SER A 94 12.40 6.42 19.90
N GLY A 95 12.97 6.39 21.11
CA GLY A 95 14.36 6.76 21.27
C GLY A 95 14.84 6.59 22.69
ZN ZN B . -1.84 -3.07 -4.15
ZN ZN C . 8.40 -3.32 3.65
N GLY A 1 -27.50 18.61 -13.65
CA GLY A 1 -26.53 19.59 -14.08
C GLY A 1 -25.28 19.59 -13.23
N SER A 2 -24.11 19.71 -13.87
CA SER A 2 -22.84 19.71 -13.16
C SER A 2 -22.11 21.04 -13.36
N SER A 3 -20.89 21.12 -12.83
CA SER A 3 -20.09 22.33 -12.94
C SER A 3 -18.69 22.00 -13.44
N GLY A 4 -17.80 22.99 -13.35
CA GLY A 4 -16.43 22.79 -13.78
C GLY A 4 -15.51 22.37 -12.65
N SER A 5 -14.26 22.05 -12.99
CA SER A 5 -13.28 21.63 -12.00
C SER A 5 -12.78 22.83 -11.20
N SER A 6 -13.56 23.25 -10.21
CA SER A 6 -13.20 24.38 -9.37
C SER A 6 -12.99 23.94 -7.93
N GLY A 7 -11.89 24.38 -7.34
CA GLY A 7 -11.59 24.03 -5.96
C GLY A 7 -10.10 23.90 -5.70
N GLN A 8 -9.48 22.88 -6.27
CA GLN A 8 -8.05 22.65 -6.10
C GLN A 8 -7.49 21.84 -7.26
N PRO A 9 -6.16 21.95 -7.46
CA PRO A 9 -5.47 21.23 -8.53
C PRO A 9 -5.41 19.73 -8.29
N ILE A 10 -5.50 18.96 -9.37
CA ILE A 10 -5.46 17.51 -9.27
C ILE A 10 -4.17 17.03 -8.61
N LYS A 11 -4.18 15.79 -8.14
CA LYS A 11 -3.01 15.22 -7.48
C LYS A 11 -2.48 14.03 -8.27
N GLN A 12 -1.18 13.75 -8.11
CA GLN A 12 -0.56 12.64 -8.81
C GLN A 12 -1.36 11.35 -8.62
N GLU A 13 -0.96 10.31 -9.34
CA GLU A 13 -1.65 9.02 -9.26
C GLU A 13 -0.80 7.99 -8.52
N LEU A 14 -0.99 7.89 -7.21
CA LEU A 14 -0.24 6.95 -6.39
C LEU A 14 -0.42 5.52 -6.90
N SER A 15 0.70 4.84 -7.13
CA SER A 15 0.67 3.46 -7.62
C SER A 15 1.11 2.49 -6.54
N CYS A 16 0.30 1.46 -6.32
CA CYS A 16 0.60 0.45 -5.30
C CYS A 16 1.63 -0.55 -5.83
N LYS A 17 2.90 -0.29 -5.52
CA LYS A 17 3.98 -1.17 -5.96
C LYS A 17 4.08 -2.40 -5.06
N TRP A 18 2.96 -3.10 -4.92
CA TRP A 18 2.92 -4.30 -4.09
C TRP A 18 3.14 -5.56 -4.93
N ILE A 19 4.31 -6.18 -4.75
CA ILE A 19 4.64 -7.39 -5.49
C ILE A 19 4.42 -8.64 -4.65
N ASP A 20 3.24 -9.23 -4.78
CA ASP A 20 2.90 -10.44 -4.03
C ASP A 20 3.87 -11.57 -4.34
N GLU A 21 3.48 -12.79 -4.01
CA GLU A 21 4.32 -13.96 -4.26
C GLU A 21 3.48 -15.14 -4.72
N ALA A 22 3.99 -15.88 -5.69
CA ALA A 22 3.29 -17.05 -6.22
C ALA A 22 2.08 -16.63 -7.04
N GLN A 23 1.90 -15.32 -7.20
CA GLN A 23 0.78 -14.79 -7.97
C GLN A 23 0.53 -15.64 -9.22
N LEU A 24 -0.70 -15.59 -9.72
CA LEU A 24 -1.07 -16.34 -10.91
C LEU A 24 -0.23 -15.92 -12.11
N SER A 25 0.00 -14.60 -12.22
CA SER A 25 0.79 -14.06 -13.32
C SER A 25 2.26 -13.91 -12.92
N ARG A 26 3.11 -14.78 -13.46
CA ARG A 26 4.53 -14.75 -13.16
C ARG A 26 5.32 -14.21 -14.35
N PRO A 27 6.56 -13.78 -14.08
CA PRO A 27 7.14 -13.80 -12.74
C PRO A 27 6.49 -12.79 -11.81
N LYS A 28 6.72 -12.94 -10.51
CA LYS A 28 6.15 -12.05 -9.52
C LYS A 28 6.08 -10.62 -10.05
N LYS A 29 4.93 -10.25 -10.60
CA LYS A 29 4.74 -8.91 -11.15
C LYS A 29 4.25 -7.95 -10.06
N SER A 30 4.04 -6.69 -10.45
CA SER A 30 3.58 -5.68 -9.50
C SER A 30 2.06 -5.54 -9.58
N CYS A 31 1.43 -5.47 -8.41
CA CYS A 31 -0.02 -5.33 -8.33
C CYS A 31 -0.52 -4.23 -9.26
N ASP A 32 0.16 -3.10 -9.24
CA ASP A 32 -0.21 -1.97 -10.08
C ASP A 32 -1.59 -1.43 -9.71
N ARG A 33 -1.71 -0.11 -9.64
CA ARG A 33 -2.96 0.53 -9.28
C ARG A 33 -2.88 2.04 -9.44
N THR A 34 -3.99 2.74 -9.20
CA THR A 34 -4.03 4.18 -9.32
C THR A 34 -4.98 4.79 -8.29
N PHE A 35 -4.42 5.58 -7.37
CA PHE A 35 -5.21 6.22 -6.33
C PHE A 35 -4.98 7.73 -6.32
N SER A 36 -6.05 8.48 -6.09
CA SER A 36 -5.97 9.93 -6.06
C SER A 36 -5.76 10.44 -4.64
N THR A 37 -5.95 9.56 -3.66
CA THR A 37 -5.79 9.92 -2.26
C THR A 37 -4.89 8.91 -1.55
N MET A 38 -3.92 9.43 -0.79
CA MET A 38 -2.99 8.58 -0.05
C MET A 38 -3.76 7.58 0.83
N HIS A 39 -4.91 8.00 1.31
CA HIS A 39 -5.73 7.15 2.17
C HIS A 39 -6.04 5.83 1.48
N GLU A 40 -6.51 5.91 0.24
CA GLU A 40 -6.85 4.72 -0.54
C GLU A 40 -5.70 3.71 -0.51
N LEU A 41 -4.53 4.15 -0.97
CA LEU A 41 -3.35 3.29 -1.00
C LEU A 41 -3.18 2.54 0.32
N VAL A 42 -3.05 3.30 1.40
CA VAL A 42 -2.89 2.71 2.72
C VAL A 42 -4.00 1.72 3.02
N THR A 43 -5.23 2.06 2.63
CA THR A 43 -6.38 1.20 2.86
C THR A 43 -6.42 0.06 1.83
N HIS A 44 -5.67 0.23 0.74
CA HIS A 44 -5.64 -0.78 -0.31
C HIS A 44 -4.76 -1.96 0.11
N VAL A 45 -3.47 -1.71 0.26
CA VAL A 45 -2.52 -2.75 0.64
C VAL A 45 -2.94 -3.40 1.96
N THR A 46 -3.86 -2.76 2.66
CA THR A 46 -4.35 -3.28 3.94
C THR A 46 -5.20 -4.53 3.73
N MET A 47 -6.32 -4.38 3.05
CA MET A 47 -7.21 -5.50 2.78
C MET A 47 -6.90 -6.15 1.44
N GLU A 48 -6.76 -5.31 0.41
CA GLU A 48 -6.46 -5.81 -0.93
C GLU A 48 -5.29 -6.79 -0.90
N HIS A 49 -4.29 -6.48 -0.07
CA HIS A 49 -3.11 -7.32 0.05
C HIS A 49 -3.03 -7.94 1.44
N VAL A 50 -2.53 -7.17 2.41
CA VAL A 50 -2.41 -7.65 3.78
C VAL A 50 -3.65 -8.41 4.21
N GLY A 51 -4.77 -8.10 3.59
CA GLY A 51 -6.02 -8.77 3.92
C GLY A 51 -6.72 -8.13 5.10
N GLY A 52 -6.00 -7.98 6.21
CA GLY A 52 -6.57 -7.37 7.39
C GLY A 52 -6.31 -8.19 8.65
N PRO A 53 -7.05 -7.88 9.72
CA PRO A 53 -6.90 -8.58 11.01
C PRO A 53 -7.43 -10.02 10.94
N GLU A 54 -8.03 -10.37 9.81
CA GLU A 54 -8.57 -11.71 9.63
C GLU A 54 -7.83 -12.45 8.52
N GLN A 55 -6.52 -12.23 8.43
CA GLN A 55 -5.70 -12.88 7.42
C GLN A 55 -4.66 -13.79 8.06
N ASN A 56 -4.24 -14.80 7.32
CA ASN A 56 -3.25 -15.76 7.81
C ASN A 56 -1.87 -15.44 7.23
N ASN A 57 -0.98 -14.95 8.09
CA ASN A 57 0.38 -14.60 7.68
C ASN A 57 0.40 -13.27 6.94
N HIS A 58 1.09 -12.29 7.51
CA HIS A 58 1.19 -10.97 6.90
C HIS A 58 2.65 -10.62 6.60
N VAL A 59 2.93 -10.36 5.32
CA VAL A 59 4.27 -10.01 4.89
C VAL A 59 4.29 -8.70 4.12
N CYS A 60 5.37 -7.94 4.26
CA CYS A 60 5.51 -6.67 3.58
C CYS A 60 6.09 -6.86 2.18
N TYR A 61 5.21 -7.00 1.20
CA TYR A 61 5.63 -7.18 -0.19
C TYR A 61 5.66 -5.86 -0.94
N TRP A 62 6.86 -5.45 -1.33
CA TRP A 62 7.03 -4.19 -2.06
C TRP A 62 8.16 -4.31 -3.08
N GLU A 63 8.24 -3.33 -3.98
CA GLU A 63 9.27 -3.32 -5.01
C GLU A 63 10.63 -2.93 -4.41
N GLU A 64 10.59 -2.17 -3.32
CA GLU A 64 11.81 -1.73 -2.66
C GLU A 64 11.64 -1.72 -1.14
N CYS A 65 11.51 -2.91 -0.56
CA CYS A 65 11.34 -3.05 0.87
C CYS A 65 12.62 -3.53 1.53
N PRO A 66 12.92 -2.99 2.72
CA PRO A 66 14.13 -3.35 3.48
C PRO A 66 14.06 -4.77 4.04
N ARG A 67 12.87 -5.15 4.51
CA ARG A 67 12.68 -6.48 5.07
C ARG A 67 12.70 -7.54 3.98
N GLU A 68 12.39 -7.13 2.75
CA GLU A 68 12.37 -8.05 1.62
C GLU A 68 11.13 -8.93 1.64
N GLY A 69 10.86 -9.52 2.80
CA GLY A 69 9.71 -10.38 2.95
C GLY A 69 9.75 -11.22 4.22
N LYS A 70 10.36 -10.68 5.26
CA LYS A 70 10.47 -11.37 6.54
C LYS A 70 9.10 -11.56 7.18
N SER A 71 8.27 -10.52 7.09
CA SER A 71 6.93 -10.56 7.67
C SER A 71 6.97 -10.22 9.15
N PHE A 72 5.91 -9.59 9.64
CA PHE A 72 5.83 -9.21 11.05
C PHE A 72 5.11 -10.29 11.86
N LYS A 73 5.06 -10.10 13.17
CA LYS A 73 4.40 -11.05 14.06
C LYS A 73 2.97 -10.61 14.36
N ALA A 74 2.69 -9.34 14.09
CA ALA A 74 1.35 -8.79 14.34
C ALA A 74 0.77 -8.19 13.06
N LYS A 75 -0.54 -8.32 12.90
CA LYS A 75 -1.23 -7.79 11.73
C LYS A 75 -0.93 -6.30 11.55
N TYR A 76 -1.40 -5.49 12.49
CA TYR A 76 -1.18 -4.05 12.44
C TYR A 76 0.30 -3.73 12.22
N LYS A 77 1.16 -4.41 12.98
CA LYS A 77 2.60 -4.20 12.87
C LYS A 77 3.02 -4.06 11.42
N LEU A 78 2.38 -4.84 10.54
CA LEU A 78 2.70 -4.80 9.11
C LEU A 78 2.23 -3.49 8.49
N VAL A 79 0.92 -3.26 8.49
CA VAL A 79 0.36 -2.04 7.92
C VAL A 79 1.15 -0.82 8.35
N ASN A 80 1.68 -0.85 9.58
CA ASN A 80 2.47 0.26 10.11
C ASN A 80 3.74 0.45 9.30
N HIS A 81 4.47 -0.65 9.08
CA HIS A 81 5.72 -0.59 8.33
C HIS A 81 5.44 -0.29 6.86
N ILE A 82 4.28 -0.71 6.37
CA ILE A 82 3.90 -0.48 4.99
C ILE A 82 3.85 1.01 4.66
N ARG A 83 3.32 1.79 5.60
CA ARG A 83 3.21 3.24 5.42
C ARG A 83 4.53 3.82 4.93
N VAL A 84 5.62 3.45 5.59
CA VAL A 84 6.95 3.93 5.21
C VAL A 84 7.17 3.82 3.71
N HIS A 85 6.50 2.85 3.09
CA HIS A 85 6.63 2.64 1.65
C HIS A 85 5.64 3.51 0.88
N THR A 86 4.44 3.68 1.45
CA THR A 86 3.41 4.49 0.82
C THR A 86 3.86 5.94 0.66
N GLY A 87 4.53 6.46 1.67
CA GLY A 87 5.01 7.83 1.63
C GLY A 87 4.27 8.73 2.59
N GLU A 88 3.31 8.17 3.31
CA GLU A 88 2.52 8.93 4.28
C GLU A 88 3.26 9.04 5.61
N LYS A 89 2.51 9.21 6.69
CA LYS A 89 3.08 9.33 8.01
C LYS A 89 3.38 7.96 8.61
N SER A 90 4.53 7.85 9.27
CA SER A 90 4.95 6.58 9.88
C SER A 90 5.09 6.74 11.39
N GLY A 91 4.90 5.63 12.11
CA GLY A 91 5.01 5.65 13.55
C GLY A 91 6.43 5.41 14.02
N PRO A 92 6.74 5.87 15.24
CA PRO A 92 8.07 5.72 15.83
C PRO A 92 8.38 4.27 16.21
N SER A 93 9.55 4.05 16.79
CA SER A 93 9.96 2.71 17.18
C SER A 93 11.27 2.75 17.96
N SER A 94 12.38 2.85 17.24
CA SER A 94 13.70 2.89 17.86
C SER A 94 14.15 1.50 18.28
N GLY A 95 14.36 0.63 17.29
CA GLY A 95 14.80 -0.72 17.58
C GLY A 95 13.78 -1.76 17.15
ZN ZN B . -1.95 -3.31 -4.52
ZN ZN C . 8.60 -3.29 3.94
N GLY A 1 -21.16 27.53 -17.65
CA GLY A 1 -22.53 27.97 -17.54
C GLY A 1 -22.83 28.61 -16.20
N SER A 2 -22.46 27.93 -15.13
CA SER A 2 -22.69 28.44 -13.78
C SER A 2 -21.39 28.94 -13.16
N SER A 3 -20.72 28.07 -12.42
CA SER A 3 -19.46 28.41 -11.77
C SER A 3 -18.87 27.20 -11.04
N GLY A 4 -17.59 27.30 -10.70
CA GLY A 4 -16.93 26.21 -10.01
C GLY A 4 -16.59 26.55 -8.57
N SER A 5 -15.46 26.03 -8.09
CA SER A 5 -15.03 26.29 -6.72
C SER A 5 -13.51 26.28 -6.61
N SER A 6 -13.01 26.16 -5.39
CA SER A 6 -11.57 26.15 -5.16
C SER A 6 -10.84 25.43 -6.29
N GLY A 7 -9.75 26.02 -6.76
CA GLY A 7 -8.98 25.42 -7.84
C GLY A 7 -7.74 24.71 -7.34
N GLN A 8 -7.92 23.47 -6.89
CA GLN A 8 -6.80 22.68 -6.38
C GLN A 8 -5.82 22.36 -7.49
N PRO A 9 -4.51 22.33 -7.15
CA PRO A 9 -3.44 22.03 -8.11
C PRO A 9 -3.46 20.57 -8.55
N ILE A 10 -3.05 20.33 -9.80
CA ILE A 10 -3.01 18.98 -10.33
C ILE A 10 -2.51 17.99 -9.29
N LYS A 11 -2.82 16.71 -9.50
CA LYS A 11 -2.39 15.66 -8.58
C LYS A 11 -1.77 14.50 -9.35
N GLN A 12 -1.07 13.63 -8.62
CA GLN A 12 -0.41 12.48 -9.23
C GLN A 12 -1.25 11.22 -9.03
N GLU A 13 -0.76 10.11 -9.58
CA GLU A 13 -1.47 8.83 -9.46
C GLU A 13 -0.70 7.86 -8.58
N LEU A 14 -1.03 7.83 -7.29
CA LEU A 14 -0.36 6.94 -6.35
C LEU A 14 -0.57 5.48 -6.73
N SER A 15 0.51 4.81 -7.13
CA SER A 15 0.43 3.40 -7.52
C SER A 15 0.83 2.50 -6.37
N CYS A 16 0.47 1.22 -6.48
CA CYS A 16 0.78 0.25 -5.44
C CYS A 16 1.80 -0.76 -5.93
N LYS A 17 3.07 -0.55 -5.55
CA LYS A 17 4.14 -1.45 -5.94
C LYS A 17 4.21 -2.67 -5.04
N TRP A 18 3.05 -3.26 -4.77
CA TRP A 18 2.98 -4.44 -3.91
C TRP A 18 3.28 -5.71 -4.70
N ILE A 19 4.54 -6.14 -4.66
CA ILE A 19 4.96 -7.34 -5.38
C ILE A 19 4.69 -8.58 -4.54
N ASP A 20 3.55 -9.23 -4.79
CA ASP A 20 3.18 -10.44 -4.06
C ASP A 20 3.90 -11.65 -4.63
N GLU A 21 3.50 -12.83 -4.19
CA GLU A 21 4.10 -14.07 -4.65
C GLU A 21 3.09 -14.95 -5.37
N ALA A 22 1.93 -15.15 -4.73
CA ALA A 22 0.87 -15.97 -5.31
C ALA A 22 0.01 -15.15 -6.26
N GLN A 23 0.63 -14.22 -6.98
CA GLN A 23 -0.09 -13.37 -7.92
C GLN A 23 -0.58 -14.18 -9.12
N LEU A 24 -0.23 -15.46 -9.15
CA LEU A 24 -0.64 -16.34 -10.24
C LEU A 24 0.25 -16.13 -11.46
N SER A 25 0.50 -14.87 -11.80
CA SER A 25 1.33 -14.54 -12.94
C SER A 25 2.76 -14.21 -12.51
N ARG A 26 3.73 -14.75 -13.23
CA ARG A 26 5.14 -14.52 -12.92
C ARG A 26 5.87 -13.94 -14.12
N PRO A 27 7.04 -13.33 -13.87
CA PRO A 27 7.58 -13.20 -12.52
C PRO A 27 6.77 -12.23 -11.65
N LYS A 28 6.95 -12.33 -10.33
CA LYS A 28 6.24 -11.47 -9.40
C LYS A 28 6.09 -10.06 -9.96
N LYS A 29 4.97 -9.81 -10.64
CA LYS A 29 4.70 -8.50 -11.22
C LYS A 29 4.18 -7.53 -10.16
N SER A 30 4.30 -6.24 -10.44
CA SER A 30 3.85 -5.21 -9.53
C SER A 30 2.33 -5.14 -9.50
N CYS A 31 1.75 -5.18 -8.30
CA CYS A 31 0.30 -5.13 -8.13
C CYS A 31 -0.33 -4.24 -9.18
N ASP A 32 0.35 -3.13 -9.49
CA ASP A 32 -0.15 -2.18 -10.48
C ASP A 32 -1.51 -1.63 -10.08
N ARG A 33 -1.54 -0.35 -9.70
CA ARG A 33 -2.79 0.28 -9.29
C ARG A 33 -2.72 1.79 -9.52
N THR A 34 -3.80 2.49 -9.16
CA THR A 34 -3.87 3.93 -9.34
C THR A 34 -4.87 4.55 -8.37
N PHE A 35 -4.42 5.53 -7.60
CA PHE A 35 -5.29 6.20 -6.64
C PHE A 35 -5.10 7.72 -6.71
N SER A 36 -6.08 8.46 -6.20
CA SER A 36 -6.03 9.91 -6.21
C SER A 36 -5.78 10.46 -4.80
N THR A 37 -6.13 9.66 -3.79
CA THR A 37 -5.94 10.06 -2.40
C THR A 37 -5.02 9.09 -1.67
N MET A 38 -4.10 9.65 -0.89
CA MET A 38 -3.15 8.84 -0.14
C MET A 38 -3.88 7.84 0.75
N HIS A 39 -5.12 8.16 1.11
CA HIS A 39 -5.92 7.29 1.96
C HIS A 39 -6.23 5.97 1.25
N GLU A 40 -6.66 6.06 0.00
CA GLU A 40 -6.99 4.87 -0.79
C GLU A 40 -5.86 3.85 -0.71
N LEU A 41 -4.68 4.23 -1.19
CA LEU A 41 -3.53 3.34 -1.17
C LEU A 41 -3.38 2.67 0.19
N VAL A 42 -3.28 3.48 1.24
CA VAL A 42 -3.14 2.95 2.59
C VAL A 42 -4.25 1.98 2.93
N THR A 43 -5.46 2.29 2.44
CA THR A 43 -6.62 1.43 2.69
C THR A 43 -6.63 0.23 1.76
N HIS A 44 -5.84 0.30 0.70
CA HIS A 44 -5.76 -0.78 -0.27
C HIS A 44 -4.87 -1.91 0.25
N VAL A 45 -3.58 -1.62 0.39
CA VAL A 45 -2.63 -2.62 0.88
C VAL A 45 -3.05 -3.16 2.25
N THR A 46 -4.00 -2.47 2.87
CA THR A 46 -4.50 -2.88 4.18
C THR A 46 -5.33 -4.15 4.09
N MET A 47 -6.46 -4.06 3.38
CA MET A 47 -7.34 -5.20 3.20
C MET A 47 -7.02 -5.96 1.93
N GLU A 48 -6.87 -5.22 0.83
CA GLU A 48 -6.55 -5.83 -0.46
C GLU A 48 -5.35 -6.78 -0.34
N HIS A 49 -4.36 -6.36 0.43
CA HIS A 49 -3.16 -7.17 0.63
C HIS A 49 -3.10 -7.71 2.06
N VAL A 50 -2.66 -6.88 2.99
CA VAL A 50 -2.55 -7.27 4.39
C VAL A 50 -3.80 -8.01 4.85
N GLY A 51 -4.94 -7.63 4.30
CA GLY A 51 -6.19 -8.26 4.65
C GLY A 51 -6.53 -8.08 6.12
N GLY A 52 -7.80 -8.33 6.47
CA GLY A 52 -8.23 -8.18 7.84
C GLY A 52 -7.50 -9.11 8.79
N PRO A 53 -7.93 -9.14 10.05
CA PRO A 53 -7.32 -9.99 11.09
C PRO A 53 -7.59 -11.48 10.85
N GLU A 54 -8.69 -11.76 10.17
CA GLU A 54 -9.06 -13.15 9.88
C GLU A 54 -8.05 -13.80 8.94
N GLN A 55 -7.46 -12.99 8.05
CA GLN A 55 -6.48 -13.49 7.10
C GLN A 55 -5.14 -13.71 7.78
N ASN A 56 -4.67 -14.96 7.76
CA ASN A 56 -3.40 -15.31 8.38
C ASN A 56 -2.26 -15.23 7.36
N ASN A 57 -1.45 -14.18 7.47
CA ASN A 57 -0.33 -13.98 6.57
C ASN A 57 0.15 -12.53 6.61
N HIS A 58 1.19 -12.29 7.41
CA HIS A 58 1.75 -10.95 7.54
C HIS A 58 3.11 -10.86 6.86
N VAL A 59 3.12 -10.50 5.59
CA VAL A 59 4.36 -10.37 4.83
C VAL A 59 4.38 -9.09 4.01
N CYS A 60 5.40 -8.26 4.25
CA CYS A 60 5.54 -7.00 3.55
C CYS A 60 6.08 -7.22 2.13
N TYR A 61 5.22 -6.99 1.14
CA TYR A 61 5.60 -7.17 -0.26
C TYR A 61 5.72 -5.82 -0.97
N TRP A 62 6.93 -5.48 -1.39
CA TRP A 62 7.17 -4.22 -2.08
C TRP A 62 8.36 -4.34 -3.02
N GLU A 63 8.57 -3.32 -3.84
CA GLU A 63 9.68 -3.31 -4.79
C GLU A 63 10.95 -2.79 -4.13
N GLU A 64 10.81 -1.74 -3.33
CA GLU A 64 11.96 -1.15 -2.64
C GLU A 64 11.78 -1.23 -1.12
N CYS A 65 11.56 -2.45 -0.63
CA CYS A 65 11.37 -2.66 0.80
C CYS A 65 12.57 -3.40 1.39
N PRO A 66 12.91 -3.04 2.64
CA PRO A 66 14.04 -3.65 3.36
C PRO A 66 13.77 -5.09 3.74
N ARG A 67 12.56 -5.35 4.24
CA ARG A 67 12.16 -6.70 4.64
C ARG A 67 11.97 -7.60 3.43
N GLU A 68 11.88 -6.99 2.25
CA GLU A 68 11.69 -7.74 1.02
C GLU A 68 10.81 -8.96 1.26
N GLY A 69 9.85 -8.84 2.17
CA GLY A 69 8.96 -9.94 2.48
C GLY A 69 9.54 -10.88 3.51
N LYS A 70 9.96 -10.33 4.64
CA LYS A 70 10.54 -11.13 5.71
C LYS A 70 9.49 -11.48 6.77
N SER A 71 8.33 -10.85 6.66
CA SER A 71 7.24 -11.08 7.60
C SER A 71 7.45 -10.30 8.89
N PHE A 72 6.43 -10.27 9.73
CA PHE A 72 6.51 -9.56 11.01
C PHE A 72 6.13 -10.47 12.16
N LYS A 73 4.86 -10.43 12.55
CA LYS A 73 4.37 -11.25 13.66
C LYS A 73 2.92 -10.90 13.99
N ALA A 74 2.57 -9.63 13.80
CA ALA A 74 1.22 -9.17 14.08
C ALA A 74 0.50 -8.74 12.80
N LYS A 75 -0.76 -8.33 12.93
CA LYS A 75 -1.55 -7.91 11.79
C LYS A 75 -1.37 -6.41 11.53
N TYR A 76 -1.28 -5.64 12.61
CA TYR A 76 -1.11 -4.20 12.49
C TYR A 76 0.35 -3.84 12.21
N LYS A 77 1.26 -4.54 12.89
CA LYS A 77 2.68 -4.31 12.72
C LYS A 77 3.04 -4.18 11.24
N LEU A 78 2.55 -5.10 10.43
CA LEU A 78 2.82 -5.09 9.00
C LEU A 78 2.36 -3.78 8.37
N VAL A 79 1.08 -3.46 8.52
CA VAL A 79 0.51 -2.24 7.98
C VAL A 79 1.29 -1.02 8.47
N ASN A 80 1.83 -1.12 9.68
CA ASN A 80 2.59 -0.02 10.26
C ASN A 80 3.85 0.27 9.45
N HIS A 81 4.59 -0.77 9.13
CA HIS A 81 5.81 -0.64 8.34
C HIS A 81 5.50 -0.28 6.90
N ILE A 82 4.40 -0.84 6.39
CA ILE A 82 3.99 -0.57 5.01
C ILE A 82 3.92 0.92 4.74
N ARG A 83 3.46 1.68 5.72
CA ARG A 83 3.34 3.13 5.59
C ARG A 83 4.64 3.74 5.07
N VAL A 84 5.76 3.33 5.66
CA VAL A 84 7.06 3.83 5.25
C VAL A 84 7.23 3.79 3.74
N HIS A 85 6.59 2.80 3.10
CA HIS A 85 6.66 2.65 1.66
C HIS A 85 5.68 3.59 0.97
N THR A 86 4.40 3.49 1.33
CA THR A 86 3.37 4.33 0.74
C THR A 86 3.83 5.78 0.65
N GLY A 87 4.46 6.28 1.72
CA GLY A 87 4.93 7.65 1.74
C GLY A 87 4.12 8.53 2.65
N GLU A 88 3.14 7.94 3.33
CA GLU A 88 2.28 8.69 4.24
C GLU A 88 3.00 8.96 5.57
N LYS A 89 2.21 9.06 6.63
CA LYS A 89 2.77 9.33 7.96
C LYS A 89 4.00 8.46 8.21
N SER A 90 4.83 8.89 9.17
CA SER A 90 6.05 8.16 9.50
C SER A 90 7.12 8.36 8.43
N GLY A 91 8.34 8.63 8.88
CA GLY A 91 9.44 8.84 7.95
C GLY A 91 10.35 7.63 7.84
N PRO A 92 11.12 7.57 6.75
CA PRO A 92 12.06 6.46 6.50
C PRO A 92 13.25 6.50 7.46
N SER A 93 13.01 6.07 8.70
CA SER A 93 14.06 6.04 9.71
C SER A 93 14.29 4.63 10.24
N SER A 94 15.51 4.14 10.09
CA SER A 94 15.86 2.80 10.55
C SER A 94 17.37 2.59 10.51
N GLY A 95 17.78 1.33 10.32
CA GLY A 95 19.20 1.02 10.28
C GLY A 95 19.66 0.25 11.49
ZN ZN B . -1.88 -3.59 -4.24
ZN ZN C . 8.42 -3.37 3.88
N GLY A 1 -31.68 18.20 -20.95
CA GLY A 1 -30.48 18.16 -20.15
C GLY A 1 -29.75 19.49 -20.11
N SER A 2 -29.03 19.74 -19.02
CA SER A 2 -28.29 20.99 -18.87
C SER A 2 -27.46 20.97 -17.58
N SER A 3 -26.43 20.15 -17.56
CA SER A 3 -25.57 20.03 -16.39
C SER A 3 -24.22 20.71 -16.64
N GLY A 4 -23.35 20.66 -15.64
CA GLY A 4 -22.04 21.27 -15.78
C GLY A 4 -21.32 21.38 -14.45
N SER A 5 -20.81 20.26 -13.95
CA SER A 5 -20.09 20.24 -12.68
C SER A 5 -18.73 19.59 -12.84
N SER A 6 -17.74 20.39 -13.26
CA SER A 6 -16.38 19.90 -13.45
C SER A 6 -15.94 19.03 -12.27
N GLY A 7 -16.24 19.51 -11.06
CA GLY A 7 -15.87 18.77 -9.87
C GLY A 7 -14.57 19.27 -9.26
N GLN A 8 -13.48 18.55 -9.53
CA GLN A 8 -12.17 18.92 -9.01
C GLN A 8 -11.08 18.61 -10.02
N PRO A 9 -9.94 19.32 -9.90
CA PRO A 9 -8.79 19.14 -10.80
C PRO A 9 -8.10 17.80 -10.58
N ILE A 10 -7.94 17.05 -11.66
CA ILE A 10 -7.29 15.74 -11.59
C ILE A 10 -6.11 15.76 -10.62
N LYS A 11 -5.75 14.58 -10.12
CA LYS A 11 -4.64 14.46 -9.18
C LYS A 11 -3.61 13.47 -9.68
N GLN A 12 -2.45 13.43 -9.02
CA GLN A 12 -1.38 12.52 -9.40
C GLN A 12 -1.77 11.07 -9.11
N GLU A 13 -0.88 10.15 -9.46
CA GLU A 13 -1.14 8.73 -9.25
C GLU A 13 -0.10 8.13 -8.30
N LEU A 14 -0.58 7.54 -7.21
CA LEU A 14 0.31 6.93 -6.23
C LEU A 14 0.68 5.51 -6.64
N SER A 15 -0.31 4.74 -7.08
CA SER A 15 -0.08 3.38 -7.51
C SER A 15 0.13 2.46 -6.30
N CYS A 16 0.57 1.23 -6.57
CA CYS A 16 0.82 0.26 -5.51
C CYS A 16 1.85 -0.77 -5.95
N LYS A 17 3.11 -0.51 -5.67
CA LYS A 17 4.19 -1.42 -6.04
C LYS A 17 4.24 -2.60 -5.07
N TRP A 18 3.16 -3.36 -5.01
CA TRP A 18 3.09 -4.52 -4.13
C TRP A 18 3.27 -5.81 -4.91
N ILE A 19 4.49 -6.35 -4.87
CA ILE A 19 4.80 -7.58 -5.59
C ILE A 19 4.38 -8.81 -4.78
N ASP A 20 3.56 -9.66 -5.39
CA ASP A 20 3.08 -10.87 -4.73
C ASP A 20 3.88 -12.09 -5.18
N GLU A 21 3.64 -13.21 -4.52
CA GLU A 21 4.35 -14.45 -4.84
C GLU A 21 3.37 -15.53 -5.29
N ALA A 22 3.73 -16.23 -6.37
CA ALA A 22 2.89 -17.29 -6.90
C ALA A 22 1.64 -16.72 -7.58
N GLN A 23 1.76 -15.50 -8.10
CA GLN A 23 0.66 -14.83 -8.78
C GLN A 23 0.30 -15.56 -10.07
N LEU A 24 1.08 -16.57 -10.41
CA LEU A 24 0.85 -17.35 -11.63
C LEU A 24 1.47 -16.65 -12.84
N SER A 25 1.24 -15.35 -12.94
CA SER A 25 1.78 -14.57 -14.05
C SER A 25 3.14 -14.00 -13.71
N ARG A 26 4.17 -14.46 -14.42
CA ARG A 26 5.53 -14.01 -14.20
C ARG A 26 6.03 -13.19 -15.39
N PRO A 27 7.09 -12.38 -15.15
CA PRO A 27 7.72 -12.28 -13.83
C PRO A 27 6.82 -11.59 -12.80
N LYS A 28 7.10 -11.81 -11.53
CA LYS A 28 6.33 -11.21 -10.46
C LYS A 28 6.03 -9.74 -10.77
N LYS A 29 4.88 -9.50 -11.41
CA LYS A 29 4.47 -8.16 -11.75
C LYS A 29 3.80 -7.47 -10.58
N SER A 30 4.05 -6.17 -10.42
CA SER A 30 3.47 -5.40 -9.33
C SER A 30 1.96 -5.32 -9.47
N CYS A 31 1.28 -5.02 -8.36
CA CYS A 31 -0.17 -4.91 -8.36
C CYS A 31 -0.63 -3.72 -9.20
N ASP A 32 0.31 -2.83 -9.51
CA ASP A 32 0.00 -1.64 -10.31
C ASP A 32 -1.02 -0.77 -9.60
N ARG A 33 -2.29 -0.95 -9.93
CA ARG A 33 -3.36 -0.16 -9.33
C ARG A 33 -3.15 1.32 -9.56
N THR A 34 -4.16 2.12 -9.24
CA THR A 34 -4.08 3.57 -9.42
C THR A 34 -5.02 4.29 -8.46
N PHE A 35 -4.44 5.12 -7.59
CA PHE A 35 -5.23 5.87 -6.62
C PHE A 35 -4.94 7.36 -6.72
N SER A 36 -5.95 8.19 -6.46
CA SER A 36 -5.80 9.63 -6.52
C SER A 36 -5.61 10.21 -5.12
N THR A 37 -5.95 9.43 -4.11
CA THR A 37 -5.82 9.88 -2.72
C THR A 37 -4.84 9.01 -1.95
N MET A 38 -4.13 9.61 -1.00
CA MET A 38 -3.15 8.89 -0.21
C MET A 38 -3.84 7.90 0.73
N HIS A 39 -5.11 8.17 1.04
CA HIS A 39 -5.88 7.30 1.93
C HIS A 39 -6.18 5.97 1.25
N GLU A 40 -6.51 6.02 -0.04
CA GLU A 40 -6.82 4.81 -0.79
C GLU A 40 -5.66 3.83 -0.75
N LEU A 41 -4.48 4.29 -1.18
CA LEU A 41 -3.29 3.45 -1.19
C LEU A 41 -3.10 2.76 0.16
N VAL A 42 -3.02 3.55 1.22
CA VAL A 42 -2.84 3.02 2.56
C VAL A 42 -3.96 2.05 2.92
N THR A 43 -5.19 2.42 2.58
CA THR A 43 -6.35 1.59 2.86
C THR A 43 -6.44 0.42 1.90
N HIS A 44 -5.66 0.47 0.82
CA HIS A 44 -5.65 -0.59 -0.17
C HIS A 44 -4.78 -1.76 0.29
N VAL A 45 -3.49 -1.51 0.44
CA VAL A 45 -2.55 -2.54 0.88
C VAL A 45 -2.97 -3.11 2.23
N THR A 46 -3.91 -2.45 2.88
CA THR A 46 -4.39 -2.89 4.19
C THR A 46 -5.25 -4.15 4.06
N MET A 47 -6.38 -4.02 3.37
CA MET A 47 -7.29 -5.13 3.17
C MET A 47 -7.00 -5.85 1.85
N GLU A 48 -6.89 -5.08 0.78
CA GLU A 48 -6.60 -5.64 -0.54
C GLU A 48 -5.43 -6.62 -0.47
N HIS A 49 -4.40 -6.24 0.27
CA HIS A 49 -3.22 -7.08 0.42
C HIS A 49 -3.13 -7.65 1.83
N VAL A 50 -2.62 -6.83 2.76
CA VAL A 50 -2.48 -7.25 4.15
C VAL A 50 -3.71 -8.01 4.63
N GLY A 51 -4.87 -7.64 4.08
CA GLY A 51 -6.10 -8.30 4.46
C GLY A 51 -6.43 -8.10 5.93
N GLY A 52 -7.60 -8.59 6.34
CA GLY A 52 -8.01 -8.46 7.73
C GLY A 52 -7.20 -9.34 8.66
N PRO A 53 -7.60 -9.40 9.94
CA PRO A 53 -6.91 -10.20 10.95
C PRO A 53 -7.10 -11.70 10.72
N GLU A 54 -7.80 -12.04 9.64
CA GLU A 54 -8.05 -13.44 9.31
C GLU A 54 -7.25 -13.86 8.09
N GLN A 55 -6.35 -12.98 7.64
CA GLN A 55 -5.52 -13.26 6.49
C GLN A 55 -4.47 -14.33 6.81
N ASN A 56 -4.18 -15.19 5.84
CA ASN A 56 -3.20 -16.25 6.03
C ASN A 56 -1.78 -15.71 5.83
N ASN A 57 -1.08 -15.49 6.93
CA ASN A 57 0.29 -14.99 6.89
C ASN A 57 0.30 -13.50 6.52
N HIS A 58 1.03 -12.72 7.30
CA HIS A 58 1.13 -11.27 7.06
C HIS A 58 2.58 -10.86 6.83
N VAL A 59 2.91 -10.52 5.60
CA VAL A 59 4.25 -10.09 5.24
C VAL A 59 4.24 -8.84 4.37
N CYS A 60 5.23 -7.98 4.56
CA CYS A 60 5.33 -6.75 3.79
C CYS A 60 5.97 -7.01 2.43
N TYR A 61 5.22 -6.75 1.37
CA TYR A 61 5.72 -6.95 0.01
C TYR A 61 5.83 -5.63 -0.72
N TRP A 62 7.00 -5.40 -1.33
CA TRP A 62 7.25 -4.17 -2.07
C TRP A 62 8.45 -4.32 -2.99
N GLU A 63 8.57 -3.42 -3.96
CA GLU A 63 9.68 -3.46 -4.91
C GLU A 63 10.95 -2.91 -4.27
N GLU A 64 10.78 -1.96 -3.35
CA GLU A 64 11.92 -1.36 -2.67
C GLU A 64 11.72 -1.37 -1.16
N CYS A 65 11.54 -2.56 -0.59
CA CYS A 65 11.34 -2.70 0.84
C CYS A 65 12.58 -3.30 1.50
N PRO A 66 12.86 -2.84 2.74
CA PRO A 66 14.01 -3.31 3.50
C PRO A 66 13.84 -4.74 3.98
N ARG A 67 12.65 -5.08 4.47
CA ARG A 67 12.37 -6.41 4.95
C ARG A 67 12.28 -7.41 3.79
N GLU A 68 12.17 -6.87 2.57
CA GLU A 68 12.08 -7.72 1.39
C GLU A 68 11.08 -8.85 1.60
N GLY A 69 10.18 -8.67 2.55
CA GLY A 69 9.19 -9.69 2.84
C GLY A 69 9.61 -10.61 3.97
N LYS A 70 10.37 -10.07 4.91
CA LYS A 70 10.84 -10.85 6.05
C LYS A 70 9.67 -11.37 6.89
N SER A 71 8.56 -10.65 6.82
CA SER A 71 7.36 -11.03 7.58
C SER A 71 7.45 -10.54 9.01
N PHE A 72 6.31 -10.17 9.58
CA PHE A 72 6.26 -9.67 10.95
C PHE A 72 5.68 -10.73 11.88
N LYS A 73 5.46 -10.35 13.14
CA LYS A 73 4.92 -11.27 14.13
C LYS A 73 3.42 -11.06 14.30
N ALA A 74 2.97 -9.83 14.11
CA ALA A 74 1.56 -9.49 14.24
C ALA A 74 0.98 -8.99 12.91
N LYS A 75 -0.29 -8.62 12.93
CA LYS A 75 -0.95 -8.13 11.72
C LYS A 75 -0.78 -6.62 11.59
N TYR A 76 -1.20 -5.89 12.61
CA TYR A 76 -1.11 -4.43 12.61
C TYR A 76 0.34 -3.99 12.38
N LYS A 77 1.27 -4.67 13.03
CA LYS A 77 2.69 -4.35 12.88
C LYS A 77 3.08 -4.29 11.41
N LEU A 78 2.41 -5.08 10.58
CA LEU A 78 2.69 -5.12 9.15
C LEU A 78 2.27 -3.82 8.48
N VAL A 79 1.01 -3.46 8.65
CA VAL A 79 0.48 -2.22 8.07
C VAL A 79 1.27 -1.00 8.54
N ASN A 80 1.77 -1.08 9.76
CA ASN A 80 2.54 0.02 10.33
C ASN A 80 3.79 0.29 9.50
N HIS A 81 4.49 -0.77 9.12
CA HIS A 81 5.70 -0.64 8.32
C HIS A 81 5.37 -0.30 6.87
N ILE A 82 4.21 -0.77 6.41
CA ILE A 82 3.78 -0.52 5.05
C ILE A 82 3.68 0.99 4.77
N ARG A 83 3.22 1.74 5.77
CA ARG A 83 3.09 3.18 5.63
C ARG A 83 4.38 3.80 5.15
N VAL A 84 5.49 3.42 5.77
CA VAL A 84 6.80 3.94 5.41
C VAL A 84 7.01 3.91 3.90
N HIS A 85 6.40 2.92 3.24
CA HIS A 85 6.51 2.78 1.80
C HIS A 85 5.55 3.72 1.08
N THR A 86 4.27 3.62 1.42
CA THR A 86 3.24 4.47 0.81
C THR A 86 3.68 5.93 0.80
N GLY A 87 4.36 6.35 1.86
CA GLY A 87 4.81 7.72 1.95
C GLY A 87 3.96 8.56 2.89
N GLU A 88 2.93 7.94 3.45
CA GLU A 88 2.04 8.64 4.37
C GLU A 88 2.68 8.75 5.76
N LYS A 89 1.83 8.83 6.78
CA LYS A 89 2.31 8.94 8.15
C LYS A 89 3.30 7.84 8.49
N SER A 90 3.68 7.74 9.76
CA SER A 90 4.63 6.73 10.20
C SER A 90 4.49 6.46 11.69
N GLY A 91 4.53 5.19 12.07
CA GLY A 91 4.40 4.82 13.46
C GLY A 91 3.28 5.57 14.15
N PRO A 92 3.32 5.59 15.49
CA PRO A 92 2.29 6.26 16.31
C PRO A 92 2.38 7.78 16.19
N SER A 93 1.30 8.45 16.55
CA SER A 93 1.25 9.91 16.48
C SER A 93 1.92 10.54 17.70
N SER A 94 3.22 10.29 17.85
CA SER A 94 3.97 10.82 18.97
C SER A 94 3.41 10.33 20.29
N GLY A 95 3.97 10.81 21.39
CA GLY A 95 3.51 10.42 22.70
C GLY A 95 3.78 8.95 22.99
ZN ZN B . -2.21 -3.29 -4.46
ZN ZN C . 8.37 -3.29 3.84
N GLY A 1 -30.28 19.46 -17.84
CA GLY A 1 -29.26 19.43 -18.88
C GLY A 1 -27.87 19.67 -18.35
N SER A 2 -27.35 18.70 -17.60
CA SER A 2 -26.02 18.82 -17.02
C SER A 2 -25.22 17.53 -17.21
N SER A 3 -24.00 17.50 -16.69
CA SER A 3 -23.14 16.33 -16.82
C SER A 3 -22.49 16.00 -15.48
N GLY A 4 -23.03 15.00 -14.80
CA GLY A 4 -22.49 14.60 -13.51
C GLY A 4 -22.49 15.74 -12.50
N SER A 5 -22.19 15.40 -11.25
CA SER A 5 -22.16 16.41 -10.18
C SER A 5 -20.74 16.91 -9.96
N SER A 6 -19.79 15.98 -9.88
CA SER A 6 -18.39 16.35 -9.67
C SER A 6 -17.94 17.39 -10.67
N GLY A 7 -16.70 17.87 -10.50
CA GLY A 7 -16.17 18.87 -11.40
C GLY A 7 -14.76 19.28 -11.03
N GLN A 8 -13.85 18.31 -10.94
CA GLN A 8 -12.47 18.59 -10.59
C GLN A 8 -11.52 17.64 -11.32
N PRO A 9 -10.34 18.15 -11.69
CA PRO A 9 -9.33 17.38 -12.40
C PRO A 9 -8.70 16.29 -11.53
N ILE A 10 -8.33 15.18 -12.15
CA ILE A 10 -7.72 14.07 -11.43
C ILE A 10 -6.48 14.52 -10.66
N LYS A 11 -6.01 13.68 -9.76
CA LYS A 11 -4.83 13.99 -8.96
C LYS A 11 -3.68 13.04 -9.30
N GLN A 12 -2.50 13.33 -8.75
CA GLN A 12 -1.33 12.50 -8.99
C GLN A 12 -1.65 11.02 -8.80
N GLU A 13 -0.79 10.16 -9.32
CA GLU A 13 -0.98 8.72 -9.21
C GLU A 13 0.07 8.10 -8.29
N LEU A 14 -0.39 7.54 -7.18
CA LEU A 14 0.50 6.92 -6.21
C LEU A 14 0.89 5.52 -6.67
N SER A 15 -0.10 4.70 -6.99
CA SER A 15 0.13 3.33 -7.43
C SER A 15 0.54 2.44 -6.26
N CYS A 16 0.23 1.15 -6.38
CA CYS A 16 0.55 0.18 -5.33
C CYS A 16 1.63 -0.79 -5.80
N LYS A 17 2.88 -0.49 -5.47
CA LYS A 17 3.99 -1.34 -5.86
C LYS A 17 4.11 -2.54 -4.93
N TRP A 18 3.00 -3.26 -4.78
CA TRP A 18 2.98 -4.45 -3.92
C TRP A 18 3.27 -5.71 -4.72
N ILE A 19 4.54 -6.12 -4.73
CA ILE A 19 4.95 -7.30 -5.45
C ILE A 19 4.82 -8.55 -4.59
N ASP A 20 3.63 -9.13 -4.57
CA ASP A 20 3.38 -10.34 -3.78
C ASP A 20 4.06 -11.55 -4.40
N GLU A 21 3.63 -12.74 -4.01
CA GLU A 21 4.20 -13.98 -4.53
C GLU A 21 3.11 -14.85 -5.15
N ALA A 22 2.00 -15.02 -4.43
CA ALA A 22 0.89 -15.84 -4.92
C ALA A 22 -0.05 -15.01 -5.79
N GLN A 23 0.52 -14.11 -6.58
CA GLN A 23 -0.27 -13.27 -7.47
C GLN A 23 -0.95 -14.11 -8.55
N LEU A 24 -0.65 -15.40 -8.57
CA LEU A 24 -1.24 -16.30 -9.54
C LEU A 24 -0.51 -16.22 -10.87
N SER A 25 0.26 -15.16 -11.07
CA SER A 25 1.02 -14.96 -12.29
C SER A 25 2.46 -14.59 -11.99
N ARG A 26 3.35 -14.86 -12.94
CA ARG A 26 4.76 -14.56 -12.78
C ARG A 26 5.35 -13.99 -14.07
N PRO A 27 6.49 -13.30 -13.94
CA PRO A 27 7.16 -13.08 -12.65
C PRO A 27 6.37 -12.14 -11.75
N LYS A 28 6.63 -12.22 -10.45
CA LYS A 28 5.95 -11.37 -9.47
C LYS A 28 5.72 -9.97 -10.04
N LYS A 29 4.56 -9.76 -10.64
CA LYS A 29 4.22 -8.47 -11.22
C LYS A 29 3.65 -7.53 -10.17
N SER A 30 3.78 -6.23 -10.40
CA SER A 30 3.27 -5.23 -9.47
C SER A 30 1.75 -5.21 -9.45
N CYS A 31 1.18 -4.92 -8.29
CA CYS A 31 -0.27 -4.87 -8.14
C CYS A 31 -0.91 -4.16 -9.33
N ASP A 32 -0.18 -3.23 -9.93
CA ASP A 32 -0.68 -2.49 -11.08
C ASP A 32 -1.97 -1.74 -10.73
N ARG A 33 -1.88 -0.89 -9.72
CA ARG A 33 -3.04 -0.11 -9.27
C ARG A 33 -2.79 1.38 -9.45
N THR A 34 -3.85 2.17 -9.30
CA THR A 34 -3.74 3.62 -9.44
C THR A 34 -4.72 4.33 -8.51
N PHE A 35 -4.18 5.12 -7.58
CA PHE A 35 -5.01 5.86 -6.64
C PHE A 35 -4.82 7.36 -6.81
N SER A 36 -5.81 8.12 -6.36
CA SER A 36 -5.76 9.59 -6.47
C SER A 36 -5.47 10.22 -5.13
N THR A 37 -5.79 9.50 -4.06
CA THR A 37 -5.56 9.99 -2.70
C THR A 37 -4.71 9.01 -1.90
N MET A 38 -3.75 9.55 -1.15
CA MET A 38 -2.87 8.72 -0.32
C MET A 38 -3.69 7.80 0.58
N HIS A 39 -4.88 8.25 0.96
CA HIS A 39 -5.75 7.46 1.82
C HIS A 39 -6.04 6.09 1.21
N GLU A 40 -6.51 6.09 -0.03
CA GLU A 40 -6.83 4.85 -0.73
C GLU A 40 -5.65 3.88 -0.67
N LEU A 41 -4.48 4.35 -1.09
CA LEU A 41 -3.27 3.52 -1.08
C LEU A 41 -3.11 2.81 0.26
N VAL A 42 -3.07 3.59 1.34
CA VAL A 42 -2.93 3.02 2.68
C VAL A 42 -4.07 2.07 3.00
N THR A 43 -5.27 2.43 2.57
CA THR A 43 -6.45 1.61 2.81
C THR A 43 -6.51 0.43 1.85
N HIS A 44 -5.73 0.50 0.78
CA HIS A 44 -5.69 -0.56 -0.22
C HIS A 44 -4.84 -1.73 0.27
N VAL A 45 -3.54 -1.50 0.43
CA VAL A 45 -2.63 -2.54 0.88
C VAL A 45 -3.07 -3.10 2.22
N THR A 46 -4.01 -2.41 2.87
CA THR A 46 -4.52 -2.84 4.17
C THR A 46 -5.38 -4.09 4.02
N MET A 47 -6.48 -3.96 3.29
CA MET A 47 -7.39 -5.09 3.08
C MET A 47 -7.05 -5.84 1.80
N GLU A 48 -6.80 -5.08 0.73
CA GLU A 48 -6.46 -5.66 -0.56
C GLU A 48 -5.32 -6.68 -0.42
N HIS A 49 -4.34 -6.34 0.42
CA HIS A 49 -3.20 -7.21 0.65
C HIS A 49 -3.18 -7.73 2.08
N VAL A 50 -2.71 -6.89 3.01
CA VAL A 50 -2.65 -7.26 4.41
C VAL A 50 -3.93 -7.94 4.86
N GLY A 51 -5.03 -7.64 4.18
CA GLY A 51 -6.31 -8.23 4.52
C GLY A 51 -6.65 -8.08 5.99
N GLY A 52 -7.85 -8.49 6.36
CA GLY A 52 -8.27 -8.38 7.75
C GLY A 52 -7.55 -9.36 8.65
N PRO A 53 -8.10 -9.59 9.86
CA PRO A 53 -7.51 -10.51 10.84
C PRO A 53 -7.63 -11.97 10.41
N GLU A 54 -8.32 -12.20 9.29
CA GLU A 54 -8.50 -13.55 8.77
C GLU A 54 -7.53 -13.82 7.63
N GLN A 55 -6.49 -13.01 7.52
CA GLN A 55 -5.49 -13.16 6.48
C GLN A 55 -4.44 -14.19 6.88
N ASN A 56 -4.21 -15.17 6.00
CA ASN A 56 -3.23 -16.22 6.28
C ASN A 56 -1.84 -15.80 5.81
N ASN A 57 -0.96 -15.51 6.77
CA ASN A 57 0.39 -15.09 6.45
C ASN A 57 0.44 -13.60 6.12
N HIS A 58 1.20 -12.85 6.92
CA HIS A 58 1.33 -11.41 6.71
C HIS A 58 2.77 -11.03 6.43
N VAL A 59 3.06 -10.67 5.18
CA VAL A 59 4.41 -10.28 4.78
C VAL A 59 4.40 -8.96 4.02
N CYS A 60 5.51 -8.25 4.09
CA CYS A 60 5.64 -6.97 3.40
C CYS A 60 6.20 -7.14 2.00
N TYR A 61 5.37 -6.95 1.00
CA TYR A 61 5.78 -7.10 -0.39
C TYR A 61 5.85 -5.75 -1.08
N TRP A 62 7.05 -5.36 -1.51
CA TRP A 62 7.25 -4.09 -2.20
C TRP A 62 8.42 -4.17 -3.17
N GLU A 63 8.55 -3.16 -4.02
CA GLU A 63 9.63 -3.11 -4.99
C GLU A 63 10.93 -2.65 -4.34
N GLU A 64 10.82 -1.74 -3.39
CA GLU A 64 11.99 -1.22 -2.68
C GLU A 64 11.77 -1.23 -1.18
N CYS A 65 11.61 -2.43 -0.62
CA CYS A 65 11.39 -2.57 0.82
C CYS A 65 12.61 -3.18 1.50
N PRO A 66 12.89 -2.73 2.73
CA PRO A 66 14.04 -3.20 3.52
C PRO A 66 13.85 -4.65 3.98
N ARG A 67 12.65 -4.96 4.45
CA ARG A 67 12.34 -6.31 4.92
C ARG A 67 12.26 -7.29 3.76
N GLU A 68 12.16 -6.76 2.54
CA GLU A 68 12.07 -7.59 1.35
C GLU A 68 11.10 -8.75 1.57
N GLY A 69 10.18 -8.58 2.52
CA GLY A 69 9.22 -9.62 2.80
C GLY A 69 9.67 -10.54 3.92
N LYS A 70 10.40 -9.99 4.89
CA LYS A 70 10.90 -10.78 6.01
C LYS A 70 9.74 -11.31 6.85
N SER A 71 8.58 -10.70 6.71
CA SER A 71 7.39 -11.11 7.46
C SER A 71 7.43 -10.55 8.87
N PHE A 72 6.25 -10.28 9.42
CA PHE A 72 6.14 -9.73 10.78
C PHE A 72 5.59 -10.77 11.74
N LYS A 73 5.49 -10.40 13.01
CA LYS A 73 4.97 -11.30 14.04
C LYS A 73 3.55 -10.93 14.42
N ALA A 74 3.09 -9.77 13.94
CA ALA A 74 1.75 -9.30 14.24
C ALA A 74 1.05 -8.79 12.97
N LYS A 75 -0.28 -8.69 13.03
CA LYS A 75 -1.06 -8.22 11.90
C LYS A 75 -0.87 -6.72 11.69
N TYR A 76 -1.20 -5.94 12.72
CA TYR A 76 -1.07 -4.49 12.64
C TYR A 76 0.38 -4.09 12.40
N LYS A 77 1.31 -4.88 12.92
CA LYS A 77 2.73 -4.61 12.78
C LYS A 77 3.11 -4.53 11.30
N LEU A 78 2.28 -5.11 10.44
CA LEU A 78 2.53 -5.09 9.01
C LEU A 78 2.09 -3.76 8.39
N VAL A 79 0.81 -3.43 8.56
CA VAL A 79 0.27 -2.19 8.02
C VAL A 79 1.05 -0.98 8.54
N ASN A 80 1.62 -1.12 9.73
CA ASN A 80 2.40 -0.04 10.34
C ASN A 80 3.64 0.26 9.51
N HIS A 81 4.39 -0.78 9.17
CA HIS A 81 5.61 -0.62 8.38
C HIS A 81 5.28 -0.23 6.94
N ILE A 82 4.21 -0.81 6.41
CA ILE A 82 3.78 -0.53 5.04
C ILE A 82 3.67 0.97 4.80
N ARG A 83 3.19 1.70 5.80
CA ARG A 83 3.04 3.14 5.69
C ARG A 83 4.32 3.78 5.18
N VAL A 84 5.45 3.39 5.77
CA VAL A 84 6.75 3.92 5.38
C VAL A 84 6.92 3.88 3.87
N HIS A 85 6.30 2.90 3.24
CA HIS A 85 6.39 2.75 1.78
C HIS A 85 5.37 3.66 1.08
N THR A 86 4.11 3.52 1.44
CA THR A 86 3.05 4.33 0.84
C THR A 86 3.48 5.79 0.72
N GLY A 87 4.24 6.26 1.71
CA GLY A 87 4.70 7.64 1.68
C GLY A 87 3.95 8.51 2.67
N GLU A 88 3.01 7.92 3.39
CA GLU A 88 2.23 8.65 4.37
C GLU A 88 3.02 8.87 5.66
N LYS A 89 2.30 9.08 6.76
CA LYS A 89 2.95 9.30 8.05
C LYS A 89 3.09 7.99 8.81
N SER A 90 3.65 8.06 10.02
CA SER A 90 3.84 6.88 10.84
C SER A 90 3.47 7.16 12.30
N GLY A 91 2.30 6.66 12.71
CA GLY A 91 1.84 6.87 14.07
C GLY A 91 1.31 8.26 14.29
N PRO A 92 0.96 8.58 15.55
CA PRO A 92 0.43 9.89 15.92
C PRO A 92 1.46 10.99 15.82
N SER A 93 2.62 10.77 16.42
CA SER A 93 3.70 11.75 16.39
C SER A 93 5.00 11.16 16.93
N SER A 94 6.11 11.85 16.69
CA SER A 94 7.41 11.38 17.15
C SER A 94 8.08 12.43 18.05
N GLY A 95 7.35 12.87 19.06
CA GLY A 95 7.89 13.86 19.98
C GLY A 95 8.28 15.15 19.28
ZN ZN B . -2.24 -3.58 -4.03
ZN ZN C . 8.41 -3.20 3.83
N GLY A 1 -29.00 34.32 -17.16
CA GLY A 1 -28.14 33.22 -17.56
C GLY A 1 -26.81 33.23 -16.84
N SER A 2 -25.76 32.75 -17.51
CA SER A 2 -24.43 32.71 -16.94
C SER A 2 -24.28 31.51 -16.01
N SER A 3 -23.76 30.41 -16.56
CA SER A 3 -23.57 29.19 -15.78
C SER A 3 -22.09 28.91 -15.58
N GLY A 4 -21.79 27.94 -14.71
CA GLY A 4 -20.41 27.58 -14.44
C GLY A 4 -20.28 26.33 -13.61
N SER A 5 -19.05 25.90 -13.38
CA SER A 5 -18.79 24.68 -12.60
C SER A 5 -17.39 24.70 -12.01
N SER A 6 -17.23 24.06 -10.85
CA SER A 6 -15.94 24.01 -10.19
C SER A 6 -15.46 22.56 -10.07
N GLY A 7 -14.21 22.40 -9.62
CA GLY A 7 -13.65 21.06 -9.46
C GLY A 7 -12.25 21.10 -8.87
N GLN A 8 -11.96 20.14 -8.00
CA GLN A 8 -10.65 20.06 -7.36
C GLN A 8 -9.56 19.80 -8.39
N PRO A 9 -8.38 20.40 -8.16
CA PRO A 9 -7.23 20.25 -9.07
C PRO A 9 -6.64 18.84 -9.02
N ILE A 10 -6.56 18.19 -10.17
CA ILE A 10 -6.02 16.84 -10.26
C ILE A 10 -4.67 16.75 -9.56
N LYS A 11 -4.32 15.55 -9.12
CA LYS A 11 -3.05 15.33 -8.44
C LYS A 11 -2.32 14.12 -9.02
N GLN A 12 -1.10 13.88 -8.54
CA GLN A 12 -0.31 12.75 -9.02
C GLN A 12 -1.08 11.45 -8.89
N GLU A 13 -0.54 10.38 -9.47
CA GLU A 13 -1.19 9.07 -9.42
C GLU A 13 -0.38 8.11 -8.56
N LEU A 14 -0.90 7.82 -7.36
CA LEU A 14 -0.22 6.91 -6.44
C LEU A 14 -0.40 5.45 -6.88
N SER A 15 0.71 4.76 -7.06
CA SER A 15 0.69 3.36 -7.48
C SER A 15 1.17 2.45 -6.36
N CYS A 16 0.54 1.28 -6.24
CA CYS A 16 0.90 0.31 -5.22
C CYS A 16 1.86 -0.73 -5.77
N LYS A 17 3.15 -0.59 -5.45
CA LYS A 17 4.16 -1.52 -5.91
C LYS A 17 4.25 -2.74 -5.00
N TRP A 18 3.10 -3.36 -4.73
CA TRP A 18 3.04 -4.53 -3.87
C TRP A 18 3.27 -5.81 -4.67
N ILE A 19 4.50 -6.33 -4.61
CA ILE A 19 4.83 -7.56 -5.33
C ILE A 19 4.70 -8.78 -4.43
N ASP A 20 3.55 -9.43 -4.52
CA ASP A 20 3.28 -10.62 -3.72
C ASP A 20 4.01 -11.84 -4.29
N GLU A 21 3.58 -13.02 -3.88
CA GLU A 21 4.21 -14.26 -4.35
C GLU A 21 3.16 -15.20 -4.94
N ALA A 22 2.04 -15.35 -4.24
CA ALA A 22 0.95 -16.21 -4.69
C ALA A 22 0.01 -15.47 -5.62
N GLN A 23 0.56 -14.59 -6.46
CA GLN A 23 -0.24 -13.82 -7.39
C GLN A 23 -0.89 -14.72 -8.44
N LEU A 24 -0.55 -16.01 -8.39
CA LEU A 24 -1.11 -16.98 -9.32
C LEU A 24 -0.35 -16.95 -10.65
N SER A 25 0.39 -15.88 -10.87
CA SER A 25 1.17 -15.72 -12.11
C SER A 25 2.59 -15.26 -11.80
N ARG A 26 3.50 -15.53 -12.74
CA ARG A 26 4.89 -15.15 -12.57
C ARG A 26 5.45 -14.56 -13.86
N PRO A 27 6.55 -13.81 -13.73
CA PRO A 27 7.20 -13.54 -12.44
C PRO A 27 6.35 -12.63 -11.56
N LYS A 28 6.61 -12.68 -10.25
CA LYS A 28 5.87 -11.87 -9.30
C LYS A 28 5.54 -10.51 -9.88
N LYS A 29 4.35 -10.39 -10.48
CA LYS A 29 3.91 -9.14 -11.08
C LYS A 29 3.65 -8.09 -10.01
N SER A 30 3.68 -6.82 -10.41
CA SER A 30 3.46 -5.71 -9.49
C SER A 30 1.97 -5.37 -9.40
N CYS A 31 1.46 -5.33 -8.18
CA CYS A 31 0.05 -5.01 -7.95
C CYS A 31 -0.45 -3.99 -8.98
N ASP A 32 0.42 -3.06 -9.34
CA ASP A 32 0.06 -2.03 -10.32
C ASP A 32 -1.32 -1.46 -10.02
N ARG A 33 -1.36 -0.35 -9.29
CA ARG A 33 -2.61 0.30 -8.93
C ARG A 33 -2.54 1.80 -9.17
N THR A 34 -3.68 2.46 -9.07
CA THR A 34 -3.76 3.91 -9.28
C THR A 34 -4.75 4.56 -8.31
N PHE A 35 -4.24 5.36 -7.41
CA PHE A 35 -5.08 6.04 -6.43
C PHE A 35 -4.90 7.56 -6.52
N SER A 36 -5.96 8.29 -6.16
CA SER A 36 -5.92 9.75 -6.20
C SER A 36 -5.68 10.33 -4.81
N THR A 37 -6.19 9.64 -3.79
CA THR A 37 -6.03 10.09 -2.41
C THR A 37 -5.10 9.16 -1.64
N MET A 38 -4.19 9.75 -0.88
CA MET A 38 -3.24 8.97 -0.09
C MET A 38 -3.96 7.95 0.78
N HIS A 39 -5.14 8.31 1.26
CA HIS A 39 -5.93 7.42 2.10
C HIS A 39 -6.17 6.08 1.40
N GLU A 40 -6.56 6.15 0.14
CA GLU A 40 -6.82 4.94 -0.65
C GLU A 40 -5.66 3.96 -0.54
N LEU A 41 -4.51 4.35 -1.08
CA LEU A 41 -3.31 3.51 -1.04
C LEU A 41 -3.19 2.80 0.30
N VAL A 42 -3.15 3.58 1.37
CA VAL A 42 -3.03 3.03 2.72
C VAL A 42 -4.17 2.05 3.02
N THR A 43 -5.36 2.40 2.55
CA THR A 43 -6.54 1.56 2.76
C THR A 43 -6.54 0.38 1.79
N HIS A 44 -5.73 0.47 0.74
CA HIS A 44 -5.65 -0.59 -0.25
C HIS A 44 -4.81 -1.76 0.27
N VAL A 45 -3.52 -1.51 0.48
CA VAL A 45 -2.61 -2.53 0.97
C VAL A 45 -3.09 -3.10 2.30
N THR A 46 -4.06 -2.42 2.91
CA THR A 46 -4.60 -2.85 4.19
C THR A 46 -5.50 -4.07 4.02
N MET A 47 -6.57 -3.91 3.25
CA MET A 47 -7.51 -4.99 3.01
C MET A 47 -7.14 -5.77 1.75
N GLU A 48 -6.86 -5.03 0.68
CA GLU A 48 -6.50 -5.63 -0.60
C GLU A 48 -5.35 -6.63 -0.42
N HIS A 49 -4.40 -6.28 0.44
CA HIS A 49 -3.25 -7.14 0.70
C HIS A 49 -3.30 -7.69 2.12
N VAL A 50 -2.87 -6.88 3.08
CA VAL A 50 -2.85 -7.29 4.48
C VAL A 50 -4.15 -8.01 4.85
N GLY A 51 -5.21 -7.75 4.09
CA GLY A 51 -6.48 -8.38 4.35
C GLY A 51 -6.83 -8.40 5.82
N GLY A 52 -6.72 -7.25 6.47
CA GLY A 52 -7.03 -7.15 7.88
C GLY A 52 -6.57 -8.38 8.65
N PRO A 53 -7.18 -8.61 9.83
CA PRO A 53 -6.85 -9.75 10.68
C PRO A 53 -7.30 -11.08 10.08
N GLU A 54 -8.41 -11.04 9.36
CA GLU A 54 -8.94 -12.25 8.73
C GLU A 54 -7.90 -12.90 7.83
N GLN A 55 -6.83 -12.16 7.54
CA GLN A 55 -5.75 -12.67 6.69
C GLN A 55 -4.87 -13.64 7.46
N ASN A 56 -4.19 -14.52 6.73
CA ASN A 56 -3.31 -15.51 7.34
C ASN A 56 -1.89 -15.40 6.77
N ASN A 57 -0.96 -14.98 7.62
CA ASN A 57 0.43 -14.84 7.21
C ASN A 57 0.63 -13.55 6.39
N HIS A 58 1.04 -12.49 7.06
CA HIS A 58 1.26 -11.20 6.40
C HIS A 58 2.75 -10.96 6.19
N VAL A 59 3.13 -10.64 4.96
CA VAL A 59 4.52 -10.38 4.63
C VAL A 59 4.65 -9.14 3.75
N CYS A 60 5.40 -8.15 4.24
CA CYS A 60 5.61 -6.91 3.51
C CYS A 60 6.15 -7.19 2.12
N TYR A 61 5.32 -6.96 1.11
CA TYR A 61 5.70 -7.20 -0.28
C TYR A 61 5.83 -5.88 -1.04
N TRP A 62 7.05 -5.54 -1.46
CA TRP A 62 7.29 -4.32 -2.20
C TRP A 62 8.43 -4.50 -3.19
N GLU A 63 8.59 -3.53 -4.09
CA GLU A 63 9.64 -3.59 -5.10
C GLU A 63 10.98 -3.15 -4.50
N GLU A 64 10.92 -2.29 -3.49
CA GLU A 64 12.12 -1.79 -2.84
C GLU A 64 11.90 -1.62 -1.35
N CYS A 65 11.72 -2.73 -0.64
CA CYS A 65 11.50 -2.70 0.79
C CYS A 65 12.71 -3.26 1.55
N PRO A 66 13.00 -2.66 2.71
CA PRO A 66 14.13 -3.08 3.55
C PRO A 66 13.92 -4.44 4.18
N ARG A 67 12.71 -4.68 4.68
CA ARG A 67 12.37 -5.95 5.31
C ARG A 67 12.27 -7.07 4.27
N GLU A 68 12.18 -6.68 3.01
CA GLU A 68 12.08 -7.64 1.92
C GLU A 68 11.01 -8.70 2.22
N GLY A 69 10.10 -8.36 3.14
CA GLY A 69 9.05 -9.29 3.50
C GLY A 69 9.44 -10.17 4.68
N LYS A 70 10.13 -9.58 5.65
CA LYS A 70 10.56 -10.31 6.84
C LYS A 70 9.40 -11.09 7.45
N SER A 71 8.18 -10.67 7.13
CA SER A 71 6.98 -11.33 7.65
C SER A 71 6.64 -10.81 9.04
N PHE A 72 7.42 -9.84 9.51
CA PHE A 72 7.21 -9.25 10.83
C PHE A 72 6.83 -10.33 11.84
N LYS A 73 5.53 -10.52 12.04
CA LYS A 73 5.03 -11.52 12.98
C LYS A 73 3.54 -11.31 13.26
N ALA A 74 3.13 -10.05 13.30
CA ALA A 74 1.74 -9.71 13.56
C ALA A 74 1.04 -9.23 12.29
N LYS A 75 -0.23 -8.87 12.41
CA LYS A 75 -1.00 -8.39 11.28
C LYS A 75 -0.92 -6.87 11.17
N TYR A 76 -0.91 -6.19 12.31
CA TYR A 76 -0.83 -4.74 12.34
C TYR A 76 0.58 -4.26 12.05
N LYS A 77 1.55 -4.83 12.75
CA LYS A 77 2.95 -4.46 12.56
C LYS A 77 3.26 -4.21 11.09
N LEU A 78 2.61 -4.95 10.22
CA LEU A 78 2.80 -4.81 8.78
C LEU A 78 2.21 -3.49 8.28
N VAL A 79 0.91 -3.34 8.43
CA VAL A 79 0.22 -2.12 8.00
C VAL A 79 0.90 -0.88 8.58
N ASN A 80 1.64 -1.07 9.66
CA ASN A 80 2.34 0.04 10.31
C ASN A 80 3.57 0.44 9.51
N HIS A 81 4.35 -0.55 9.09
CA HIS A 81 5.56 -0.30 8.32
C HIS A 81 5.23 -0.03 6.86
N ILE A 82 4.08 -0.53 6.41
CA ILE A 82 3.64 -0.35 5.03
C ILE A 82 3.59 1.14 4.68
N ARG A 83 3.08 1.94 5.60
CA ARG A 83 2.97 3.38 5.37
C ARG A 83 4.26 3.94 4.79
N VAL A 84 5.38 3.58 5.39
CA VAL A 84 6.69 4.04 4.93
C VAL A 84 6.81 3.91 3.41
N HIS A 85 6.19 2.88 2.86
CA HIS A 85 6.23 2.64 1.42
C HIS A 85 5.20 3.51 0.70
N THR A 86 3.99 3.54 1.22
CA THR A 86 2.91 4.34 0.62
C THR A 86 3.33 5.80 0.50
N GLY A 87 4.14 6.26 1.44
CA GLY A 87 4.60 7.64 1.42
C GLY A 87 3.80 8.54 2.34
N GLU A 88 2.77 7.96 2.96
CA GLU A 88 1.92 8.72 3.88
C GLU A 88 2.63 8.95 5.21
N LYS A 89 1.84 9.09 6.27
CA LYS A 89 2.39 9.31 7.61
C LYS A 89 2.80 7.99 8.25
N SER A 90 3.26 8.07 9.50
CA SER A 90 3.69 6.88 10.23
C SER A 90 2.62 6.45 11.22
N GLY A 91 2.92 5.40 11.99
CA GLY A 91 1.98 4.90 12.97
C GLY A 91 2.49 5.01 14.38
N PRO A 92 1.58 4.94 15.36
CA PRO A 92 1.92 5.02 16.79
C PRO A 92 2.69 3.81 17.28
N SER A 93 3.46 3.99 18.34
CA SER A 93 4.26 2.90 18.90
C SER A 93 4.16 2.91 20.43
N SER A 94 3.12 2.29 20.95
CA SER A 94 2.91 2.22 22.40
C SER A 94 4.25 2.09 23.13
N GLY A 95 4.34 2.75 24.29
CA GLY A 95 5.57 2.70 25.06
C GLY A 95 6.53 3.81 24.70
ZN ZN B . -1.68 -3.41 -3.86
ZN ZN C . 8.44 -3.09 3.89
N GLY A 1 -17.54 29.68 -10.08
CA GLY A 1 -16.17 29.43 -10.50
C GLY A 1 -15.46 30.69 -10.96
N SER A 2 -14.32 30.53 -11.60
CA SER A 2 -13.54 31.66 -12.09
C SER A 2 -12.87 31.34 -13.42
N SER A 3 -12.59 32.37 -14.21
CA SER A 3 -11.95 32.19 -15.50
C SER A 3 -10.49 32.64 -15.46
N GLY A 4 -9.85 32.65 -16.63
CA GLY A 4 -8.46 33.06 -16.70
C GLY A 4 -7.79 32.60 -17.97
N SER A 5 -7.09 31.48 -17.90
CA SER A 5 -6.39 30.93 -19.05
C SER A 5 -5.76 29.58 -18.72
N SER A 6 -5.07 29.51 -17.59
CA SER A 6 -4.42 28.28 -17.16
C SER A 6 -5.27 27.55 -16.13
N GLY A 7 -4.77 26.41 -15.66
CA GLY A 7 -5.51 25.62 -14.68
C GLY A 7 -4.66 25.30 -13.47
N GLN A 8 -4.35 24.01 -13.28
CA GLN A 8 -3.56 23.57 -12.15
C GLN A 8 -2.45 22.62 -12.60
N PRO A 9 -1.42 22.48 -11.77
CA PRO A 9 -0.28 21.60 -12.06
C PRO A 9 -0.65 20.13 -12.00
N ILE A 10 -0.05 19.33 -12.87
CA ILE A 10 -0.31 17.90 -12.90
C ILE A 10 -0.27 17.29 -11.51
N LYS A 11 -0.94 16.16 -11.34
CA LYS A 11 -0.98 15.47 -10.06
C LYS A 11 -0.19 14.17 -10.11
N GLN A 12 0.04 13.57 -8.95
CA GLN A 12 0.77 12.31 -8.87
C GLN A 12 -0.18 11.12 -8.89
N GLU A 13 0.38 9.93 -9.13
CA GLU A 13 -0.43 8.72 -9.17
C GLU A 13 0.07 7.69 -8.16
N LEU A 14 -0.51 7.72 -6.97
CA LEU A 14 -0.12 6.79 -5.91
C LEU A 14 -0.24 5.35 -6.38
N SER A 15 0.84 4.83 -6.96
CA SER A 15 0.85 3.45 -7.46
C SER A 15 1.23 2.48 -6.35
N CYS A 16 0.44 1.42 -6.20
CA CYS A 16 0.68 0.42 -5.18
C CYS A 16 1.71 -0.61 -5.66
N LYS A 17 2.97 -0.36 -5.38
CA LYS A 17 4.05 -1.25 -5.78
C LYS A 17 4.11 -2.48 -4.87
N TRP A 18 3.01 -3.23 -4.82
CA TRP A 18 2.93 -4.42 -4.00
C TRP A 18 3.10 -5.69 -4.84
N ILE A 19 4.33 -6.19 -4.88
CA ILE A 19 4.64 -7.39 -5.66
C ILE A 19 4.22 -8.64 -4.89
N ASP A 20 3.03 -9.14 -5.18
CA ASP A 20 2.52 -10.33 -4.52
C ASP A 20 3.51 -11.48 -4.65
N GLU A 21 3.10 -12.67 -4.19
CA GLU A 21 3.96 -13.84 -4.24
C GLU A 21 3.17 -15.07 -4.68
N ALA A 22 3.71 -15.79 -5.66
CA ALA A 22 3.05 -16.98 -6.19
C ALA A 22 1.81 -16.62 -6.99
N GLN A 23 1.52 -15.33 -7.09
CA GLN A 23 0.36 -14.85 -7.83
C GLN A 23 0.12 -15.70 -9.08
N LEU A 24 -1.15 -16.00 -9.36
CA LEU A 24 -1.51 -16.80 -10.51
C LEU A 24 -0.57 -16.51 -11.69
N SER A 25 -0.34 -15.23 -11.96
CA SER A 25 0.52 -14.82 -13.06
C SER A 25 1.97 -14.77 -12.61
N ARG A 26 2.89 -14.90 -13.56
CA ARG A 26 4.31 -14.87 -13.27
C ARG A 26 5.10 -14.27 -14.43
N PRO A 27 6.32 -13.77 -14.13
CA PRO A 27 6.87 -13.80 -12.77
C PRO A 27 6.14 -12.84 -11.83
N LYS A 28 6.46 -12.94 -10.54
CA LYS A 28 5.83 -12.08 -9.54
C LYS A 28 5.67 -10.66 -10.06
N LYS A 29 4.46 -10.34 -10.52
CA LYS A 29 4.18 -9.01 -11.05
C LYS A 29 4.00 -8.01 -9.92
N SER A 30 3.78 -6.75 -10.28
CA SER A 30 3.60 -5.69 -9.29
C SER A 30 2.16 -5.20 -9.28
N CYS A 31 1.54 -5.21 -8.11
CA CYS A 31 0.16 -4.76 -7.95
C CYS A 31 -0.10 -3.51 -8.77
N ASP A 32 0.94 -2.69 -8.95
CA ASP A 32 0.82 -1.46 -9.71
C ASP A 32 -0.33 -0.60 -9.19
N ARG A 33 -1.51 -0.80 -9.78
CA ARG A 33 -2.68 -0.04 -9.37
C ARG A 33 -2.43 1.46 -9.48
N THR A 34 -3.46 2.25 -9.19
CA THR A 34 -3.36 3.70 -9.27
C THR A 34 -4.46 4.38 -8.45
N PHE A 35 -4.05 5.25 -7.53
CA PHE A 35 -5.00 5.96 -6.68
C PHE A 35 -4.73 7.46 -6.70
N SER A 36 -5.76 8.25 -6.38
CA SER A 36 -5.63 9.70 -6.37
C SER A 36 -5.62 10.24 -4.94
N THR A 37 -5.95 9.36 -3.99
CA THR A 37 -5.99 9.75 -2.58
C THR A 37 -5.04 8.88 -1.75
N MET A 38 -4.37 9.50 -0.78
CA MET A 38 -3.44 8.79 0.09
C MET A 38 -4.16 7.74 0.92
N HIS A 39 -5.41 8.03 1.27
CA HIS A 39 -6.22 7.10 2.07
C HIS A 39 -6.46 5.81 1.31
N GLU A 40 -6.74 5.92 0.02
CA GLU A 40 -7.00 4.76 -0.82
C GLU A 40 -5.85 3.77 -0.74
N LEU A 41 -4.66 4.22 -1.13
CA LEU A 41 -3.47 3.37 -1.11
C LEU A 41 -3.33 2.68 0.25
N VAL A 42 -3.30 3.47 1.31
CA VAL A 42 -3.16 2.94 2.65
C VAL A 42 -4.30 1.98 2.99
N THR A 43 -5.49 2.29 2.47
CA THR A 43 -6.66 1.46 2.71
C THR A 43 -6.68 0.24 1.79
N HIS A 44 -5.84 0.29 0.75
CA HIS A 44 -5.76 -0.80 -0.22
C HIS A 44 -4.88 -1.93 0.31
N VAL A 45 -3.58 -1.64 0.45
CA VAL A 45 -2.63 -2.63 0.96
C VAL A 45 -3.07 -3.19 2.30
N THR A 46 -4.03 -2.50 2.94
CA THR A 46 -4.53 -2.92 4.23
C THR A 46 -5.35 -4.21 4.11
N MET A 47 -6.48 -4.13 3.43
CA MET A 47 -7.34 -5.29 3.25
C MET A 47 -6.99 -6.03 1.96
N GLU A 48 -6.86 -5.27 0.88
CA GLU A 48 -6.52 -5.85 -0.43
C GLU A 48 -5.33 -6.79 -0.32
N HIS A 49 -4.34 -6.38 0.47
CA HIS A 49 -3.14 -7.19 0.66
C HIS A 49 -3.07 -7.73 2.08
N VAL A 50 -2.61 -6.92 3.01
CA VAL A 50 -2.49 -7.32 4.41
C VAL A 50 -3.73 -8.09 4.86
N GLY A 51 -4.87 -7.77 4.25
CA GLY A 51 -6.11 -8.45 4.59
C GLY A 51 -6.38 -8.41 6.09
N GLY A 52 -7.57 -8.86 6.47
CA GLY A 52 -7.94 -8.88 7.88
C GLY A 52 -6.95 -9.65 8.73
N PRO A 53 -7.17 -9.64 10.06
CA PRO A 53 -6.30 -10.34 11.01
C PRO A 53 -6.43 -11.85 10.90
N GLU A 54 -7.42 -12.31 10.13
CA GLU A 54 -7.65 -13.73 9.95
C GLU A 54 -6.91 -14.26 8.72
N GLN A 55 -6.06 -13.41 8.14
CA GLN A 55 -5.30 -13.77 6.96
C GLN A 55 -4.17 -14.74 7.32
N ASN A 56 -3.89 -15.68 6.42
CA ASN A 56 -2.83 -16.66 6.65
C ASN A 56 -1.49 -16.14 6.17
N ASN A 57 -0.65 -15.71 7.11
CA ASN A 57 0.67 -15.18 6.77
C ASN A 57 0.57 -13.75 6.26
N HIS A 58 1.21 -12.83 6.97
CA HIS A 58 1.20 -11.42 6.58
C HIS A 58 2.62 -10.89 6.41
N VAL A 59 3.04 -10.70 5.16
CA VAL A 59 4.37 -10.20 4.86
C VAL A 59 4.30 -8.92 4.04
N CYS A 60 5.31 -8.07 4.20
CA CYS A 60 5.37 -6.81 3.47
C CYS A 60 5.99 -7.00 2.09
N TYR A 61 5.14 -6.99 1.07
CA TYR A 61 5.61 -7.17 -0.31
C TYR A 61 5.69 -5.83 -1.03
N TRP A 62 6.89 -5.49 -1.49
CA TRP A 62 7.10 -4.23 -2.21
C TRP A 62 8.23 -4.36 -3.22
N GLU A 63 8.38 -3.35 -4.07
CA GLU A 63 9.42 -3.36 -5.09
C GLU A 63 10.73 -2.80 -4.54
N GLU A 64 10.62 -1.83 -3.64
CA GLU A 64 11.79 -1.21 -3.03
C GLU A 64 11.68 -1.20 -1.51
N CYS A 65 11.50 -2.38 -0.93
CA CYS A 65 11.38 -2.52 0.52
C CYS A 65 12.62 -3.17 1.11
N PRO A 66 13.00 -2.71 2.32
CA PRO A 66 14.18 -3.22 3.02
C PRO A 66 13.97 -4.66 3.52
N ARG A 67 12.79 -4.93 4.06
CA ARG A 67 12.48 -6.26 4.57
C ARG A 67 12.28 -7.25 3.43
N GLU A 68 12.13 -6.72 2.22
CA GLU A 68 11.94 -7.56 1.04
C GLU A 68 10.95 -8.69 1.34
N GLY A 69 10.10 -8.49 2.34
CA GLY A 69 9.13 -9.49 2.70
C GLY A 69 9.62 -10.40 3.82
N LYS A 70 10.27 -9.80 4.82
CA LYS A 70 10.80 -10.55 5.94
C LYS A 70 9.73 -10.75 7.01
N SER A 71 8.47 -10.82 6.58
CA SER A 71 7.35 -11.00 7.49
C SER A 71 7.48 -10.06 8.70
N PHE A 72 6.60 -10.25 9.68
CA PHE A 72 6.62 -9.43 10.88
C PHE A 72 6.24 -10.25 12.12
N LYS A 73 4.95 -10.28 12.43
CA LYS A 73 4.45 -11.03 13.57
C LYS A 73 3.01 -10.63 13.90
N ALA A 74 2.76 -9.32 13.92
CA ALA A 74 1.42 -8.82 14.22
C ALA A 74 0.73 -8.32 12.95
N LYS A 75 -0.59 -8.44 12.92
CA LYS A 75 -1.37 -8.00 11.77
C LYS A 75 -1.25 -6.49 11.57
N TYR A 76 -1.26 -5.76 12.68
CA TYR A 76 -1.15 -4.30 12.63
C TYR A 76 0.27 -3.87 12.27
N LYS A 77 1.24 -4.39 13.03
CA LYS A 77 2.64 -4.06 12.80
C LYS A 77 2.95 -4.03 11.31
N LEU A 78 2.53 -5.05 10.58
CA LEU A 78 2.75 -5.13 9.15
C LEU A 78 2.33 -3.85 8.45
N VAL A 79 1.06 -3.49 8.60
CA VAL A 79 0.52 -2.29 7.99
C VAL A 79 1.30 -1.05 8.45
N ASN A 80 1.75 -1.08 9.69
CA ASN A 80 2.50 0.04 10.25
C ASN A 80 3.75 0.33 9.42
N HIS A 81 4.44 -0.74 9.01
CA HIS A 81 5.66 -0.61 8.22
C HIS A 81 5.32 -0.23 6.78
N ILE A 82 4.27 -0.85 6.23
CA ILE A 82 3.85 -0.57 4.87
C ILE A 82 3.76 0.93 4.61
N ARG A 83 3.23 1.66 5.59
CA ARG A 83 3.09 3.11 5.47
C ARG A 83 4.38 3.74 4.96
N VAL A 84 5.50 3.35 5.56
CA VAL A 84 6.81 3.87 5.18
C VAL A 84 6.98 3.83 3.66
N HIS A 85 6.37 2.84 3.02
CA HIS A 85 6.46 2.69 1.57
C HIS A 85 5.43 3.57 0.88
N THR A 86 4.20 3.57 1.39
CA THR A 86 3.12 4.36 0.81
C THR A 86 3.51 5.84 0.73
N GLY A 87 4.22 6.30 1.75
CA GLY A 87 4.64 7.69 1.77
C GLY A 87 3.68 8.57 2.55
N GLU A 88 2.67 7.96 3.16
CA GLU A 88 1.67 8.70 3.92
C GLU A 88 2.28 9.22 5.23
N LYS A 89 1.42 9.45 6.22
CA LYS A 89 1.87 9.95 7.52
C LYS A 89 1.60 8.92 8.61
N SER A 90 1.84 9.32 9.86
CA SER A 90 1.63 8.43 11.00
C SER A 90 1.04 9.20 12.18
N GLY A 91 -0.28 9.11 12.36
CA GLY A 91 -0.93 9.79 13.45
C GLY A 91 -0.33 9.44 14.79
N PRO A 92 -0.52 10.33 15.78
CA PRO A 92 -0.01 10.12 17.14
C PRO A 92 -0.72 9.00 17.87
N SER A 93 -0.26 7.77 17.65
CA SER A 93 -0.86 6.61 18.29
C SER A 93 -0.41 6.49 19.76
N SER A 94 0.77 7.03 20.05
CA SER A 94 1.30 6.99 21.40
C SER A 94 2.65 7.71 21.46
N GLY A 95 2.94 8.31 22.62
CA GLY A 95 4.19 9.02 22.80
C GLY A 95 5.32 8.12 23.27
ZN ZN B . -1.87 -3.37 -3.94
ZN ZN C . 8.41 -3.24 3.71
N GLY A 1 -18.93 37.49 -6.61
CA GLY A 1 -17.84 36.87 -5.91
C GLY A 1 -16.70 36.49 -6.82
N SER A 2 -16.05 35.36 -6.53
CA SER A 2 -14.92 34.89 -7.33
C SER A 2 -14.49 33.49 -6.90
N SER A 3 -14.65 32.53 -7.79
CA SER A 3 -14.27 31.15 -7.51
C SER A 3 -14.54 30.24 -8.71
N GLY A 4 -13.48 29.79 -9.36
CA GLY A 4 -13.61 28.94 -10.52
C GLY A 4 -12.51 27.91 -10.61
N SER A 5 -12.34 27.33 -11.80
CA SER A 5 -11.31 26.31 -12.02
C SER A 5 -10.83 26.33 -13.46
N SER A 6 -9.94 25.40 -13.79
CA SER A 6 -9.40 25.31 -15.14
C SER A 6 -9.33 23.86 -15.60
N GLY A 7 -8.91 23.65 -16.84
CA GLY A 7 -8.80 22.30 -17.38
C GLY A 7 -7.45 21.67 -17.10
N GLN A 8 -6.96 21.84 -15.87
CA GLN A 8 -5.68 21.28 -15.48
C GLN A 8 -5.80 19.78 -15.21
N PRO A 9 -4.74 19.03 -15.56
CA PRO A 9 -4.71 17.58 -15.36
C PRO A 9 -4.61 17.20 -13.89
N ILE A 10 -5.35 16.17 -13.49
CA ILE A 10 -5.34 15.70 -12.12
C ILE A 10 -3.92 15.53 -11.59
N LYS A 11 -3.78 15.52 -10.28
CA LYS A 11 -2.47 15.36 -9.65
C LYS A 11 -1.86 14.01 -9.99
N GLN A 12 -0.71 13.71 -9.39
CA GLN A 12 -0.03 12.45 -9.63
C GLN A 12 -0.95 11.27 -9.35
N GLU A 13 -0.51 10.08 -9.71
CA GLU A 13 -1.30 8.87 -9.50
C GLU A 13 -0.54 7.86 -8.65
N LEU A 14 -0.81 7.87 -7.35
CA LEU A 14 -0.16 6.96 -6.42
C LEU A 14 -0.31 5.51 -6.88
N SER A 15 0.81 4.83 -7.09
CA SER A 15 0.81 3.44 -7.53
C SER A 15 1.14 2.50 -6.38
N CYS A 16 0.58 1.30 -6.43
CA CYS A 16 0.81 0.31 -5.39
C CYS A 16 1.82 -0.75 -5.85
N LYS A 17 3.09 -0.51 -5.56
CA LYS A 17 4.15 -1.43 -5.94
C LYS A 17 4.20 -2.61 -4.99
N TRP A 18 3.10 -3.35 -4.90
CA TRP A 18 3.02 -4.51 -4.03
C TRP A 18 3.28 -5.80 -4.82
N ILE A 19 4.54 -6.21 -4.88
CA ILE A 19 4.92 -7.41 -5.60
C ILE A 19 4.70 -8.66 -4.74
N ASP A 20 3.54 -9.29 -4.90
CA ASP A 20 3.22 -10.49 -4.14
C ASP A 20 3.87 -11.72 -4.77
N GLU A 21 3.43 -12.90 -4.33
CA GLU A 21 3.96 -14.16 -4.85
C GLU A 21 2.87 -15.00 -5.49
N ALA A 22 1.75 -15.15 -4.77
CA ALA A 22 0.63 -15.94 -5.26
C ALA A 22 -0.34 -15.06 -6.06
N GLN A 23 0.20 -14.10 -6.80
CA GLN A 23 -0.61 -13.20 -7.59
C GLN A 23 -1.31 -13.94 -8.72
N LEU A 24 -1.01 -15.23 -8.85
CA LEU A 24 -1.61 -16.07 -9.88
C LEU A 24 -0.87 -15.91 -11.20
N SER A 25 -0.25 -14.75 -11.39
CA SER A 25 0.49 -14.48 -12.63
C SER A 25 1.95 -14.18 -12.31
N ARG A 26 2.85 -14.76 -13.10
CA ARG A 26 4.28 -14.57 -12.91
C ARG A 26 4.93 -14.05 -14.19
N PRO A 27 6.11 -13.44 -14.05
CA PRO A 27 6.77 -13.28 -12.75
C PRO A 27 6.05 -12.27 -11.86
N LYS A 28 6.28 -12.37 -10.56
CA LYS A 28 5.65 -11.47 -9.60
C LYS A 28 5.57 -10.05 -10.16
N LYS A 29 4.45 -9.73 -10.80
CA LYS A 29 4.23 -8.41 -11.37
C LYS A 29 3.74 -7.43 -10.32
N SER A 30 3.99 -6.15 -10.55
CA SER A 30 3.58 -5.10 -9.62
C SER A 30 2.07 -4.88 -9.69
N CYS A 31 1.41 -4.93 -8.53
CA CYS A 31 -0.03 -4.73 -8.47
C CYS A 31 -0.45 -3.50 -9.26
N ASP A 32 0.51 -2.59 -9.49
CA ASP A 32 0.24 -1.38 -10.24
C ASP A 32 -0.85 -0.55 -9.57
N ARG A 33 -2.09 -0.76 -9.99
CA ARG A 33 -3.22 -0.02 -9.43
C ARG A 33 -3.01 1.48 -9.54
N THR A 34 -4.06 2.24 -9.24
CA THR A 34 -3.98 3.70 -9.31
C THR A 34 -4.95 4.34 -8.32
N PHE A 35 -4.46 5.29 -7.54
CA PHE A 35 -5.28 5.98 -6.55
C PHE A 35 -5.11 7.49 -6.67
N SER A 36 -6.13 8.23 -6.25
CA SER A 36 -6.10 9.69 -6.31
C SER A 36 -5.92 10.29 -4.92
N THR A 37 -6.14 9.47 -3.90
CA THR A 37 -6.00 9.91 -2.52
C THR A 37 -5.01 9.04 -1.75
N MET A 38 -4.22 9.66 -0.89
CA MET A 38 -3.23 8.94 -0.09
C MET A 38 -3.91 7.91 0.80
N HIS A 39 -5.14 8.21 1.21
CA HIS A 39 -5.90 7.30 2.08
C HIS A 39 -6.19 5.98 1.36
N GLU A 40 -6.53 6.08 0.09
CA GLU A 40 -6.84 4.90 -0.71
C GLU A 40 -5.69 3.90 -0.66
N LEU A 41 -4.51 4.32 -1.10
CA LEU A 41 -3.34 3.47 -1.10
C LEU A 41 -3.19 2.74 0.22
N VAL A 42 -3.10 3.50 1.31
CA VAL A 42 -2.95 2.92 2.64
C VAL A 42 -4.10 1.96 2.94
N THR A 43 -5.31 2.34 2.53
CA THR A 43 -6.49 1.51 2.76
C THR A 43 -6.56 0.35 1.77
N HIS A 44 -5.78 0.46 0.70
CA HIS A 44 -5.75 -0.58 -0.33
C HIS A 44 -4.88 -1.76 0.12
N VAL A 45 -3.59 -1.52 0.27
CA VAL A 45 -2.66 -2.56 0.70
C VAL A 45 -3.08 -3.16 2.03
N THR A 46 -4.02 -2.50 2.70
CA THR A 46 -4.51 -2.97 3.99
C THR A 46 -5.36 -4.24 3.82
N MET A 47 -6.48 -4.11 3.12
CA MET A 47 -7.37 -5.23 2.89
C MET A 47 -7.04 -5.91 1.57
N GLU A 48 -6.89 -5.12 0.53
CA GLU A 48 -6.57 -5.66 -0.80
C GLU A 48 -5.42 -6.65 -0.73
N HIS A 49 -4.41 -6.32 0.08
CA HIS A 49 -3.25 -7.17 0.24
C HIS A 49 -3.18 -7.76 1.66
N VAL A 50 -2.72 -6.95 2.60
CA VAL A 50 -2.61 -7.39 3.99
C VAL A 50 -3.86 -8.14 4.43
N GLY A 51 -4.98 -7.87 3.76
CA GLY A 51 -6.23 -8.53 4.09
C GLY A 51 -6.97 -7.85 5.23
N GLY A 52 -6.30 -7.71 6.37
CA GLY A 52 -6.92 -7.06 7.51
C GLY A 52 -6.53 -7.73 8.82
N PRO A 53 -7.33 -7.48 9.87
CA PRO A 53 -7.10 -8.05 11.19
C PRO A 53 -7.33 -9.57 11.23
N GLU A 54 -8.05 -10.07 10.24
CA GLU A 54 -8.34 -11.50 10.15
C GLU A 54 -7.63 -12.13 8.96
N GLN A 55 -6.31 -12.19 9.03
CA GLN A 55 -5.51 -12.78 7.96
C GLN A 55 -4.51 -13.78 8.50
N ASN A 56 -3.95 -14.60 7.61
CA ASN A 56 -2.97 -15.62 8.01
C ASN A 56 -1.58 -15.25 7.50
N ASN A 57 -0.69 -14.89 8.42
CA ASN A 57 0.67 -14.53 8.06
C ASN A 57 0.73 -13.08 7.56
N HIS A 58 1.61 -12.29 8.16
CA HIS A 58 1.77 -10.90 7.78
C HIS A 58 3.12 -10.67 7.10
N VAL A 59 3.09 -10.38 5.80
CA VAL A 59 4.31 -10.14 5.05
C VAL A 59 4.23 -8.84 4.26
N CYS A 60 5.34 -8.12 4.18
CA CYS A 60 5.40 -6.87 3.46
C CYS A 60 6.02 -7.05 2.08
N TYR A 61 5.16 -7.08 1.06
CA TYR A 61 5.62 -7.25 -0.32
C TYR A 61 5.76 -5.90 -1.02
N TRP A 62 6.97 -5.62 -1.50
CA TRP A 62 7.24 -4.36 -2.20
C TRP A 62 8.43 -4.51 -3.14
N GLU A 63 8.65 -3.49 -3.97
CA GLU A 63 9.75 -3.50 -4.92
C GLU A 63 11.06 -3.09 -4.24
N GLU A 64 10.99 -2.04 -3.43
CA GLU A 64 12.16 -1.54 -2.73
C GLU A 64 11.92 -1.52 -1.23
N CYS A 65 11.72 -2.70 -0.65
CA CYS A 65 11.48 -2.83 0.79
C CYS A 65 12.67 -3.48 1.48
N PRO A 66 12.96 -3.02 2.71
CA PRO A 66 14.08 -3.54 3.51
C PRO A 66 13.83 -4.96 3.99
N ARG A 67 12.60 -5.22 4.45
CA ARG A 67 12.24 -6.54 4.94
C ARG A 67 12.14 -7.55 3.79
N GLU A 68 12.07 -7.02 2.57
CA GLU A 68 11.96 -7.86 1.38
C GLU A 68 10.87 -8.93 1.56
N GLY A 69 9.97 -8.68 2.50
CA GLY A 69 8.90 -9.62 2.76
C GLY A 69 9.07 -10.36 4.07
N LYS A 70 9.97 -9.87 4.91
CA LYS A 70 10.23 -10.49 6.20
C LYS A 70 8.98 -10.49 7.08
N SER A 71 8.31 -11.62 7.15
CA SER A 71 7.09 -11.74 7.95
C SER A 71 7.25 -11.02 9.28
N PHE A 72 6.13 -10.53 9.82
CA PHE A 72 6.13 -9.81 11.08
C PHE A 72 5.69 -10.72 12.23
N LYS A 73 5.55 -10.15 13.42
CA LYS A 73 5.14 -10.90 14.59
C LYS A 73 3.68 -10.60 14.95
N ALA A 74 3.18 -9.48 14.44
CA ALA A 74 1.79 -9.08 14.71
C ALA A 74 1.12 -8.59 13.43
N LYS A 75 -0.20 -8.44 13.49
CA LYS A 75 -0.98 -7.97 12.35
C LYS A 75 -0.65 -6.51 12.04
N TYR A 76 -1.09 -5.62 12.92
CA TYR A 76 -0.84 -4.19 12.74
C TYR A 76 0.60 -3.92 12.32
N LYS A 77 1.53 -4.63 12.96
CA LYS A 77 2.95 -4.48 12.65
C LYS A 77 3.17 -4.38 11.15
N LEU A 78 2.36 -5.11 10.38
CA LEU A 78 2.47 -5.11 8.93
C LEU A 78 2.02 -3.77 8.36
N VAL A 79 0.74 -3.47 8.49
CA VAL A 79 0.19 -2.22 7.98
C VAL A 79 0.94 -1.01 8.54
N ASN A 80 1.61 -1.21 9.67
CA ASN A 80 2.39 -0.15 10.30
C ASN A 80 3.66 0.14 9.50
N HIS A 81 4.35 -0.91 9.09
CA HIS A 81 5.58 -0.76 8.32
C HIS A 81 5.27 -0.37 6.88
N ILE A 82 4.15 -0.86 6.35
CA ILE A 82 3.75 -0.55 4.99
C ILE A 82 3.69 0.95 4.76
N ARG A 83 3.17 1.67 5.74
CA ARG A 83 3.06 3.13 5.65
C ARG A 83 4.36 3.74 5.15
N VAL A 84 5.47 3.33 5.74
CA VAL A 84 6.78 3.84 5.35
C VAL A 84 6.97 3.79 3.84
N HIS A 85 6.36 2.79 3.21
CA HIS A 85 6.45 2.62 1.76
C HIS A 85 5.48 3.56 1.05
N THR A 86 4.21 3.47 1.41
CA THR A 86 3.17 4.29 0.81
C THR A 86 3.64 5.74 0.68
N GLY A 87 4.35 6.23 1.69
CA GLY A 87 4.84 7.60 1.67
C GLY A 87 3.89 8.56 2.33
N GLU A 88 2.99 8.04 3.15
CA GLU A 88 2.00 8.87 3.85
C GLU A 88 2.61 9.50 5.09
N LYS A 89 1.76 9.82 6.06
CA LYS A 89 2.21 10.42 7.31
C LYS A 89 3.41 11.34 7.07
N SER A 90 3.13 12.61 6.82
CA SER A 90 4.20 13.58 6.58
C SER A 90 4.22 14.65 7.67
N GLY A 91 5.22 15.53 7.61
CA GLY A 91 5.34 16.58 8.60
C GLY A 91 5.86 17.87 8.01
N PRO A 92 5.96 18.92 8.86
CA PRO A 92 6.44 20.23 8.42
C PRO A 92 7.93 20.22 8.10
N SER A 93 8.61 19.14 8.47
CA SER A 93 10.04 19.01 8.23
C SER A 93 10.35 17.71 7.49
N SER A 94 9.51 16.70 7.72
CA SER A 94 9.70 15.40 7.08
C SER A 94 11.18 15.04 6.99
N GLY A 95 11.94 15.42 8.02
CA GLY A 95 13.36 15.13 8.05
C GLY A 95 14.01 15.52 9.37
ZN ZN B . -2.11 -3.32 -4.47
ZN ZN C . 8.39 -3.29 3.71
N GLY A 1 -11.67 23.20 -24.75
CA GLY A 1 -12.93 22.99 -25.45
C GLY A 1 -14.11 22.86 -24.51
N SER A 2 -13.86 23.07 -23.22
CA SER A 2 -14.90 22.96 -22.21
C SER A 2 -14.53 23.73 -20.96
N SER A 3 -15.09 24.93 -20.81
CA SER A 3 -14.80 25.77 -19.65
C SER A 3 -16.10 26.26 -19.01
N GLY A 4 -15.97 26.89 -17.85
CA GLY A 4 -17.13 27.40 -17.15
C GLY A 4 -17.43 26.63 -15.88
N SER A 5 -18.60 26.01 -15.83
CA SER A 5 -19.02 25.24 -14.66
C SER A 5 -18.02 24.11 -14.39
N SER A 6 -17.14 23.86 -15.34
CA SER A 6 -16.14 22.81 -15.21
C SER A 6 -15.23 23.06 -14.02
N GLY A 7 -15.00 22.02 -13.22
CA GLY A 7 -14.14 22.16 -12.05
C GLY A 7 -12.67 22.11 -12.40
N GLN A 8 -11.82 22.14 -11.38
CA GLN A 8 -10.38 22.11 -11.59
C GLN A 8 -9.97 20.85 -12.35
N PRO A 9 -8.90 20.96 -13.15
CA PRO A 9 -8.38 19.83 -13.94
C PRO A 9 -7.74 18.75 -13.08
N ILE A 10 -7.91 17.49 -13.48
CA ILE A 10 -7.34 16.38 -12.74
C ILE A 10 -5.89 16.64 -12.36
N LYS A 11 -5.42 15.94 -11.34
CA LYS A 11 -4.04 16.10 -10.87
C LYS A 11 -3.31 14.76 -10.88
N GLN A 12 -2.05 14.78 -10.46
CA GLN A 12 -1.24 13.57 -10.42
C GLN A 12 -1.95 12.46 -9.64
N GLU A 13 -1.31 11.30 -9.56
CA GLU A 13 -1.87 10.17 -8.85
C GLU A 13 -0.79 9.41 -8.09
N LEU A 14 -1.17 8.27 -7.51
CA LEU A 14 -0.24 7.45 -6.75
C LEU A 14 -0.05 6.09 -7.42
N SER A 15 0.20 5.07 -6.61
CA SER A 15 0.40 3.71 -7.12
C SER A 15 0.67 2.73 -5.98
N CYS A 16 0.58 1.45 -6.29
CA CYS A 16 0.81 0.41 -5.29
C CYS A 16 1.81 -0.63 -5.79
N LYS A 17 3.08 -0.43 -5.47
CA LYS A 17 4.13 -1.35 -5.89
C LYS A 17 4.19 -2.58 -4.99
N TRP A 18 3.06 -3.26 -4.87
CA TRP A 18 2.98 -4.45 -4.03
C TRP A 18 3.22 -5.72 -4.85
N ILE A 19 4.43 -6.23 -4.80
CA ILE A 19 4.78 -7.44 -5.54
C ILE A 19 4.61 -8.68 -4.68
N ASP A 20 3.41 -9.26 -4.73
CA ASP A 20 3.11 -10.46 -3.95
C ASP A 20 3.80 -11.68 -4.55
N GLU A 21 3.40 -12.86 -4.10
CA GLU A 21 3.99 -14.11 -4.59
C GLU A 21 2.93 -14.99 -5.23
N ALA A 22 1.79 -15.11 -4.58
CA ALA A 22 0.69 -15.92 -5.08
C ALA A 22 -0.14 -15.15 -6.11
N GLN A 23 0.52 -14.31 -6.90
CA GLN A 23 -0.16 -13.51 -7.90
C GLN A 23 -0.70 -14.39 -9.03
N LEU A 24 -0.41 -15.69 -8.94
CA LEU A 24 -0.86 -16.64 -9.96
C LEU A 24 0.04 -16.58 -11.20
N SER A 25 0.35 -15.37 -11.63
CA SER A 25 1.19 -15.17 -12.81
C SER A 25 2.62 -14.82 -12.40
N ARG A 26 3.56 -15.09 -13.30
CA ARG A 26 4.97 -14.81 -13.03
C ARG A 26 5.65 -14.22 -14.27
N PRO A 27 6.80 -13.56 -14.05
CA PRO A 27 7.39 -13.41 -12.72
C PRO A 27 6.57 -12.47 -11.83
N LYS A 28 6.78 -12.55 -10.53
CA LYS A 28 6.07 -11.72 -9.58
C LYS A 28 5.80 -10.33 -10.16
N LYS A 29 4.64 -10.17 -10.77
CA LYS A 29 4.25 -8.89 -11.37
C LYS A 29 3.89 -7.87 -10.29
N SER A 30 3.97 -6.59 -10.65
CA SER A 30 3.64 -5.52 -9.72
C SER A 30 2.15 -5.24 -9.71
N CYS A 31 1.57 -5.21 -8.51
CA CYS A 31 0.14 -4.96 -8.37
C CYS A 31 -0.36 -3.97 -9.43
N ASP A 32 0.52 -3.04 -9.79
CA ASP A 32 0.17 -2.03 -10.80
C ASP A 32 -1.21 -1.44 -10.53
N ARG A 33 -1.25 -0.40 -9.71
CA ARG A 33 -2.50 0.26 -9.36
C ARG A 33 -2.34 1.78 -9.37
N THR A 34 -3.46 2.49 -9.33
CA THR A 34 -3.45 3.94 -9.34
C THR A 34 -4.58 4.51 -8.49
N PHE A 35 -4.23 5.34 -7.52
CA PHE A 35 -5.22 5.95 -6.64
C PHE A 35 -5.19 7.48 -6.76
N SER A 36 -6.25 8.13 -6.29
CA SER A 36 -6.35 9.58 -6.34
C SER A 36 -6.06 10.19 -4.97
N THR A 37 -6.30 9.43 -3.92
CA THR A 37 -6.08 9.89 -2.56
C THR A 37 -5.12 8.96 -1.81
N MET A 38 -4.14 9.56 -1.14
CA MET A 38 -3.16 8.79 -0.38
C MET A 38 -3.84 7.81 0.56
N HIS A 39 -5.07 8.14 0.96
CA HIS A 39 -5.82 7.29 1.87
C HIS A 39 -6.09 5.93 1.24
N GLU A 40 -6.65 5.94 0.03
CA GLU A 40 -6.97 4.70 -0.67
C GLU A 40 -5.79 3.73 -0.62
N LEU A 41 -4.65 4.19 -1.13
CA LEU A 41 -3.43 3.37 -1.15
C LEU A 41 -3.24 2.66 0.18
N VAL A 42 -3.22 3.45 1.26
CA VAL A 42 -3.04 2.89 2.60
C VAL A 42 -4.15 1.90 2.94
N THR A 43 -5.37 2.23 2.54
CA THR A 43 -6.52 1.36 2.81
C THR A 43 -6.55 0.19 1.83
N HIS A 44 -5.77 0.30 0.76
CA HIS A 44 -5.71 -0.76 -0.25
C HIS A 44 -4.81 -1.90 0.20
N VAL A 45 -3.52 -1.61 0.32
CA VAL A 45 -2.55 -2.62 0.75
C VAL A 45 -2.94 -3.22 2.10
N THR A 46 -3.89 -2.57 2.77
CA THR A 46 -4.35 -3.05 4.07
C THR A 46 -5.16 -4.33 3.94
N MET A 47 -6.30 -4.23 3.27
CA MET A 47 -7.17 -5.38 3.06
C MET A 47 -6.86 -6.08 1.74
N GLU A 48 -6.75 -5.28 0.67
CA GLU A 48 -6.45 -5.81 -0.65
C GLU A 48 -5.25 -6.75 -0.60
N HIS A 49 -4.24 -6.38 0.19
CA HIS A 49 -3.04 -7.19 0.32
C HIS A 49 -2.93 -7.77 1.74
N VAL A 50 -2.46 -6.96 2.68
CA VAL A 50 -2.31 -7.40 4.05
C VAL A 50 -3.53 -8.21 4.51
N GLY A 51 -4.65 -7.99 3.85
CA GLY A 51 -5.87 -8.71 4.20
C GLY A 51 -6.59 -8.09 5.39
N GLY A 52 -5.86 -7.88 6.47
CA GLY A 52 -6.46 -7.29 7.65
C GLY A 52 -6.17 -8.10 8.92
N PRO A 53 -6.93 -7.82 9.98
CA PRO A 53 -6.77 -8.53 11.26
C PRO A 53 -7.23 -9.97 11.18
N GLU A 54 -7.70 -10.39 10.02
CA GLU A 54 -8.17 -11.75 9.82
C GLU A 54 -7.43 -12.42 8.67
N GLN A 55 -6.10 -12.24 8.64
CA GLN A 55 -5.28 -12.82 7.59
C GLN A 55 -4.26 -13.80 8.17
N ASN A 56 -3.86 -14.78 7.37
CA ASN A 56 -2.89 -15.78 7.80
C ASN A 56 -1.59 -15.65 7.01
N ASN A 57 -0.51 -15.27 7.70
CA ASN A 57 0.79 -15.12 7.05
C ASN A 57 0.90 -13.76 6.37
N HIS A 58 1.13 -12.72 7.17
CA HIS A 58 1.26 -11.36 6.64
C HIS A 58 2.71 -11.05 6.32
N VAL A 59 2.99 -10.77 5.05
CA VAL A 59 4.34 -10.45 4.60
C VAL A 59 4.37 -9.14 3.82
N CYS A 60 5.35 -8.32 4.11
CA CYS A 60 5.50 -7.03 3.44
C CYS A 60 6.07 -7.21 2.04
N TYR A 61 5.20 -7.15 1.04
CA TYR A 61 5.62 -7.32 -0.36
C TYR A 61 5.72 -5.96 -1.05
N TRP A 62 6.91 -5.65 -1.54
CA TRP A 62 7.15 -4.38 -2.23
C TRP A 62 8.29 -4.51 -3.22
N GLU A 63 8.49 -3.48 -4.04
CA GLU A 63 9.56 -3.47 -5.04
C GLU A 63 10.88 -3.07 -4.41
N GLU A 64 10.81 -2.17 -3.42
CA GLU A 64 12.00 -1.69 -2.74
C GLU A 64 11.80 -1.66 -1.23
N CYS A 65 11.54 -2.84 -0.65
CA CYS A 65 11.31 -2.95 0.78
C CYS A 65 12.52 -3.59 1.47
N PRO A 66 12.84 -3.11 2.68
CA PRO A 66 13.96 -3.61 3.46
C PRO A 66 13.72 -5.03 3.98
N ARG A 67 12.50 -5.28 4.45
CA ARG A 67 12.13 -6.59 4.97
C ARG A 67 12.02 -7.61 3.85
N GLU A 68 11.96 -7.13 2.61
CA GLU A 68 11.85 -8.00 1.45
C GLU A 68 10.87 -9.13 1.72
N GLY A 69 9.93 -8.89 2.62
CA GLY A 69 8.94 -9.90 2.95
C GLY A 69 9.36 -10.77 4.11
N LYS A 70 10.02 -10.17 5.10
CA LYS A 70 10.47 -10.89 6.28
C LYS A 70 9.31 -11.23 7.20
N SER A 71 8.14 -10.68 6.90
CA SER A 71 6.95 -10.92 7.70
C SER A 71 7.06 -10.23 9.06
N PHE A 72 5.97 -10.26 9.82
CA PHE A 72 5.95 -9.63 11.15
C PHE A 72 5.42 -10.61 12.19
N LYS A 73 5.27 -10.12 13.42
CA LYS A 73 4.77 -10.94 14.52
C LYS A 73 3.35 -10.56 14.88
N ALA A 74 2.97 -9.32 14.58
CA ALA A 74 1.63 -8.83 14.86
C ALA A 74 0.94 -8.34 13.60
N LYS A 75 -0.37 -8.14 13.69
CA LYS A 75 -1.15 -7.67 12.56
C LYS A 75 -0.79 -6.23 12.21
N TYR A 76 -1.17 -5.31 13.09
CA TYR A 76 -0.87 -3.89 12.88
C TYR A 76 0.61 -3.66 12.62
N LYS A 77 1.43 -4.61 13.06
CA LYS A 77 2.87 -4.53 12.88
C LYS A 77 3.23 -4.39 11.40
N LEU A 78 2.45 -5.04 10.54
CA LEU A 78 2.68 -4.98 9.11
C LEU A 78 2.21 -3.65 8.53
N VAL A 79 0.90 -3.41 8.60
CA VAL A 79 0.33 -2.18 8.09
C VAL A 79 1.08 -0.96 8.61
N ASN A 80 1.73 -1.11 9.76
CA ASN A 80 2.49 -0.03 10.35
C ASN A 80 3.74 0.28 9.53
N HIS A 81 4.50 -0.75 9.20
CA HIS A 81 5.72 -0.59 8.41
C HIS A 81 5.39 -0.24 6.97
N ILE A 82 4.20 -0.65 6.52
CA ILE A 82 3.76 -0.39 5.15
C ILE A 82 3.74 1.11 4.86
N ARG A 83 3.24 1.88 5.82
CA ARG A 83 3.15 3.33 5.66
C ARG A 83 4.46 3.89 5.11
N VAL A 84 5.57 3.50 5.72
CA VAL A 84 6.88 3.95 5.29
C VAL A 84 7.02 3.87 3.77
N HIS A 85 6.42 2.85 3.18
CA HIS A 85 6.48 2.65 1.74
C HIS A 85 5.55 3.61 1.02
N THR A 86 4.27 3.57 1.39
CA THR A 86 3.27 4.45 0.78
C THR A 86 3.74 5.89 0.76
N GLY A 87 4.30 6.35 1.88
CA GLY A 87 4.79 7.72 1.96
C GLY A 87 3.96 8.57 2.90
N GLU A 88 2.81 8.04 3.31
CA GLU A 88 1.92 8.77 4.21
C GLU A 88 2.61 9.04 5.55
N LYS A 89 1.82 9.12 6.61
CA LYS A 89 2.34 9.38 7.94
C LYS A 89 2.63 8.06 8.68
N SER A 90 3.87 7.91 9.13
CA SER A 90 4.28 6.70 9.84
C SER A 90 4.55 7.00 11.31
N GLY A 91 4.42 5.98 12.15
CA GLY A 91 4.65 6.15 13.57
C GLY A 91 6.12 6.34 13.90
N PRO A 92 6.40 6.62 15.19
CA PRO A 92 7.77 6.84 15.66
C PRO A 92 8.61 5.55 15.64
N SER A 93 7.93 4.43 15.46
CA SER A 93 8.61 3.14 15.42
C SER A 93 9.21 2.80 16.77
N SER A 94 8.64 3.36 17.84
CA SER A 94 9.12 3.13 19.19
C SER A 94 8.22 2.14 19.92
N GLY A 95 8.34 0.86 19.55
CA GLY A 95 7.53 -0.18 20.19
C GLY A 95 7.12 -1.27 19.22
ZN ZN B . -1.98 -3.37 -4.45
ZN ZN C . 8.28 -3.38 3.87
#